data_1XFL
#
_entry.id   1XFL
#
_entity_poly.entity_id   1
_entity_poly.type   'polypeptide(L)'
_entity_poly.pdbx_seq_one_letter_code
;MGHHHHHHLEMASEEGQVIACHTVETWNEQLQKANESKTLVVVDFTASWCGPCRFIAPFFADLAKKLPNVLFLKVDTDEL
KSVASDWAIQAMPTFMFLKEGKILDKVVGAKKDELQSTIAKHLA
;
_entity_poly.pdbx_strand_id   A
#
# COMPACT_ATOMS: atom_id res chain seq x y z
N MET A 11 -21.39 16.31 -2.18
CA MET A 11 -21.01 15.01 -1.73
C MET A 11 -19.78 14.53 -2.46
N ALA A 12 -18.68 14.57 -1.77
CA ALA A 12 -17.43 14.12 -2.31
C ALA A 12 -17.10 12.77 -1.76
N SER A 13 -17.13 11.79 -2.60
CA SER A 13 -16.80 10.45 -2.23
C SER A 13 -15.98 9.82 -3.31
N GLU A 14 -14.70 10.09 -3.23
CA GLU A 14 -13.76 9.69 -4.22
C GLU A 14 -13.08 8.41 -3.81
N GLU A 15 -13.55 7.33 -4.31
CA GLU A 15 -12.98 6.03 -4.04
C GLU A 15 -12.24 5.50 -5.25
N GLY A 16 -11.51 4.43 -5.06
CA GLY A 16 -10.77 3.84 -6.15
C GLY A 16 -9.41 4.46 -6.32
N GLN A 17 -9.04 5.33 -5.41
CA GLN A 17 -7.79 6.00 -5.50
C GLN A 17 -6.86 5.68 -4.36
N VAL A 18 -5.62 5.60 -4.70
CA VAL A 18 -4.55 5.26 -3.81
C VAL A 18 -3.61 6.47 -3.76
N ILE A 19 -3.06 6.81 -2.59
CA ILE A 19 -2.21 7.99 -2.55
C ILE A 19 -0.78 7.61 -2.93
N ALA A 20 -0.33 8.12 -4.05
CA ALA A 20 0.99 7.84 -4.53
C ALA A 20 1.95 8.88 -4.02
N CYS A 21 2.86 8.45 -3.18
CA CYS A 21 3.80 9.33 -2.60
C CYS A 21 5.00 9.41 -3.51
N HIS A 22 5.22 10.58 -4.06
CA HIS A 22 6.37 10.80 -4.89
C HIS A 22 7.40 11.56 -4.12
N THR A 23 7.10 11.77 -2.86
CA THR A 23 7.95 12.51 -1.97
C THR A 23 7.81 11.91 -0.59
N VAL A 24 8.79 12.12 0.25
CA VAL A 24 8.74 11.59 1.59
C VAL A 24 7.75 12.37 2.44
N GLU A 25 7.51 13.61 2.06
CA GLU A 25 6.61 14.48 2.75
C GLU A 25 5.21 13.90 2.74
N THR A 26 4.72 13.54 1.55
CA THR A 26 3.39 12.96 1.42
C THR A 26 3.32 11.62 2.17
N TRP A 27 4.39 10.85 2.04
CA TRP A 27 4.53 9.57 2.72
C TRP A 27 4.39 9.74 4.24
N ASN A 28 5.16 10.67 4.76
CA ASN A 28 5.17 10.98 6.19
C ASN A 28 3.81 11.52 6.63
N GLU A 29 3.29 12.45 5.85
CA GLU A 29 2.03 13.14 6.09
C GLU A 29 0.88 12.13 6.25
N GLN A 30 0.85 11.15 5.37
CA GLN A 30 -0.18 10.19 5.38
C GLN A 30 -0.04 9.17 6.50
N LEU A 31 1.18 8.72 6.78
CA LEU A 31 1.40 7.77 7.81
C LEU A 31 1.12 8.34 9.17
N GLN A 32 1.54 9.56 9.39
CA GLN A 32 1.28 10.23 10.65
C GLN A 32 -0.22 10.33 10.86
N LYS A 33 -0.92 10.69 9.79
CA LYS A 33 -2.36 10.81 9.82
C LYS A 33 -3.02 9.46 10.09
N ALA A 34 -2.53 8.42 9.41
CA ALA A 34 -3.09 7.08 9.58
C ALA A 34 -2.93 6.60 11.01
N ASN A 35 -1.83 6.98 11.62
CA ASN A 35 -1.52 6.63 12.99
C ASN A 35 -2.45 7.36 13.93
N GLU A 36 -2.50 8.66 13.77
CA GLU A 36 -3.31 9.54 14.60
C GLU A 36 -4.81 9.31 14.45
N SER A 37 -5.26 9.16 13.22
CA SER A 37 -6.67 8.96 12.97
C SER A 37 -7.08 7.50 13.17
N LYS A 38 -6.08 6.66 13.51
CA LYS A 38 -6.27 5.23 13.77
C LYS A 38 -6.85 4.55 12.54
N THR A 39 -6.41 4.98 11.39
CA THR A 39 -6.86 4.47 10.14
C THR A 39 -6.02 3.28 9.74
N LEU A 40 -6.65 2.35 9.14
CA LEU A 40 -6.02 1.17 8.68
C LEU A 40 -5.37 1.53 7.33
N VAL A 41 -4.12 1.25 7.18
CA VAL A 41 -3.39 1.65 6.00
C VAL A 41 -2.71 0.46 5.33
N VAL A 42 -2.77 0.42 4.02
CA VAL A 42 -2.12 -0.61 3.25
C VAL A 42 -1.21 0.06 2.25
N VAL A 43 0.05 -0.28 2.30
CA VAL A 43 1.04 0.34 1.46
C VAL A 43 1.60 -0.66 0.46
N ASP A 44 1.70 -0.24 -0.76
CA ASP A 44 2.27 -1.03 -1.83
C ASP A 44 3.59 -0.44 -2.26
N PHE A 45 4.67 -1.15 -2.01
CA PHE A 45 5.96 -0.74 -2.43
C PHE A 45 6.20 -1.40 -3.77
N THR A 46 6.34 -0.60 -4.78
CA THR A 46 6.31 -1.08 -6.12
C THR A 46 7.12 -0.14 -7.02
N ALA A 47 7.22 -0.47 -8.29
CA ALA A 47 7.84 0.42 -9.26
C ALA A 47 7.02 0.44 -10.52
N SER A 48 6.84 1.61 -11.07
CA SER A 48 6.08 1.77 -12.29
C SER A 48 6.78 1.08 -13.49
N TRP A 49 8.10 0.94 -13.40
CA TRP A 49 8.85 0.26 -14.45
C TRP A 49 8.93 -1.25 -14.21
N CYS A 50 8.22 -1.72 -13.21
CA CYS A 50 8.18 -3.14 -12.89
C CYS A 50 6.94 -3.77 -13.50
N GLY A 51 7.14 -4.80 -14.32
CA GLY A 51 6.06 -5.45 -15.06
C GLY A 51 4.98 -6.06 -14.17
N PRO A 52 5.29 -7.12 -13.39
CA PRO A 52 4.31 -7.77 -12.50
C PRO A 52 3.73 -6.79 -11.48
N CYS A 53 4.54 -5.83 -11.11
CA CYS A 53 4.15 -4.81 -10.16
C CYS A 53 3.07 -3.90 -10.77
N ARG A 54 3.18 -3.65 -12.05
CA ARG A 54 2.23 -2.82 -12.74
C ARG A 54 0.96 -3.66 -13.00
N PHE A 55 1.16 -4.95 -13.21
CA PHE A 55 0.06 -5.88 -13.46
C PHE A 55 -0.82 -6.03 -12.22
N ILE A 56 -0.22 -5.96 -11.04
CA ILE A 56 -0.95 -6.15 -9.81
C ILE A 56 -1.56 -4.79 -9.32
N ALA A 57 -1.06 -3.70 -9.92
CA ALA A 57 -1.48 -2.34 -9.55
C ALA A 57 -3.01 -2.07 -9.65
N PRO A 58 -3.71 -2.45 -10.78
CA PRO A 58 -5.16 -2.22 -10.92
C PRO A 58 -5.97 -2.91 -9.83
N PHE A 59 -5.44 -4.01 -9.33
CA PHE A 59 -6.11 -4.75 -8.29
C PHE A 59 -6.04 -4.00 -6.96
N PHE A 60 -4.92 -3.34 -6.73
CA PHE A 60 -4.71 -2.57 -5.51
C PHE A 60 -5.59 -1.31 -5.57
N ALA A 61 -5.79 -0.79 -6.78
CA ALA A 61 -6.67 0.35 -6.99
C ALA A 61 -8.12 -0.10 -6.82
N ASP A 62 -8.37 -1.35 -7.18
CA ASP A 62 -9.68 -1.99 -7.06
C ASP A 62 -10.05 -2.12 -5.61
N LEU A 63 -9.06 -2.49 -4.84
CA LEU A 63 -9.15 -2.59 -3.42
C LEU A 63 -9.53 -1.24 -2.82
N ALA A 64 -8.88 -0.20 -3.29
CA ALA A 64 -9.19 1.17 -2.87
C ALA A 64 -10.62 1.54 -3.25
N LYS A 65 -11.09 0.96 -4.34
CA LYS A 65 -12.41 1.22 -4.85
C LYS A 65 -13.50 0.66 -3.92
N LYS A 66 -13.21 -0.44 -3.25
CA LYS A 66 -14.17 -0.97 -2.27
C LYS A 66 -13.87 -0.56 -0.84
N LEU A 67 -12.65 -0.14 -0.56
CA LEU A 67 -12.28 0.24 0.77
C LEU A 67 -11.81 1.70 0.87
N PRO A 68 -12.75 2.63 1.05
CA PRO A 68 -12.43 4.05 1.26
C PRO A 68 -12.02 4.32 2.72
N ASN A 69 -12.34 3.38 3.60
CA ASN A 69 -12.01 3.49 5.03
C ASN A 69 -10.58 3.03 5.27
N VAL A 70 -9.98 2.50 4.25
CA VAL A 70 -8.63 2.05 4.31
C VAL A 70 -7.79 2.98 3.47
N LEU A 71 -6.70 3.41 4.01
CA LEU A 71 -5.82 4.30 3.31
C LEU A 71 -4.82 3.49 2.52
N PHE A 72 -4.82 3.64 1.24
CA PHE A 72 -3.89 2.92 0.41
C PHE A 72 -2.83 3.88 -0.10
N LEU A 73 -1.64 3.40 -0.17
CA LEU A 73 -0.50 4.21 -0.57
C LEU A 73 0.40 3.47 -1.55
N LYS A 74 0.84 4.17 -2.57
CA LYS A 74 1.74 3.67 -3.55
C LYS A 74 3.09 4.25 -3.27
N VAL A 75 4.03 3.42 -2.98
CA VAL A 75 5.38 3.86 -2.82
C VAL A 75 6.16 3.32 -3.96
N ASP A 76 6.67 4.20 -4.76
CA ASP A 76 7.43 3.78 -5.88
C ASP A 76 8.88 3.71 -5.46
N THR A 77 9.46 2.57 -5.66
CA THR A 77 10.81 2.27 -5.24
C THR A 77 11.88 2.98 -6.07
N ASP A 78 11.50 3.45 -7.24
CA ASP A 78 12.43 4.22 -8.07
C ASP A 78 12.43 5.62 -7.54
N GLU A 79 11.27 6.01 -7.10
CA GLU A 79 11.01 7.30 -6.57
C GLU A 79 11.64 7.45 -5.21
N LEU A 80 11.17 6.66 -4.29
CA LEU A 80 11.60 6.69 -2.95
C LEU A 80 12.51 5.50 -2.64
N LYS A 81 13.62 5.45 -3.34
CA LYS A 81 14.56 4.35 -3.24
C LYS A 81 15.23 4.24 -1.87
N SER A 82 15.47 5.38 -1.25
CA SER A 82 16.09 5.38 0.06
C SER A 82 15.10 4.94 1.12
N VAL A 83 13.84 5.30 0.92
CA VAL A 83 12.77 4.91 1.84
C VAL A 83 12.58 3.40 1.76
N ALA A 84 12.54 2.89 0.54
CA ALA A 84 12.38 1.46 0.29
C ALA A 84 13.54 0.66 0.89
N SER A 85 14.69 1.27 0.94
CA SER A 85 15.86 0.62 1.51
C SER A 85 15.81 0.58 3.04
N ASP A 86 15.18 1.59 3.65
CA ASP A 86 15.10 1.65 5.11
C ASP A 86 14.02 0.71 5.61
N TRP A 87 12.94 0.61 4.86
CA TRP A 87 11.86 -0.32 5.18
C TRP A 87 12.24 -1.73 4.76
N ALA A 88 13.35 -1.82 4.05
CA ALA A 88 13.92 -3.07 3.57
C ALA A 88 12.99 -3.80 2.63
N ILE A 89 12.74 -3.18 1.51
CA ILE A 89 11.92 -3.74 0.49
C ILE A 89 12.83 -4.14 -0.65
N GLN A 90 13.10 -5.40 -0.77
CA GLN A 90 13.98 -5.88 -1.81
C GLN A 90 13.19 -6.63 -2.88
N ALA A 91 12.13 -7.28 -2.46
CA ALA A 91 11.27 -7.98 -3.37
C ALA A 91 10.18 -7.05 -3.81
N MET A 92 9.89 -7.04 -5.07
CA MET A 92 8.95 -6.11 -5.60
C MET A 92 7.83 -6.85 -6.29
N PRO A 93 6.58 -6.52 -6.02
CA PRO A 93 6.20 -5.47 -5.08
C PRO A 93 5.91 -6.05 -3.67
N THR A 94 6.05 -5.24 -2.66
CA THR A 94 5.72 -5.68 -1.33
C THR A 94 4.49 -4.91 -0.83
N PHE A 95 3.48 -5.62 -0.41
CA PHE A 95 2.27 -5.02 0.06
C PHE A 95 2.27 -5.13 1.55
N MET A 96 2.19 -4.04 2.23
CA MET A 96 2.20 -4.06 3.65
C MET A 96 0.87 -3.62 4.20
N PHE A 97 0.31 -4.47 5.01
CA PHE A 97 -0.93 -4.26 5.63
C PHE A 97 -0.73 -3.83 7.06
N LEU A 98 -1.16 -2.65 7.38
CA LEU A 98 -1.03 -2.15 8.71
C LEU A 98 -2.42 -1.86 9.24
N LYS A 99 -2.55 -1.72 10.51
CA LYS A 99 -3.80 -1.34 11.11
C LYS A 99 -3.56 -0.26 12.11
N GLU A 100 -4.23 0.87 11.88
CA GLU A 100 -4.17 2.05 12.73
C GLU A 100 -2.76 2.66 12.72
N GLY A 101 -2.02 2.38 11.67
CA GLY A 101 -0.66 2.88 11.56
C GLY A 101 0.35 1.89 12.10
N LYS A 102 -0.12 0.84 12.73
CA LYS A 102 0.77 -0.18 13.26
C LYS A 102 0.82 -1.36 12.29
N ILE A 103 2.02 -1.81 11.98
CA ILE A 103 2.22 -2.87 10.99
C ILE A 103 1.65 -4.20 11.50
N LEU A 104 0.83 -4.84 10.67
CA LEU A 104 0.30 -6.13 11.01
C LEU A 104 1.02 -7.22 10.26
N ASP A 105 0.98 -7.13 8.94
CA ASP A 105 1.56 -8.14 8.08
C ASP A 105 1.81 -7.62 6.71
N LYS A 106 2.71 -8.25 6.01
CA LYS A 106 3.02 -7.87 4.66
C LYS A 106 3.08 -9.06 3.71
N VAL A 107 2.90 -8.79 2.45
CA VAL A 107 2.95 -9.78 1.41
C VAL A 107 4.13 -9.44 0.55
N VAL A 108 5.04 -10.35 0.44
CA VAL A 108 6.26 -10.11 -0.27
C VAL A 108 6.19 -10.71 -1.69
N GLY A 109 6.24 -9.84 -2.68
CA GLY A 109 6.20 -10.28 -4.05
C GLY A 109 4.78 -10.33 -4.56
N ALA A 110 4.61 -10.37 -5.86
CA ALA A 110 3.28 -10.46 -6.41
C ALA A 110 2.82 -11.89 -6.31
N LYS A 111 1.87 -12.09 -5.45
CA LYS A 111 1.30 -13.38 -5.24
C LYS A 111 -0.17 -13.23 -5.47
N LYS A 112 -0.68 -13.78 -6.54
CA LYS A 112 -2.03 -13.54 -6.94
C LYS A 112 -3.03 -14.20 -5.99
N ASP A 113 -2.85 -15.48 -5.77
CA ASP A 113 -3.77 -16.26 -4.94
C ASP A 113 -3.60 -15.97 -3.45
N GLU A 114 -2.35 -15.97 -3.02
CA GLU A 114 -2.02 -15.83 -1.60
C GLU A 114 -2.41 -14.42 -1.11
N LEU A 115 -2.28 -13.41 -1.97
CA LEU A 115 -2.66 -12.03 -1.62
C LEU A 115 -4.09 -12.01 -1.15
N GLN A 116 -4.92 -12.71 -1.89
CA GLN A 116 -6.36 -12.83 -1.60
C GLN A 116 -6.57 -13.36 -0.19
N SER A 117 -5.75 -14.32 0.20
CA SER A 117 -5.84 -14.92 1.51
C SER A 117 -5.42 -13.93 2.60
N THR A 118 -4.41 -13.12 2.28
CA THR A 118 -3.98 -12.08 3.20
C THR A 118 -5.05 -10.96 3.27
N ILE A 119 -5.71 -10.69 2.15
CA ILE A 119 -6.77 -9.69 2.12
C ILE A 119 -7.95 -10.16 2.96
N ALA A 120 -8.35 -11.42 2.76
CA ALA A 120 -9.48 -12.02 3.49
C ALA A 120 -9.22 -12.03 4.99
N LYS A 121 -7.95 -12.14 5.35
CA LYS A 121 -7.51 -12.10 6.74
C LYS A 121 -7.94 -10.78 7.36
N HIS A 122 -7.74 -9.72 6.62
CA HIS A 122 -8.04 -8.38 7.05
C HIS A 122 -9.48 -7.97 6.74
N LEU A 123 -10.12 -8.68 5.83
CA LEU A 123 -11.44 -8.37 5.42
C LEU A 123 -12.44 -8.79 6.49
N ALA A 124 -12.90 -7.81 7.23
CA ALA A 124 -13.89 -7.94 8.27
C ALA A 124 -14.26 -6.55 8.73
N MET A 11 -21.93 13.11 -1.60
CA MET A 11 -21.07 12.25 -0.82
C MET A 11 -19.62 12.56 -1.10
N ALA A 12 -18.84 12.70 -0.06
CA ALA A 12 -17.42 12.96 -0.21
C ALA A 12 -16.68 11.67 -0.49
N SER A 13 -16.35 11.45 -1.73
CA SER A 13 -15.73 10.23 -2.15
C SER A 13 -14.26 10.16 -1.73
N GLU A 14 -14.01 9.50 -0.62
CA GLU A 14 -12.66 9.27 -0.14
C GLU A 14 -12.15 7.97 -0.76
N GLU A 15 -13.12 7.18 -1.18
CA GLU A 15 -12.90 5.90 -1.78
C GLU A 15 -12.56 6.07 -3.27
N GLY A 16 -11.93 5.09 -3.85
CA GLY A 16 -11.63 5.13 -5.25
C GLY A 16 -10.32 5.80 -5.59
N GLN A 17 -9.53 6.11 -4.58
CA GLN A 17 -8.24 6.73 -4.84
C GLN A 17 -7.15 6.14 -4.03
N VAL A 18 -6.00 6.13 -4.63
CA VAL A 18 -4.79 5.62 -4.04
C VAL A 18 -3.79 6.78 -3.94
N ILE A 19 -3.03 6.84 -2.85
CA ILE A 19 -2.06 7.89 -2.70
C ILE A 19 -0.69 7.38 -3.14
N ALA A 20 -0.18 7.92 -4.20
CA ALA A 20 1.10 7.52 -4.71
C ALA A 20 2.18 8.41 -4.14
N CYS A 21 3.02 7.85 -3.31
CA CYS A 21 4.06 8.57 -2.70
C CYS A 21 5.35 8.27 -3.41
N HIS A 22 5.95 9.27 -3.95
CA HIS A 22 7.22 9.14 -4.60
C HIS A 22 8.25 9.91 -3.79
N THR A 23 7.80 10.40 -2.64
CA THR A 23 8.61 11.26 -1.82
C THR A 23 8.41 10.91 -0.34
N VAL A 24 9.39 11.25 0.48
CA VAL A 24 9.34 10.94 1.91
C VAL A 24 8.37 11.87 2.67
N GLU A 25 8.16 13.06 2.15
CA GLU A 25 7.25 14.04 2.76
C GLU A 25 5.83 13.50 2.75
N THR A 26 5.38 13.08 1.58
CA THR A 26 4.06 12.51 1.41
C THR A 26 3.94 11.24 2.25
N TRP A 27 5.01 10.45 2.24
CA TRP A 27 5.12 9.23 3.03
C TRP A 27 4.86 9.50 4.52
N ASN A 28 5.58 10.46 5.08
CA ASN A 28 5.45 10.81 6.50
C ASN A 28 4.05 11.37 6.77
N GLU A 29 3.61 12.26 5.89
CA GLU A 29 2.31 12.93 6.01
C GLU A 29 1.16 11.93 6.11
N GLN A 30 1.15 10.95 5.21
CA GLN A 30 0.13 9.97 5.17
C GLN A 30 0.11 9.09 6.39
N LEU A 31 1.28 8.73 6.88
CA LEU A 31 1.37 7.91 8.03
C LEU A 31 0.93 8.62 9.26
N GLN A 32 1.41 9.84 9.44
CA GLN A 32 1.03 10.63 10.60
C GLN A 32 -0.48 10.85 10.61
N LYS A 33 -1.02 11.11 9.43
CA LYS A 33 -2.44 11.29 9.25
C LYS A 33 -3.21 9.99 9.55
N ALA A 34 -2.75 8.87 8.97
CA ALA A 34 -3.45 7.59 9.12
C ALA A 34 -3.33 7.08 10.55
N ASN A 35 -2.22 7.38 11.18
CA ASN A 35 -1.97 6.96 12.55
C ASN A 35 -2.93 7.69 13.46
N GLU A 36 -2.94 8.99 13.34
CA GLU A 36 -3.82 9.87 14.11
C GLU A 36 -5.30 9.54 13.88
N SER A 37 -5.65 9.27 12.64
CA SER A 37 -7.02 9.00 12.28
C SER A 37 -7.40 7.55 12.62
N LYS A 38 -6.39 6.74 12.96
CA LYS A 38 -6.58 5.31 13.27
C LYS A 38 -7.22 4.59 12.09
N THR A 39 -6.82 4.99 10.91
CA THR A 39 -7.28 4.41 9.69
C THR A 39 -6.40 3.21 9.37
N LEU A 40 -6.97 2.21 8.80
CA LEU A 40 -6.22 1.04 8.41
C LEU A 40 -5.51 1.42 7.12
N VAL A 41 -4.24 1.16 7.02
CA VAL A 41 -3.49 1.63 5.89
C VAL A 41 -2.73 0.50 5.18
N VAL A 42 -2.78 0.52 3.86
CA VAL A 42 -2.06 -0.43 3.06
C VAL A 42 -1.01 0.31 2.23
N VAL A 43 0.20 -0.12 2.33
CA VAL A 43 1.29 0.51 1.65
C VAL A 43 1.98 -0.48 0.74
N ASP A 44 1.93 -0.25 -0.53
CA ASP A 44 2.63 -1.10 -1.47
C ASP A 44 3.84 -0.40 -2.03
N PHE A 45 4.99 -0.99 -1.80
CA PHE A 45 6.24 -0.47 -2.27
C PHE A 45 6.52 -1.11 -3.62
N THR A 46 6.62 -0.30 -4.63
CA THR A 46 6.79 -0.79 -5.96
C THR A 46 7.44 0.29 -6.84
N ALA A 47 7.71 -0.02 -8.06
CA ALA A 47 8.24 0.94 -9.01
C ALA A 47 7.41 0.88 -10.27
N SER A 48 7.20 2.01 -10.89
CA SER A 48 6.36 2.09 -12.08
C SER A 48 6.93 1.27 -13.26
N TRP A 49 8.25 1.05 -13.26
CA TRP A 49 8.90 0.27 -14.32
C TRP A 49 8.79 -1.25 -14.11
N CYS A 50 8.06 -1.64 -13.09
CA CYS A 50 7.88 -3.05 -12.78
C CYS A 50 6.63 -3.60 -13.47
N GLY A 51 6.82 -4.65 -14.27
CA GLY A 51 5.75 -5.28 -15.04
C GLY A 51 4.68 -5.95 -14.17
N PRO A 52 5.03 -7.01 -13.38
CA PRO A 52 4.08 -7.71 -12.50
C PRO A 52 3.42 -6.75 -11.52
N CYS A 53 4.14 -5.71 -11.16
CA CYS A 53 3.65 -4.69 -10.27
C CYS A 53 2.54 -3.88 -10.94
N ARG A 54 2.68 -3.62 -12.22
CA ARG A 54 1.65 -2.91 -12.94
C ARG A 54 0.45 -3.85 -13.10
N PHE A 55 0.75 -5.11 -13.29
CA PHE A 55 -0.25 -6.16 -13.45
C PHE A 55 -1.13 -6.32 -12.20
N ILE A 56 -0.56 -6.09 -11.03
CA ILE A 56 -1.30 -6.27 -9.78
C ILE A 56 -2.06 -4.95 -9.43
N ALA A 57 -1.74 -3.88 -10.14
CA ALA A 57 -2.31 -2.55 -9.89
C ALA A 57 -3.86 -2.49 -10.06
N PRO A 58 -4.46 -3.00 -11.20
CA PRO A 58 -5.92 -3.00 -11.38
C PRO A 58 -6.67 -3.68 -10.24
N PHE A 59 -6.03 -4.68 -9.66
CA PHE A 59 -6.62 -5.41 -8.57
C PHE A 59 -6.56 -4.56 -7.29
N PHE A 60 -5.43 -3.94 -7.05
CA PHE A 60 -5.24 -3.05 -5.88
C PHE A 60 -6.19 -1.84 -6.01
N ALA A 61 -6.42 -1.42 -7.24
CA ALA A 61 -7.33 -0.34 -7.53
C ALA A 61 -8.77 -0.75 -7.19
N ASP A 62 -9.06 -2.04 -7.33
CA ASP A 62 -10.37 -2.60 -6.98
C ASP A 62 -10.57 -2.46 -5.50
N LEU A 63 -9.55 -2.83 -4.77
CA LEU A 63 -9.47 -2.67 -3.36
C LEU A 63 -9.73 -1.22 -2.96
N ALA A 64 -9.10 -0.30 -3.67
CA ALA A 64 -9.26 1.13 -3.43
C ALA A 64 -10.69 1.59 -3.64
N LYS A 65 -11.37 0.95 -4.56
CA LYS A 65 -12.74 1.28 -4.86
C LYS A 65 -13.68 0.66 -3.81
N LYS A 66 -13.24 -0.43 -3.19
CA LYS A 66 -14.08 -1.20 -2.30
C LYS A 66 -13.91 -0.85 -0.81
N LEU A 67 -12.69 -0.64 -0.35
CA LEU A 67 -12.44 -0.55 1.08
C LEU A 67 -12.55 0.86 1.66
N PRO A 68 -13.55 1.07 2.54
CA PRO A 68 -13.81 2.37 3.17
C PRO A 68 -12.89 2.70 4.37
N ASN A 69 -12.43 1.69 5.10
CA ASN A 69 -11.64 1.93 6.32
C ASN A 69 -10.15 1.87 5.99
N VAL A 70 -9.85 1.55 4.77
CA VAL A 70 -8.48 1.37 4.37
C VAL A 70 -7.99 2.53 3.53
N LEU A 71 -6.83 3.03 3.88
CA LEU A 71 -6.14 4.05 3.13
C LEU A 71 -5.11 3.33 2.28
N PHE A 72 -5.04 3.64 1.01
CA PHE A 72 -4.21 2.88 0.08
C PHE A 72 -3.07 3.74 -0.41
N LEU A 73 -1.88 3.23 -0.35
CA LEU A 73 -0.71 3.93 -0.80
C LEU A 73 0.16 3.08 -1.71
N LYS A 74 0.74 3.74 -2.69
CA LYS A 74 1.68 3.17 -3.58
C LYS A 74 2.95 3.98 -3.43
N VAL A 75 3.98 3.36 -2.97
CA VAL A 75 5.22 4.06 -2.76
C VAL A 75 6.20 3.65 -3.82
N ASP A 76 6.64 4.61 -4.61
CA ASP A 76 7.57 4.31 -5.68
C ASP A 76 8.96 4.15 -5.11
N THR A 77 9.40 2.94 -5.14
CA THR A 77 10.63 2.49 -4.60
C THR A 77 11.84 2.95 -5.42
N ASP A 78 11.60 3.37 -6.65
CA ASP A 78 12.69 3.82 -7.49
C ASP A 78 13.00 5.25 -7.11
N GLU A 79 11.95 6.06 -6.96
CA GLU A 79 12.04 7.41 -6.50
C GLU A 79 12.49 7.49 -5.04
N LEU A 80 11.83 6.74 -4.17
CA LEU A 80 12.12 6.83 -2.75
C LEU A 80 13.13 5.72 -2.39
N LYS A 81 14.14 5.63 -3.23
CA LYS A 81 15.16 4.59 -3.22
C LYS A 81 15.83 4.44 -1.82
N SER A 82 16.27 5.54 -1.24
CA SER A 82 17.00 5.47 0.04
C SER A 82 16.10 5.04 1.22
N VAL A 83 14.91 5.60 1.30
CA VAL A 83 14.00 5.25 2.38
C VAL A 83 13.48 3.83 2.20
N ALA A 84 13.21 3.44 0.97
CA ALA A 84 12.76 2.09 0.68
C ALA A 84 13.84 1.07 1.03
N SER A 85 15.10 1.49 0.89
CA SER A 85 16.22 0.67 1.26
C SER A 85 16.24 0.45 2.78
N ASP A 86 15.75 1.42 3.53
CA ASP A 86 15.68 1.31 4.99
C ASP A 86 14.60 0.33 5.39
N TRP A 87 13.52 0.33 4.63
CA TRP A 87 12.41 -0.60 4.83
C TRP A 87 12.75 -2.00 4.27
N ALA A 88 13.99 -2.14 3.76
CA ALA A 88 14.53 -3.41 3.22
C ALA A 88 13.77 -3.87 1.98
N ILE A 89 13.15 -2.92 1.30
CA ILE A 89 12.38 -3.24 0.12
C ILE A 89 13.30 -3.47 -1.06
N GLN A 90 13.31 -4.69 -1.55
CA GLN A 90 14.14 -5.04 -2.69
C GLN A 90 13.32 -5.81 -3.70
N ALA A 91 12.35 -6.55 -3.22
CA ALA A 91 11.50 -7.31 -4.08
C ALA A 91 10.20 -6.56 -4.26
N MET A 92 9.90 -6.21 -5.47
CA MET A 92 8.72 -5.44 -5.75
C MET A 92 7.67 -6.31 -6.40
N PRO A 93 6.40 -6.11 -6.07
CA PRO A 93 5.96 -5.13 -5.09
C PRO A 93 5.84 -5.74 -3.68
N THR A 94 5.95 -4.92 -2.68
CA THR A 94 5.76 -5.38 -1.34
C THR A 94 4.56 -4.68 -0.75
N PHE A 95 3.62 -5.44 -0.25
CA PHE A 95 2.43 -4.90 0.30
C PHE A 95 2.55 -4.96 1.79
N MET A 96 2.47 -3.85 2.39
CA MET A 96 2.55 -3.73 3.82
C MET A 96 1.21 -3.32 4.34
N PHE A 97 0.67 -4.12 5.19
CA PHE A 97 -0.61 -3.93 5.76
C PHE A 97 -0.48 -3.51 7.19
N LEU A 98 -1.01 -2.38 7.50
CA LEU A 98 -1.01 -1.94 8.86
C LEU A 98 -2.46 -1.71 9.25
N LYS A 99 -2.71 -1.60 10.52
CA LYS A 99 -4.03 -1.32 10.99
C LYS A 99 -3.97 -0.24 12.01
N GLU A 100 -4.60 0.87 11.67
CA GLU A 100 -4.71 2.02 12.55
C GLU A 100 -3.34 2.62 12.85
N GLY A 101 -2.41 2.44 11.93
CA GLY A 101 -1.06 2.93 12.11
C GLY A 101 -0.11 1.92 12.71
N LYS A 102 -0.63 0.79 13.15
CA LYS A 102 0.19 -0.28 13.72
C LYS A 102 0.42 -1.35 12.66
N ILE A 103 1.67 -1.75 12.48
CA ILE A 103 2.05 -2.76 11.49
C ILE A 103 1.44 -4.13 11.83
N LEU A 104 0.75 -4.73 10.88
CA LEU A 104 0.22 -6.03 11.09
C LEU A 104 0.98 -7.07 10.32
N ASP A 105 0.93 -6.98 9.01
CA ASP A 105 1.48 -8.01 8.15
C ASP A 105 1.93 -7.47 6.82
N LYS A 106 2.81 -8.20 6.18
CA LYS A 106 3.36 -7.79 4.90
C LYS A 106 3.38 -8.96 3.90
N VAL A 107 3.20 -8.64 2.65
CA VAL A 107 3.27 -9.59 1.57
C VAL A 107 4.39 -9.18 0.63
N VAL A 108 5.37 -10.02 0.45
CA VAL A 108 6.50 -9.71 -0.39
C VAL A 108 6.39 -10.41 -1.76
N GLY A 109 6.34 -9.62 -2.80
CA GLY A 109 6.25 -10.15 -4.14
C GLY A 109 4.82 -10.17 -4.59
N ALA A 110 4.58 -10.04 -5.88
CA ALA A 110 3.23 -10.05 -6.35
C ALA A 110 2.73 -11.46 -6.37
N LYS A 111 1.86 -11.74 -5.47
CA LYS A 111 1.21 -12.98 -5.38
C LYS A 111 -0.25 -12.75 -5.37
N LYS A 112 -0.91 -13.14 -6.42
CA LYS A 112 -2.26 -12.85 -6.61
C LYS A 112 -3.15 -13.57 -5.61
N ASP A 113 -2.95 -14.86 -5.46
CA ASP A 113 -3.77 -15.67 -4.57
C ASP A 113 -3.49 -15.37 -3.09
N GLU A 114 -2.21 -15.18 -2.74
CA GLU A 114 -1.84 -14.91 -1.36
C GLU A 114 -2.33 -13.55 -0.92
N LEU A 115 -2.31 -12.60 -1.84
CA LEU A 115 -2.78 -11.27 -1.56
C LEU A 115 -4.23 -11.34 -1.18
N GLN A 116 -4.98 -12.02 -2.01
CA GLN A 116 -6.42 -12.24 -1.79
C GLN A 116 -6.69 -12.88 -0.44
N SER A 117 -5.87 -13.84 -0.06
CA SER A 117 -6.05 -14.51 1.20
C SER A 117 -5.75 -13.54 2.35
N THR A 118 -4.75 -12.71 2.14
CA THR A 118 -4.37 -11.71 3.10
C THR A 118 -5.49 -10.64 3.22
N ILE A 119 -6.16 -10.35 2.10
CA ILE A 119 -7.29 -9.43 2.10
C ILE A 119 -8.41 -10.00 2.94
N ALA A 120 -8.78 -11.24 2.67
CA ALA A 120 -9.86 -11.91 3.39
C ALA A 120 -9.49 -12.07 4.87
N LYS A 121 -8.21 -12.25 5.12
CA LYS A 121 -7.67 -12.34 6.47
C LYS A 121 -7.98 -11.06 7.23
N HIS A 122 -7.78 -9.93 6.56
CA HIS A 122 -8.08 -8.63 7.12
C HIS A 122 -9.58 -8.37 7.20
N LEU A 123 -10.31 -8.81 6.21
CA LEU A 123 -11.72 -8.62 6.15
C LEU A 123 -12.49 -9.67 6.95
N ALA A 124 -11.80 -10.30 7.84
CA ALA A 124 -12.39 -11.25 8.74
C ALA A 124 -12.65 -10.53 10.04
N MET A 11 -25.46 10.09 -1.21
CA MET A 11 -24.50 11.00 -1.83
C MET A 11 -23.12 10.39 -1.70
N ALA A 12 -22.42 10.30 -2.80
CA ALA A 12 -21.12 9.66 -2.83
C ALA A 12 -20.09 10.45 -2.06
N SER A 13 -19.12 9.75 -1.54
CA SER A 13 -18.05 10.33 -0.82
C SER A 13 -16.77 10.12 -1.64
N GLU A 14 -15.64 10.39 -1.08
CA GLU A 14 -14.40 10.24 -1.79
C GLU A 14 -13.82 8.85 -1.56
N GLU A 15 -14.07 7.98 -2.51
CA GLU A 15 -13.64 6.60 -2.47
C GLU A 15 -12.68 6.34 -3.63
N GLY A 16 -11.81 5.37 -3.50
CA GLY A 16 -10.91 5.04 -4.58
C GLY A 16 -9.64 5.84 -4.54
N GLN A 17 -9.37 6.44 -3.41
CA GLN A 17 -8.21 7.28 -3.31
C GLN A 17 -7.01 6.60 -2.77
N VAL A 18 -5.99 6.72 -3.53
CA VAL A 18 -4.68 6.23 -3.23
C VAL A 18 -3.74 7.42 -3.18
N ILE A 19 -2.95 7.58 -2.15
CA ILE A 19 -2.05 8.69 -2.14
C ILE A 19 -0.69 8.25 -2.66
N ALA A 20 -0.31 8.78 -3.80
CA ALA A 20 0.96 8.46 -4.38
C ALA A 20 1.98 9.47 -3.93
N CYS A 21 2.87 9.05 -3.08
CA CYS A 21 3.84 9.91 -2.56
C CYS A 21 5.07 9.86 -3.43
N HIS A 22 5.61 10.99 -3.75
CA HIS A 22 6.82 11.04 -4.54
C HIS A 22 7.92 11.62 -3.69
N THR A 23 7.61 11.86 -2.42
CA THR A 23 8.53 12.42 -1.46
C THR A 23 8.26 11.80 -0.09
N VAL A 24 9.26 11.74 0.76
CA VAL A 24 9.10 11.17 2.09
C VAL A 24 8.23 12.08 2.97
N GLU A 25 8.23 13.37 2.65
CA GLU A 25 7.43 14.37 3.36
C GLU A 25 5.94 14.00 3.30
N THR A 26 5.45 13.75 2.11
CA THR A 26 4.07 13.41 1.92
C THR A 26 3.78 12.02 2.50
N TRP A 27 4.75 11.14 2.38
CA TRP A 27 4.70 9.80 2.98
C TRP A 27 4.50 9.93 4.50
N ASN A 28 5.27 10.81 5.11
CA ASN A 28 5.20 11.11 6.53
C ASN A 28 3.80 11.66 6.88
N GLU A 29 3.34 12.60 6.05
CA GLU A 29 2.06 13.30 6.25
C GLU A 29 0.92 12.27 6.34
N GLN A 30 0.89 11.35 5.39
CA GLN A 30 -0.12 10.36 5.30
C GLN A 30 -0.06 9.33 6.44
N LEU A 31 1.13 8.87 6.78
CA LEU A 31 1.29 7.94 7.84
C LEU A 31 0.91 8.54 9.16
N GLN A 32 1.36 9.75 9.40
CA GLN A 32 1.05 10.49 10.60
C GLN A 32 -0.46 10.62 10.70
N LYS A 33 -1.07 10.98 9.59
CA LYS A 33 -2.51 11.11 9.47
C LYS A 33 -3.21 9.80 9.86
N ALA A 34 -2.75 8.68 9.31
CA ALA A 34 -3.36 7.39 9.59
C ALA A 34 -3.09 6.93 11.02
N ASN A 35 -1.89 7.19 11.50
CA ASN A 35 -1.45 6.81 12.85
C ASN A 35 -2.28 7.52 13.88
N GLU A 36 -2.30 8.81 13.75
CA GLU A 36 -3.02 9.70 14.66
C GLU A 36 -4.52 9.47 14.64
N SER A 37 -5.07 9.24 13.47
CA SER A 37 -6.49 9.05 13.33
C SER A 37 -6.89 7.59 13.56
N LYS A 38 -5.90 6.74 13.88
CA LYS A 38 -6.10 5.31 14.16
C LYS A 38 -6.81 4.62 13.00
N THR A 39 -6.46 5.07 11.82
CA THR A 39 -7.02 4.61 10.60
C THR A 39 -6.13 3.53 10.01
N LEU A 40 -6.73 2.59 9.40
CA LEU A 40 -6.01 1.48 8.82
C LEU A 40 -5.48 1.95 7.45
N VAL A 41 -4.24 1.64 7.18
CA VAL A 41 -3.60 2.06 5.95
C VAL A 41 -2.98 0.86 5.22
N VAL A 42 -3.13 0.82 3.92
CA VAL A 42 -2.52 -0.23 3.12
C VAL A 42 -1.57 0.40 2.13
N VAL A 43 -0.34 -0.06 2.11
CA VAL A 43 0.66 0.53 1.26
C VAL A 43 1.16 -0.46 0.23
N ASP A 44 1.23 -0.02 -1.00
CA ASP A 44 1.76 -0.81 -2.10
C ASP A 44 3.10 -0.26 -2.52
N PHE A 45 4.15 -1.03 -2.27
CA PHE A 45 5.47 -0.67 -2.70
C PHE A 45 5.72 -1.43 -3.99
N THR A 46 5.89 -0.73 -5.07
CA THR A 46 5.98 -1.37 -6.35
C THR A 46 6.86 -0.54 -7.28
N ALA A 47 7.07 -1.01 -8.49
CA ALA A 47 7.83 -0.30 -9.48
C ALA A 47 7.05 -0.28 -10.76
N SER A 48 6.88 0.88 -11.32
CA SER A 48 6.10 1.05 -12.54
C SER A 48 6.78 0.39 -13.77
N TRP A 49 8.10 0.19 -13.68
CA TRP A 49 8.83 -0.50 -14.74
C TRP A 49 8.74 -2.02 -14.62
N CYS A 50 8.21 -2.48 -13.52
CA CYS A 50 8.14 -3.89 -13.24
C CYS A 50 6.83 -4.48 -13.75
N GLY A 51 6.96 -5.48 -14.62
CA GLY A 51 5.82 -6.14 -15.24
C GLY A 51 4.87 -6.80 -14.24
N PRO A 52 5.33 -7.83 -13.48
CA PRO A 52 4.49 -8.52 -12.49
C PRO A 52 3.94 -7.55 -11.46
N CYS A 53 4.72 -6.55 -11.13
CA CYS A 53 4.34 -5.53 -10.18
C CYS A 53 3.18 -4.70 -10.72
N ARG A 54 3.26 -4.37 -12.00
CA ARG A 54 2.23 -3.60 -12.67
C ARG A 54 0.97 -4.46 -12.85
N PHE A 55 1.15 -5.75 -12.98
CA PHE A 55 0.03 -6.67 -13.17
C PHE A 55 -0.66 -6.99 -11.83
N ILE A 56 0.08 -6.96 -10.74
CA ILE A 56 -0.48 -7.33 -9.44
C ILE A 56 -1.13 -6.10 -8.76
N ALA A 57 -0.66 -4.92 -9.11
CA ALA A 57 -1.11 -3.64 -8.54
C ALA A 57 -2.62 -3.26 -8.78
N PRO A 58 -3.23 -3.53 -10.00
CA PRO A 58 -4.65 -3.18 -10.29
C PRO A 58 -5.64 -3.54 -9.19
N PHE A 59 -5.41 -4.67 -8.55
CA PHE A 59 -6.29 -5.14 -7.50
C PHE A 59 -6.29 -4.16 -6.29
N PHE A 60 -5.15 -3.54 -6.04
CA PHE A 60 -5.00 -2.56 -4.98
C PHE A 60 -5.84 -1.32 -5.27
N ALA A 61 -5.98 -1.00 -6.54
CA ALA A 61 -6.79 0.14 -6.96
C ALA A 61 -8.27 -0.17 -6.74
N ASP A 62 -8.62 -1.44 -6.87
CA ASP A 62 -10.01 -1.89 -6.66
C ASP A 62 -10.31 -1.82 -5.19
N LEU A 63 -9.36 -2.28 -4.41
CA LEU A 63 -9.41 -2.24 -2.97
C LEU A 63 -9.66 -0.83 -2.48
N ALA A 64 -8.99 0.12 -3.10
CA ALA A 64 -9.12 1.53 -2.76
C ALA A 64 -10.55 2.01 -2.90
N LYS A 65 -11.27 1.49 -3.89
CA LYS A 65 -12.63 1.92 -4.09
C LYS A 65 -13.56 1.22 -3.10
N LYS A 66 -13.19 -0.01 -2.73
CA LYS A 66 -13.99 -0.82 -1.82
C LYS A 66 -13.97 -0.25 -0.41
N LEU A 67 -12.82 0.21 0.02
CA LEU A 67 -12.67 0.74 1.34
C LEU A 67 -12.35 2.23 1.33
N PRO A 68 -13.39 3.05 1.48
CA PRO A 68 -13.27 4.52 1.46
C PRO A 68 -12.63 5.08 2.73
N ASN A 69 -12.77 4.38 3.85
CA ASN A 69 -12.25 4.85 5.12
C ASN A 69 -10.85 4.30 5.38
N VAL A 70 -10.37 3.48 4.47
CA VAL A 70 -9.03 2.96 4.56
C VAL A 70 -8.12 3.83 3.71
N LEU A 71 -6.98 4.18 4.25
CA LEU A 71 -6.06 5.04 3.56
C LEU A 71 -5.13 4.15 2.72
N PHE A 72 -5.04 4.42 1.44
CA PHE A 72 -4.18 3.65 0.56
C PHE A 72 -3.04 4.51 0.06
N LEU A 73 -1.91 3.91 -0.06
CA LEU A 73 -0.70 4.60 -0.48
C LEU A 73 0.02 3.87 -1.58
N LYS A 74 0.46 4.63 -2.54
CA LYS A 74 1.14 4.11 -3.69
C LYS A 74 2.58 4.56 -3.63
N VAL A 75 3.48 3.63 -3.50
CA VAL A 75 4.88 3.95 -3.43
C VAL A 75 5.62 3.31 -4.58
N ASP A 76 6.19 4.13 -5.43
CA ASP A 76 7.01 3.64 -6.48
C ASP A 76 8.42 3.59 -5.97
N THR A 77 8.87 2.40 -5.77
CA THR A 77 10.16 2.12 -5.17
C THR A 77 11.35 2.50 -6.05
N ASP A 78 11.09 2.86 -7.30
CA ASP A 78 12.15 3.30 -8.19
C ASP A 78 12.48 4.73 -7.81
N GLU A 79 11.43 5.50 -7.54
CA GLU A 79 11.54 6.85 -7.08
C GLU A 79 11.97 6.88 -5.63
N LEU A 80 11.11 6.36 -4.76
CA LEU A 80 11.31 6.37 -3.35
C LEU A 80 12.12 5.17 -2.90
N LYS A 81 13.25 4.99 -3.53
CA LYS A 81 14.15 3.90 -3.24
C LYS A 81 14.75 3.99 -1.85
N SER A 82 14.90 5.20 -1.33
CA SER A 82 15.44 5.39 -0.01
C SER A 82 14.40 4.96 1.03
N VAL A 83 13.13 5.29 0.78
CA VAL A 83 12.04 4.89 1.65
C VAL A 83 11.90 3.38 1.61
N ALA A 84 12.01 2.82 0.41
CA ALA A 84 11.97 1.38 0.20
C ALA A 84 13.05 0.69 1.03
N SER A 85 14.28 1.18 0.91
CA SER A 85 15.41 0.63 1.65
C SER A 85 15.19 0.73 3.16
N ASP A 86 14.65 1.86 3.59
CA ASP A 86 14.41 2.14 5.00
C ASP A 86 13.39 1.14 5.58
N TRP A 87 12.41 0.80 4.77
CA TRP A 87 11.38 -0.15 5.16
C TRP A 87 11.75 -1.59 4.79
N ALA A 88 13.02 -1.77 4.38
CA ALA A 88 13.59 -3.08 4.03
C ALA A 88 12.88 -3.73 2.85
N ILE A 89 12.31 -2.90 1.99
CA ILE A 89 11.60 -3.38 0.83
C ILE A 89 12.63 -3.68 -0.25
N GLN A 90 13.13 -4.88 -0.27
CA GLN A 90 14.10 -5.27 -1.25
C GLN A 90 13.44 -6.08 -2.34
N ALA A 91 12.47 -6.88 -1.96
CA ALA A 91 11.73 -7.65 -2.90
C ALA A 91 10.57 -6.84 -3.39
N MET A 92 10.55 -6.59 -4.64
CA MET A 92 9.56 -5.75 -5.24
C MET A 92 8.63 -6.65 -6.02
N PRO A 93 7.31 -6.49 -5.91
CA PRO A 93 6.66 -5.49 -5.07
C PRO A 93 6.29 -6.04 -3.67
N THR A 94 6.15 -5.17 -2.72
CA THR A 94 5.71 -5.55 -1.40
C THR A 94 4.44 -4.80 -1.04
N PHE A 95 3.41 -5.53 -0.66
CA PHE A 95 2.18 -4.94 -0.23
C PHE A 95 2.15 -5.05 1.26
N MET A 96 2.04 -3.95 1.92
CA MET A 96 2.05 -3.98 3.35
C MET A 96 0.72 -3.57 3.90
N PHE A 97 0.15 -4.43 4.65
CA PHE A 97 -1.08 -4.23 5.28
C PHE A 97 -0.84 -3.92 6.74
N LEU A 98 -1.20 -2.75 7.14
CA LEU A 98 -1.00 -2.38 8.48
C LEU A 98 -2.25 -1.73 9.02
N LYS A 99 -2.37 -1.67 10.31
CA LYS A 99 -3.57 -1.20 10.90
C LYS A 99 -3.25 -0.21 11.98
N GLU A 100 -3.76 1.00 11.81
CA GLU A 100 -3.59 2.12 12.74
C GLU A 100 -2.13 2.58 12.77
N GLY A 101 -1.38 2.23 11.73
CA GLY A 101 0.02 2.57 11.66
C GLY A 101 0.91 1.47 12.24
N LYS A 102 0.28 0.40 12.69
CA LYS A 102 0.97 -0.75 13.23
C LYS A 102 0.94 -1.87 12.20
N ILE A 103 2.08 -2.46 11.94
CA ILE A 103 2.21 -3.46 10.87
C ILE A 103 1.56 -4.79 11.24
N LEU A 104 0.66 -5.24 10.39
CA LEU A 104 0.03 -6.50 10.59
C LEU A 104 0.74 -7.55 9.78
N ASP A 105 0.59 -7.47 8.48
CA ASP A 105 1.12 -8.45 7.58
C ASP A 105 1.44 -7.84 6.26
N LYS A 106 2.32 -8.46 5.57
CA LYS A 106 2.76 -7.97 4.29
C LYS A 106 2.93 -9.10 3.31
N VAL A 107 2.86 -8.77 2.06
CA VAL A 107 3.05 -9.73 1.00
C VAL A 107 4.30 -9.33 0.29
N VAL A 108 5.26 -10.20 0.28
CA VAL A 108 6.52 -9.88 -0.31
C VAL A 108 6.75 -10.65 -1.62
N GLY A 109 6.84 -9.90 -2.70
CA GLY A 109 6.99 -10.47 -4.01
C GLY A 109 5.66 -10.47 -4.69
N ALA A 110 5.63 -10.60 -6.00
CA ALA A 110 4.36 -10.61 -6.67
C ALA A 110 3.75 -11.98 -6.55
N LYS A 111 2.74 -12.07 -5.73
CA LYS A 111 2.02 -13.28 -5.52
C LYS A 111 0.56 -13.01 -5.74
N LYS A 112 0.00 -13.54 -6.79
CA LYS A 112 -1.37 -13.31 -7.10
C LYS A 112 -2.25 -14.01 -6.08
N ASP A 113 -1.96 -15.27 -5.81
CA ASP A 113 -2.74 -16.06 -4.87
C ASP A 113 -2.58 -15.57 -3.43
N GLU A 114 -1.36 -15.28 -3.04
CA GLU A 114 -1.09 -14.81 -1.69
C GLU A 114 -1.74 -13.45 -1.44
N LEU A 115 -1.81 -12.61 -2.48
CA LEU A 115 -2.49 -11.32 -2.36
C LEU A 115 -3.93 -11.55 -1.98
N GLN A 116 -4.58 -12.38 -2.77
CA GLN A 116 -5.99 -12.73 -2.54
C GLN A 116 -6.17 -13.38 -1.18
N SER A 117 -5.22 -14.23 -0.83
CA SER A 117 -5.21 -14.90 0.45
C SER A 117 -5.17 -13.85 1.58
N THR A 118 -4.28 -12.88 1.43
CA THR A 118 -4.11 -11.82 2.40
C THR A 118 -5.40 -11.00 2.53
N ILE A 119 -6.15 -10.90 1.45
CA ILE A 119 -7.40 -10.20 1.49
C ILE A 119 -8.39 -10.97 2.35
N ALA A 120 -8.44 -12.28 2.15
CA ALA A 120 -9.34 -13.14 2.92
C ALA A 120 -8.92 -13.18 4.38
N LYS A 121 -7.63 -13.05 4.63
CA LYS A 121 -7.08 -13.00 5.92
C LYS A 121 -7.53 -11.73 6.67
N HIS A 122 -7.69 -10.64 5.95
CA HIS A 122 -8.15 -9.40 6.52
C HIS A 122 -9.66 -9.27 6.48
N LEU A 123 -10.29 -10.03 5.57
CA LEU A 123 -11.71 -10.00 5.39
C LEU A 123 -12.41 -10.46 6.67
N ALA A 124 -13.06 -9.55 7.30
CA ALA A 124 -13.79 -9.82 8.50
C ALA A 124 -15.02 -8.96 8.51
N MET A 11 -23.81 6.04 -6.15
CA MET A 11 -23.07 5.42 -5.03
C MET A 11 -21.56 5.55 -5.31
N ALA A 12 -21.20 6.59 -6.02
CA ALA A 12 -19.82 6.84 -6.38
C ALA A 12 -19.08 7.45 -5.21
N SER A 13 -18.11 6.75 -4.73
CA SER A 13 -17.31 7.23 -3.65
C SER A 13 -15.88 7.40 -4.16
N GLU A 14 -14.98 7.91 -3.33
CA GLU A 14 -13.59 7.97 -3.70
C GLU A 14 -13.07 6.54 -3.57
N GLU A 15 -13.09 5.85 -4.66
CA GLU A 15 -12.83 4.44 -4.67
C GLU A 15 -12.01 4.09 -5.90
N GLY A 16 -11.14 3.13 -5.76
CA GLY A 16 -10.36 2.67 -6.90
C GLY A 16 -9.12 3.48 -7.11
N GLN A 17 -8.81 4.32 -6.16
CA GLN A 17 -7.68 5.16 -6.25
C GLN A 17 -6.84 5.12 -5.01
N VAL A 18 -5.57 5.11 -5.26
CA VAL A 18 -4.55 4.98 -4.25
C VAL A 18 -3.68 6.25 -4.24
N ILE A 19 -3.26 6.72 -3.07
CA ILE A 19 -2.46 7.92 -3.02
C ILE A 19 -0.98 7.58 -3.24
N ALA A 20 -0.44 8.03 -4.34
CA ALA A 20 0.93 7.77 -4.64
C ALA A 20 1.79 8.93 -4.18
N CYS A 21 2.61 8.69 -3.19
CA CYS A 21 3.48 9.71 -2.68
C CYS A 21 4.76 9.70 -3.46
N HIS A 22 5.36 10.85 -3.65
CA HIS A 22 6.57 10.95 -4.42
C HIS A 22 7.67 11.60 -3.60
N THR A 23 7.40 11.78 -2.32
CA THR A 23 8.37 12.39 -1.40
C THR A 23 8.25 11.75 -0.02
N VAL A 24 9.38 11.62 0.68
CA VAL A 24 9.37 11.05 2.02
C VAL A 24 8.73 12.05 3.01
N GLU A 25 8.77 13.32 2.63
CA GLU A 25 8.18 14.40 3.41
C GLU A 25 6.65 14.18 3.51
N THR A 26 6.01 13.97 2.36
CA THR A 26 4.58 13.69 2.34
C THR A 26 4.30 12.33 2.97
N TRP A 27 5.16 11.36 2.67
CA TRP A 27 5.05 10.00 3.19
C TRP A 27 4.96 9.95 4.72
N ASN A 28 5.90 10.61 5.40
CA ASN A 28 5.93 10.63 6.87
C ASN A 28 4.64 11.27 7.41
N GLU A 29 4.20 12.30 6.73
CA GLU A 29 3.00 13.04 7.07
C GLU A 29 1.76 12.15 6.98
N GLN A 30 1.64 11.41 5.88
CA GLN A 30 0.53 10.53 5.67
C GLN A 30 0.45 9.48 6.75
N LEU A 31 1.58 8.91 7.10
CA LEU A 31 1.66 7.92 8.11
C LEU A 31 1.31 8.48 9.46
N GLN A 32 1.85 9.65 9.78
CA GLN A 32 1.54 10.31 11.03
C GLN A 32 0.05 10.49 11.17
N LYS A 33 -0.57 10.96 10.10
CA LYS A 33 -1.98 11.18 10.06
C LYS A 33 -2.76 9.87 10.26
N ALA A 34 -2.32 8.80 9.60
CA ALA A 34 -2.99 7.52 9.71
C ALA A 34 -2.77 6.92 11.11
N ASN A 35 -1.58 7.09 11.62
CA ASN A 35 -1.17 6.57 12.92
C ASN A 35 -1.96 7.21 14.02
N GLU A 36 -1.94 8.52 14.02
CA GLU A 36 -2.62 9.32 15.04
C GLU A 36 -4.15 9.13 14.99
N SER A 37 -4.69 9.00 13.80
CA SER A 37 -6.12 8.83 13.65
C SER A 37 -6.52 7.36 13.83
N LYS A 38 -5.51 6.48 13.89
CA LYS A 38 -5.69 5.03 14.07
C LYS A 38 -6.49 4.41 12.93
N THR A 39 -6.32 4.96 11.75
CA THR A 39 -6.98 4.46 10.58
C THR A 39 -6.10 3.37 9.95
N LEU A 40 -6.72 2.39 9.40
CA LEU A 40 -6.03 1.27 8.79
C LEU A 40 -5.42 1.74 7.45
N VAL A 41 -4.14 1.49 7.27
CA VAL A 41 -3.44 1.93 6.09
C VAL A 41 -2.71 0.76 5.40
N VAL A 42 -2.80 0.70 4.09
CA VAL A 42 -2.13 -0.32 3.30
C VAL A 42 -1.30 0.37 2.23
N VAL A 43 -0.05 -0.02 2.11
CA VAL A 43 0.85 0.60 1.17
C VAL A 43 1.54 -0.46 0.32
N ASP A 44 1.52 -0.28 -0.99
CA ASP A 44 2.18 -1.16 -1.84
C ASP A 44 3.46 -0.53 -2.36
N PHE A 45 4.54 -1.24 -2.23
CA PHE A 45 5.80 -0.84 -2.73
C PHE A 45 6.02 -1.51 -4.07
N THR A 46 6.12 -0.73 -5.10
CA THR A 46 6.18 -1.25 -6.44
C THR A 46 6.92 -0.25 -7.34
N ALA A 47 7.12 -0.59 -8.58
CA ALA A 47 7.74 0.30 -9.53
C ALA A 47 6.97 0.24 -10.81
N SER A 48 6.70 1.39 -11.36
CA SER A 48 5.92 1.53 -12.56
C SER A 48 6.55 0.80 -13.78
N TRP A 49 7.88 0.63 -13.77
CA TRP A 49 8.57 -0.07 -14.85
C TRP A 49 8.55 -1.59 -14.69
N CYS A 50 8.04 -2.06 -13.59
CA CYS A 50 8.04 -3.48 -13.31
C CYS A 50 6.78 -4.13 -13.85
N GLY A 51 6.96 -5.15 -14.70
CA GLY A 51 5.85 -5.85 -15.36
C GLY A 51 4.80 -6.40 -14.40
N PRO A 52 5.14 -7.46 -13.62
CA PRO A 52 4.19 -8.07 -12.68
C PRO A 52 3.69 -7.08 -11.64
N CYS A 53 4.54 -6.12 -11.32
CA CYS A 53 4.24 -5.09 -10.35
C CYS A 53 3.17 -4.14 -10.88
N ARG A 54 3.24 -3.81 -12.15
CA ARG A 54 2.26 -2.94 -12.75
C ARG A 54 0.99 -3.72 -13.05
N PHE A 55 1.15 -5.01 -13.32
CA PHE A 55 0.03 -5.91 -13.58
C PHE A 55 -0.81 -6.13 -12.32
N ILE A 56 -0.17 -6.06 -11.17
CA ILE A 56 -0.87 -6.30 -9.92
C ILE A 56 -1.48 -4.96 -9.40
N ALA A 57 -1.01 -3.85 -9.98
CA ALA A 57 -1.46 -2.51 -9.60
C ALA A 57 -2.99 -2.31 -9.75
N PRO A 58 -3.63 -2.68 -10.92
CA PRO A 58 -5.09 -2.56 -11.09
C PRO A 58 -5.85 -3.37 -10.04
N PHE A 59 -5.27 -4.50 -9.64
CA PHE A 59 -5.90 -5.35 -8.65
C PHE A 59 -5.87 -4.66 -7.28
N PHE A 60 -4.80 -3.93 -7.04
CA PHE A 60 -4.66 -3.16 -5.81
C PHE A 60 -5.58 -1.93 -5.86
N ALA A 61 -5.77 -1.40 -7.06
CA ALA A 61 -6.70 -0.29 -7.27
C ALA A 61 -8.15 -0.78 -7.06
N ASP A 62 -8.39 -2.02 -7.47
CA ASP A 62 -9.67 -2.69 -7.25
C ASP A 62 -9.91 -2.84 -5.78
N LEU A 63 -8.89 -3.29 -5.11
CA LEU A 63 -8.86 -3.43 -3.66
C LEU A 63 -9.26 -2.09 -3.01
N ALA A 64 -8.65 -1.02 -3.50
CA ALA A 64 -8.95 0.34 -3.04
C ALA A 64 -10.40 0.70 -3.29
N LYS A 65 -10.97 0.15 -4.34
CA LYS A 65 -12.35 0.40 -4.67
C LYS A 65 -13.25 -0.43 -3.76
N LYS A 66 -12.85 -1.65 -3.52
CA LYS A 66 -13.63 -2.58 -2.75
C LYS A 66 -13.64 -2.17 -1.28
N LEU A 67 -12.51 -1.70 -0.80
CA LEU A 67 -12.39 -1.19 0.53
C LEU A 67 -12.06 0.31 0.49
N PRO A 68 -13.09 1.18 0.38
CA PRO A 68 -12.88 2.63 0.30
C PRO A 68 -12.75 3.28 1.67
N ASN A 69 -12.80 2.46 2.70
CA ASN A 69 -12.72 2.90 4.10
C ASN A 69 -11.32 2.57 4.64
N VAL A 70 -10.43 2.31 3.72
CA VAL A 70 -9.06 1.98 4.01
C VAL A 70 -8.15 2.93 3.25
N LEU A 71 -7.14 3.41 3.91
CA LEU A 71 -6.23 4.35 3.30
C LEU A 71 -5.12 3.58 2.59
N PHE A 72 -5.07 3.71 1.29
CA PHE A 72 -4.05 3.03 0.50
C PHE A 72 -3.10 4.02 -0.09
N LEU A 73 -1.85 3.67 -0.06
CA LEU A 73 -0.80 4.48 -0.62
C LEU A 73 0.10 3.64 -1.49
N LYS A 74 0.63 4.26 -2.50
CA LYS A 74 1.51 3.62 -3.42
C LYS A 74 2.87 4.27 -3.39
N VAL A 75 3.88 3.46 -3.23
CA VAL A 75 5.24 3.94 -3.22
C VAL A 75 5.99 3.34 -4.38
N ASP A 76 6.45 4.18 -5.27
CA ASP A 76 7.24 3.72 -6.39
C ASP A 76 8.67 3.65 -5.91
N THR A 77 9.19 2.45 -5.84
CA THR A 77 10.49 2.19 -5.27
C THR A 77 11.65 2.66 -6.15
N ASP A 78 11.34 3.03 -7.37
CA ASP A 78 12.33 3.57 -8.26
C ASP A 78 12.52 5.01 -7.91
N GLU A 79 11.40 5.68 -7.72
CA GLU A 79 11.35 7.04 -7.30
C GLU A 79 11.80 7.18 -5.86
N LEU A 80 11.13 6.52 -4.96
CA LEU A 80 11.40 6.61 -3.59
C LEU A 80 12.25 5.44 -3.10
N LYS A 81 13.53 5.51 -3.41
CA LYS A 81 14.46 4.48 -3.00
C LYS A 81 14.68 4.51 -1.49
N SER A 82 14.79 5.71 -0.94
CA SER A 82 15.05 5.90 0.47
C SER A 82 13.91 5.33 1.31
N VAL A 83 12.68 5.63 0.90
CA VAL A 83 11.49 5.13 1.59
C VAL A 83 11.48 3.60 1.60
N ALA A 84 11.80 3.02 0.46
CA ALA A 84 11.85 1.58 0.32
C ALA A 84 12.90 0.98 1.26
N SER A 85 14.07 1.61 1.29
CA SER A 85 15.15 1.14 2.14
C SER A 85 14.84 1.31 3.63
N ASP A 86 14.05 2.34 3.95
CA ASP A 86 13.70 2.63 5.35
C ASP A 86 12.90 1.48 5.95
N TRP A 87 12.05 0.88 5.14
CA TRP A 87 11.24 -0.25 5.56
C TRP A 87 11.89 -1.57 5.20
N ALA A 88 13.13 -1.48 4.68
CA ALA A 88 13.94 -2.65 4.29
C ALA A 88 13.29 -3.43 3.15
N ILE A 89 12.45 -2.77 2.38
CA ILE A 89 11.78 -3.39 1.25
C ILE A 89 12.77 -3.62 0.13
N GLN A 90 13.23 -4.84 0.02
CA GLN A 90 14.21 -5.20 -0.97
C GLN A 90 13.53 -5.83 -2.14
N ALA A 91 12.52 -6.62 -1.87
CA ALA A 91 11.80 -7.31 -2.89
C ALA A 91 10.66 -6.46 -3.42
N MET A 92 10.36 -6.63 -4.67
CA MET A 92 9.32 -5.91 -5.33
C MET A 92 8.46 -6.87 -6.12
N PRO A 93 7.14 -6.70 -6.09
CA PRO A 93 6.49 -5.71 -5.28
C PRO A 93 6.17 -6.25 -3.88
N THR A 94 6.07 -5.40 -2.92
CA THR A 94 5.75 -5.82 -1.59
C THR A 94 4.57 -5.02 -1.08
N PHE A 95 3.57 -5.69 -0.60
CA PHE A 95 2.38 -5.07 -0.13
C PHE A 95 2.40 -5.07 1.36
N MET A 96 2.33 -3.93 1.94
CA MET A 96 2.42 -3.81 3.37
C MET A 96 1.07 -3.40 3.93
N PHE A 97 0.57 -4.21 4.80
CA PHE A 97 -0.69 -4.05 5.42
C PHE A 97 -0.51 -3.66 6.86
N LEU A 98 -0.97 -2.51 7.20
CA LEU A 98 -0.87 -2.07 8.55
C LEU A 98 -2.28 -1.84 9.07
N LYS A 99 -2.40 -1.77 10.34
CA LYS A 99 -3.67 -1.44 10.94
C LYS A 99 -3.41 -0.41 11.99
N GLU A 100 -4.07 0.72 11.86
CA GLU A 100 -3.94 1.87 12.76
C GLU A 100 -2.51 2.45 12.68
N GLY A 101 -1.83 2.13 11.59
CA GLY A 101 -0.46 2.55 11.40
C GLY A 101 0.54 1.53 11.91
N LYS A 102 0.07 0.45 12.51
CA LYS A 102 0.94 -0.61 13.05
C LYS A 102 1.02 -1.74 12.05
N ILE A 103 2.23 -2.23 11.83
CA ILE A 103 2.50 -3.29 10.86
C ILE A 103 1.81 -4.58 11.28
N LEU A 104 1.02 -5.15 10.39
CA LEU A 104 0.41 -6.42 10.64
C LEU A 104 0.87 -7.46 9.66
N ASP A 105 0.67 -7.21 8.40
CA ASP A 105 0.97 -8.19 7.39
C ASP A 105 1.70 -7.55 6.26
N LYS A 106 2.41 -8.35 5.54
CA LYS A 106 3.08 -7.91 4.35
C LYS A 106 3.19 -9.07 3.38
N VAL A 107 3.03 -8.78 2.12
CA VAL A 107 3.10 -9.78 1.09
C VAL A 107 4.29 -9.47 0.20
N VAL A 108 5.20 -10.40 0.12
CA VAL A 108 6.38 -10.22 -0.66
C VAL A 108 6.26 -10.93 -2.01
N GLY A 109 6.28 -10.14 -3.07
CA GLY A 109 6.15 -10.68 -4.40
C GLY A 109 4.75 -10.49 -4.90
N ALA A 110 4.57 -10.43 -6.22
CA ALA A 110 3.24 -10.26 -6.74
C ALA A 110 2.51 -11.58 -6.63
N LYS A 111 1.58 -11.62 -5.73
CA LYS A 111 0.81 -12.79 -5.44
C LYS A 111 -0.65 -12.48 -5.56
N LYS A 112 -1.31 -13.06 -6.53
CA LYS A 112 -2.72 -12.83 -6.72
C LYS A 112 -3.54 -13.45 -5.58
N ASP A 113 -3.28 -14.71 -5.33
CA ASP A 113 -4.05 -15.50 -4.39
C ASP A 113 -3.77 -15.16 -2.94
N GLU A 114 -2.49 -15.10 -2.59
CA GLU A 114 -2.09 -14.85 -1.19
C GLU A 114 -2.50 -13.45 -0.76
N LEU A 115 -2.47 -12.51 -1.71
CA LEU A 115 -2.85 -11.15 -1.44
C LEU A 115 -4.26 -11.14 -0.94
N GLN A 116 -5.12 -11.79 -1.67
CA GLN A 116 -6.55 -11.91 -1.34
C GLN A 116 -6.75 -12.54 0.04
N SER A 117 -5.93 -13.50 0.37
CA SER A 117 -6.05 -14.15 1.66
C SER A 117 -5.63 -13.19 2.77
N THR A 118 -4.72 -12.30 2.44
CA THR A 118 -4.28 -11.28 3.37
C THR A 118 -5.37 -10.19 3.47
N ILE A 119 -6.01 -9.90 2.34
CA ILE A 119 -7.09 -8.92 2.29
C ILE A 119 -8.24 -9.40 3.16
N ALA A 120 -8.63 -10.65 2.96
CA ALA A 120 -9.75 -11.25 3.69
C ALA A 120 -9.47 -11.33 5.19
N LYS A 121 -8.20 -11.49 5.53
CA LYS A 121 -7.75 -11.49 6.90
C LYS A 121 -8.07 -10.16 7.55
N HIS A 122 -7.79 -9.12 6.81
CA HIS A 122 -8.02 -7.78 7.26
C HIS A 122 -9.49 -7.38 7.16
N LEU A 123 -10.17 -7.82 6.11
CA LEU A 123 -11.54 -7.50 5.90
C LEU A 123 -12.42 -8.26 6.89
N ALA A 124 -12.75 -7.58 7.98
CA ALA A 124 -13.58 -8.11 9.04
C ALA A 124 -13.84 -6.99 10.03
N MET A 11 -20.18 12.15 6.30
CA MET A 11 -18.74 12.08 6.20
C MET A 11 -18.42 11.34 4.93
N ALA A 12 -17.62 11.93 4.08
CA ALA A 12 -17.34 11.32 2.81
C ALA A 12 -15.85 11.23 2.55
N SER A 13 -15.43 10.08 2.12
CA SER A 13 -14.06 9.84 1.74
C SER A 13 -14.08 9.22 0.35
N GLU A 14 -13.09 9.54 -0.46
CA GLU A 14 -13.03 9.07 -1.80
C GLU A 14 -12.66 7.59 -1.87
N GLU A 15 -13.36 6.88 -2.72
CA GLU A 15 -13.17 5.46 -2.90
C GLU A 15 -12.37 5.19 -4.16
N GLY A 16 -11.52 4.17 -4.12
CA GLY A 16 -10.75 3.82 -5.29
C GLY A 16 -9.48 4.63 -5.42
N GLN A 17 -9.10 5.28 -4.35
CA GLN A 17 -7.91 6.09 -4.37
C GLN A 17 -6.71 5.40 -3.84
N VAL A 18 -5.69 5.53 -4.58
CA VAL A 18 -4.39 5.03 -4.24
C VAL A 18 -3.47 6.23 -4.16
N ILE A 19 -2.91 6.50 -3.02
CA ILE A 19 -2.07 7.68 -2.91
C ILE A 19 -0.65 7.35 -3.29
N ALA A 20 -0.21 7.91 -4.39
CA ALA A 20 1.11 7.66 -4.89
C ALA A 20 2.07 8.69 -4.35
N CYS A 21 2.92 8.25 -3.47
CA CYS A 21 3.87 9.09 -2.87
C CYS A 21 5.17 8.92 -3.60
N HIS A 22 5.61 9.96 -4.22
CA HIS A 22 6.88 9.95 -4.90
C HIS A 22 7.82 10.81 -4.11
N THR A 23 7.34 11.25 -2.96
CA THR A 23 8.08 12.12 -2.12
C THR A 23 7.92 11.66 -0.69
N VAL A 24 8.94 11.85 0.11
CA VAL A 24 8.88 11.47 1.50
C VAL A 24 7.89 12.39 2.24
N GLU A 25 7.67 13.58 1.69
CA GLU A 25 6.75 14.57 2.23
C GLU A 25 5.32 14.00 2.29
N THR A 26 4.85 13.48 1.17
CA THR A 26 3.53 12.92 1.08
C THR A 26 3.44 11.67 1.96
N TRP A 27 4.48 10.86 1.89
CA TRP A 27 4.60 9.65 2.67
C TRP A 27 4.50 9.95 4.18
N ASN A 28 5.23 10.97 4.61
CA ASN A 28 5.25 11.39 6.01
C ASN A 28 3.86 11.80 6.46
N GLU A 29 3.15 12.53 5.60
CA GLU A 29 1.79 12.98 5.91
C GLU A 29 0.86 11.81 6.06
N GLN A 30 0.94 10.88 5.12
CA GLN A 30 0.10 9.73 5.09
C GLN A 30 0.22 8.85 6.32
N LEU A 31 1.42 8.71 6.83
CA LEU A 31 1.63 7.93 7.99
C LEU A 31 1.02 8.58 9.21
N GLN A 32 1.27 9.86 9.39
CA GLN A 32 0.67 10.60 10.48
C GLN A 32 -0.83 10.57 10.34
N LYS A 33 -1.31 10.76 9.12
CA LYS A 33 -2.72 10.73 8.79
C LYS A 33 -3.34 9.39 9.21
N ALA A 34 -2.65 8.29 8.94
CA ALA A 34 -3.16 6.98 9.30
C ALA A 34 -3.16 6.80 10.81
N ASN A 35 -2.04 7.12 11.41
CA ASN A 35 -1.82 6.96 12.86
C ASN A 35 -2.82 7.79 13.65
N GLU A 36 -2.86 9.06 13.31
CA GLU A 36 -3.68 10.06 13.98
C GLU A 36 -5.17 9.74 13.86
N SER A 37 -5.59 9.33 12.68
CA SER A 37 -6.99 9.06 12.44
C SER A 37 -7.36 7.62 12.83
N LYS A 38 -6.34 6.85 13.27
CA LYS A 38 -6.48 5.47 13.68
C LYS A 38 -6.91 4.60 12.47
N THR A 39 -6.58 5.08 11.30
CA THR A 39 -6.95 4.44 10.09
C THR A 39 -5.90 3.39 9.73
N LEU A 40 -6.36 2.34 9.17
CA LEU A 40 -5.53 1.25 8.75
C LEU A 40 -4.96 1.62 7.36
N VAL A 41 -3.70 1.34 7.12
CA VAL A 41 -3.06 1.72 5.88
C VAL A 41 -2.39 0.51 5.18
N VAL A 42 -2.52 0.44 3.87
CA VAL A 42 -1.90 -0.61 3.08
C VAL A 42 -1.01 0.03 2.04
N VAL A 43 0.25 -0.29 2.08
CA VAL A 43 1.20 0.34 1.20
C VAL A 43 1.92 -0.70 0.37
N ASP A 44 1.98 -0.47 -0.93
CA ASP A 44 2.76 -1.32 -1.82
C ASP A 44 3.95 -0.55 -2.35
N PHE A 45 5.11 -1.07 -2.13
CA PHE A 45 6.32 -0.46 -2.57
C PHE A 45 6.80 -1.15 -3.83
N THR A 46 6.84 -0.41 -4.92
CA THR A 46 7.33 -0.92 -6.16
C THR A 46 7.78 0.24 -7.04
N ALA A 47 8.26 -0.05 -8.20
CA ALA A 47 8.67 0.95 -9.13
C ALA A 47 7.80 0.84 -10.36
N SER A 48 7.49 1.96 -10.98
CA SER A 48 6.61 2.00 -12.15
C SER A 48 7.09 1.13 -13.33
N TRP A 49 8.37 0.79 -13.36
CA TRP A 49 8.93 0.00 -14.45
C TRP A 49 8.82 -1.52 -14.21
N CYS A 50 8.10 -1.90 -13.18
CA CYS A 50 7.91 -3.31 -12.87
C CYS A 50 6.67 -3.86 -13.59
N GLY A 51 6.87 -4.91 -14.37
CA GLY A 51 5.80 -5.52 -15.16
C GLY A 51 4.69 -6.15 -14.32
N PRO A 52 4.97 -7.21 -13.52
CA PRO A 52 3.97 -7.87 -12.66
C PRO A 52 3.33 -6.89 -11.69
N CYS A 53 4.07 -5.89 -11.31
CA CYS A 53 3.62 -4.86 -10.41
C CYS A 53 2.57 -3.99 -11.11
N ARG A 54 2.76 -3.72 -12.37
CA ARG A 54 1.82 -2.96 -13.17
C ARG A 54 0.58 -3.81 -13.43
N PHE A 55 0.79 -5.11 -13.49
CA PHE A 55 -0.25 -6.09 -13.71
C PHE A 55 -1.16 -6.18 -12.47
N ILE A 56 -0.58 -6.04 -11.29
CA ILE A 56 -1.33 -6.15 -10.04
C ILE A 56 -1.88 -4.76 -9.63
N ALA A 57 -1.51 -3.73 -10.38
CA ALA A 57 -1.90 -2.35 -10.08
C ALA A 57 -3.44 -2.14 -10.07
N PRO A 58 -4.21 -2.54 -11.15
CA PRO A 58 -5.66 -2.33 -11.17
C PRO A 58 -6.36 -3.16 -10.10
N PHE A 59 -5.72 -4.24 -9.72
CA PHE A 59 -6.21 -5.16 -8.70
C PHE A 59 -6.10 -4.48 -7.33
N PHE A 60 -4.98 -3.82 -7.10
CA PHE A 60 -4.74 -3.08 -5.87
C PHE A 60 -5.64 -1.84 -5.84
N ALA A 61 -5.89 -1.28 -7.01
CA ALA A 61 -6.80 -0.16 -7.14
C ALA A 61 -8.24 -0.62 -6.87
N ASP A 62 -8.50 -1.89 -7.15
CA ASP A 62 -9.83 -2.50 -6.90
C ASP A 62 -10.00 -2.66 -5.42
N LEU A 63 -8.92 -3.03 -4.80
CA LEU A 63 -8.84 -3.14 -3.38
C LEU A 63 -9.12 -1.77 -2.75
N ALA A 64 -8.52 -0.75 -3.31
CA ALA A 64 -8.72 0.63 -2.88
C ALA A 64 -10.17 1.06 -3.14
N LYS A 65 -10.75 0.51 -4.17
CA LYS A 65 -12.14 0.77 -4.57
C LYS A 65 -13.12 0.19 -3.54
N LYS A 66 -12.79 -0.97 -3.04
CA LYS A 66 -13.66 -1.71 -2.15
C LYS A 66 -13.42 -1.36 -0.67
N LEU A 67 -12.44 -0.49 -0.42
CA LEU A 67 -11.98 -0.10 0.92
C LEU A 67 -13.14 0.15 1.92
N PRO A 68 -13.08 -0.44 3.11
CA PRO A 68 -14.00 -0.09 4.18
C PRO A 68 -13.67 1.32 4.66
N ASN A 69 -12.43 1.46 5.06
CA ASN A 69 -11.82 2.72 5.43
C ASN A 69 -10.33 2.45 5.59
N VAL A 70 -9.68 2.27 4.47
CA VAL A 70 -8.27 1.93 4.45
C VAL A 70 -7.56 2.83 3.47
N LEU A 71 -6.42 3.35 3.88
CA LEU A 71 -5.64 4.17 3.03
C LEU A 71 -4.67 3.29 2.24
N PHE A 72 -4.81 3.28 0.93
CA PHE A 72 -3.90 2.53 0.10
C PHE A 72 -2.92 3.46 -0.53
N LEU A 73 -1.70 3.06 -0.53
CA LEU A 73 -0.63 3.87 -1.05
C LEU A 73 0.20 3.15 -2.07
N LYS A 74 0.73 3.93 -2.96
CA LYS A 74 1.61 3.50 -4.00
C LYS A 74 2.92 4.25 -3.79
N VAL A 75 3.97 3.55 -3.49
CA VAL A 75 5.24 4.19 -3.25
C VAL A 75 6.25 3.70 -4.25
N ASP A 76 6.88 4.63 -4.96
CA ASP A 76 7.88 4.26 -5.94
C ASP A 76 9.21 4.08 -5.25
N THR A 77 9.65 2.84 -5.20
CA THR A 77 10.89 2.48 -4.53
C THR A 77 12.11 2.95 -5.32
N ASP A 78 11.92 3.22 -6.59
CA ASP A 78 13.02 3.64 -7.44
C ASP A 78 13.40 5.05 -7.06
N GLU A 79 12.39 5.87 -6.84
CA GLU A 79 12.55 7.20 -6.35
C GLU A 79 12.92 7.20 -4.87
N LEU A 80 12.02 6.69 -4.04
CA LEU A 80 12.19 6.71 -2.64
C LEU A 80 13.00 5.54 -2.12
N LYS A 81 14.28 5.57 -2.44
CA LYS A 81 15.21 4.53 -2.04
C LYS A 81 15.43 4.55 -0.53
N SER A 82 15.46 5.74 0.04
CA SER A 82 15.65 5.90 1.46
C SER A 82 14.47 5.34 2.24
N VAL A 83 13.28 5.50 1.68
CA VAL A 83 12.08 4.97 2.30
C VAL A 83 12.10 3.45 2.19
N ALA A 84 12.46 2.96 1.01
CA ALA A 84 12.57 1.54 0.77
C ALA A 84 13.55 0.92 1.76
N SER A 85 14.71 1.53 1.91
CA SER A 85 15.75 1.06 2.81
C SER A 85 15.27 1.02 4.27
N ASP A 86 14.52 2.04 4.67
CA ASP A 86 14.03 2.14 6.05
C ASP A 86 13.07 1.00 6.37
N TRP A 87 12.29 0.64 5.39
CA TRP A 87 11.32 -0.41 5.55
C TRP A 87 11.87 -1.75 5.03
N ALA A 88 13.18 -1.78 4.73
CA ALA A 88 13.90 -3.00 4.27
C ALA A 88 13.33 -3.56 2.96
N ILE A 89 12.70 -2.71 2.20
CA ILE A 89 12.09 -3.09 0.95
C ILE A 89 13.13 -3.23 -0.13
N GLN A 90 13.16 -4.37 -0.73
CA GLN A 90 14.09 -4.66 -1.78
C GLN A 90 13.39 -5.40 -2.88
N ALA A 91 12.54 -6.34 -2.51
CA ALA A 91 11.85 -7.14 -3.47
C ALA A 91 10.62 -6.41 -3.97
N MET A 92 10.30 -6.58 -5.22
CA MET A 92 9.23 -5.85 -5.82
C MET A 92 8.20 -6.80 -6.41
N PRO A 93 6.91 -6.55 -6.16
CA PRO A 93 6.44 -5.49 -5.30
C PRO A 93 6.23 -6.01 -3.86
N THR A 94 6.29 -5.14 -2.88
CA THR A 94 6.00 -5.57 -1.55
C THR A 94 4.78 -4.84 -1.01
N PHE A 95 3.81 -5.60 -0.56
CA PHE A 95 2.60 -5.07 -0.04
C PHE A 95 2.67 -5.19 1.45
N MET A 96 2.58 -4.11 2.13
CA MET A 96 2.63 -4.14 3.56
C MET A 96 1.32 -3.68 4.13
N PHE A 97 0.76 -4.53 4.92
CA PHE A 97 -0.46 -4.29 5.56
C PHE A 97 -0.19 -3.92 6.99
N LEU A 98 -0.54 -2.74 7.35
CA LEU A 98 -0.34 -2.31 8.68
C LEU A 98 -1.60 -1.62 9.16
N LYS A 99 -1.76 -1.52 10.43
CA LYS A 99 -2.96 -0.97 10.96
C LYS A 99 -2.65 0.04 12.00
N GLU A 100 -3.21 1.22 11.81
CA GLU A 100 -3.01 2.38 12.67
C GLU A 100 -1.55 2.87 12.58
N GLY A 101 -0.84 2.42 11.57
CA GLY A 101 0.57 2.75 11.41
C GLY A 101 1.48 1.68 12.05
N LYS A 102 0.86 0.68 12.67
CA LYS A 102 1.59 -0.44 13.29
C LYS A 102 1.56 -1.63 12.33
N ILE A 103 2.71 -2.22 12.08
CA ILE A 103 2.84 -3.31 11.09
C ILE A 103 2.14 -4.59 11.53
N LEU A 104 1.33 -5.16 10.64
CA LEU A 104 0.65 -6.40 10.90
C LEU A 104 1.28 -7.53 10.10
N ASP A 105 1.17 -7.42 8.80
CA ASP A 105 1.62 -8.46 7.88
C ASP A 105 1.97 -7.88 6.54
N LYS A 106 2.77 -8.58 5.80
CA LYS A 106 3.19 -8.14 4.51
C LYS A 106 3.27 -9.29 3.51
N VAL A 107 2.93 -9.01 2.30
CA VAL A 107 2.98 -9.98 1.23
C VAL A 107 4.01 -9.50 0.22
N VAL A 108 5.01 -10.29 -0.02
CA VAL A 108 6.03 -9.91 -0.95
C VAL A 108 5.83 -10.63 -2.28
N GLY A 109 5.80 -9.88 -3.35
CA GLY A 109 5.59 -10.44 -4.66
C GLY A 109 4.16 -10.27 -5.06
N ALA A 110 3.90 -10.10 -6.34
CA ALA A 110 2.55 -9.93 -6.78
C ALA A 110 1.86 -11.26 -6.78
N LYS A 111 0.98 -11.44 -5.84
CA LYS A 111 0.23 -12.63 -5.71
C LYS A 111 -1.22 -12.27 -5.67
N LYS A 112 -2.00 -12.60 -6.67
CA LYS A 112 -3.38 -12.25 -6.68
C LYS A 112 -4.18 -13.02 -5.62
N ASP A 113 -4.01 -14.32 -5.61
CA ASP A 113 -4.81 -15.19 -4.75
C ASP A 113 -4.49 -15.00 -3.28
N GLU A 114 -3.21 -15.02 -2.93
CA GLU A 114 -2.83 -14.85 -1.53
C GLU A 114 -3.18 -13.45 -1.04
N LEU A 115 -3.15 -12.49 -1.94
CA LEU A 115 -3.48 -11.12 -1.60
C LEU A 115 -4.91 -11.06 -1.12
N GLN A 116 -5.79 -11.66 -1.91
CA GLN A 116 -7.22 -11.76 -1.56
C GLN A 116 -7.43 -12.48 -0.26
N SER A 117 -6.65 -13.51 -0.04
CA SER A 117 -6.75 -14.28 1.18
C SER A 117 -6.28 -13.46 2.37
N THR A 118 -5.30 -12.62 2.13
CA THR A 118 -4.77 -11.72 3.13
C THR A 118 -5.80 -10.62 3.42
N ILE A 119 -6.47 -10.13 2.37
CA ILE A 119 -7.52 -9.14 2.53
C ILE A 119 -8.62 -9.71 3.42
N ALA A 120 -9.06 -10.91 3.10
CA ALA A 120 -10.11 -11.58 3.88
C ALA A 120 -9.63 -11.92 5.29
N LYS A 121 -8.34 -12.17 5.42
CA LYS A 121 -7.72 -12.46 6.71
C LYS A 121 -7.84 -11.24 7.61
N HIS A 122 -7.66 -10.09 7.00
CA HIS A 122 -7.84 -8.82 7.66
C HIS A 122 -9.32 -8.50 7.90
N LEU A 123 -10.12 -8.66 6.87
CA LEU A 123 -11.50 -8.36 6.93
C LEU A 123 -12.31 -9.51 7.47
N ALA A 124 -12.52 -9.50 8.76
CA ALA A 124 -13.32 -10.53 9.39
C ALA A 124 -14.77 -10.09 9.41
N MET A 11 -22.91 4.62 -1.61
CA MET A 11 -21.44 4.73 -1.47
C MET A 11 -20.99 6.17 -1.38
N ALA A 12 -20.61 6.55 -0.20
CA ALA A 12 -20.13 7.87 0.08
C ALA A 12 -18.61 7.88 -0.07
N SER A 13 -17.96 8.85 0.56
CA SER A 13 -16.52 8.95 0.62
C SER A 13 -15.89 9.54 -0.66
N GLU A 14 -14.69 10.03 -0.49
CA GLU A 14 -13.89 10.66 -1.53
C GLU A 14 -12.80 9.66 -1.94
N GLU A 15 -12.90 8.49 -1.38
CA GLU A 15 -11.97 7.41 -1.55
C GLU A 15 -12.20 6.68 -2.88
N GLY A 16 -11.58 5.54 -3.02
CA GLY A 16 -11.58 4.87 -4.29
C GLY A 16 -10.37 5.23 -5.09
N GLN A 17 -9.42 5.81 -4.41
CA GLN A 17 -8.16 6.19 -4.98
C GLN A 17 -7.06 5.92 -4.04
N VAL A 18 -5.93 5.66 -4.58
CA VAL A 18 -4.75 5.39 -3.84
C VAL A 18 -3.86 6.63 -3.83
N ILE A 19 -3.23 6.95 -2.71
CA ILE A 19 -2.41 8.12 -2.70
C ILE A 19 -0.95 7.75 -2.91
N ALA A 20 -0.40 8.15 -4.02
CA ALA A 20 0.97 7.90 -4.32
C ALA A 20 1.82 9.00 -3.74
N CYS A 21 2.64 8.65 -2.79
CA CYS A 21 3.50 9.61 -2.19
C CYS A 21 4.79 9.65 -2.97
N HIS A 22 5.21 10.83 -3.34
CA HIS A 22 6.44 10.96 -4.10
C HIS A 22 7.53 11.52 -3.25
N THR A 23 7.22 11.68 -1.98
CA THR A 23 8.15 12.22 -1.03
C THR A 23 7.98 11.51 0.29
N VAL A 24 8.98 11.56 1.15
CA VAL A 24 8.84 11.02 2.48
C VAL A 24 7.99 12.00 3.32
N GLU A 25 7.96 13.25 2.85
CA GLU A 25 7.18 14.35 3.43
C GLU A 25 5.70 13.97 3.51
N THR A 26 5.14 13.52 2.39
CA THR A 26 3.76 13.10 2.35
C THR A 26 3.60 11.73 3.05
N TRP A 27 4.60 10.89 2.87
CA TRP A 27 4.62 9.54 3.46
C TRP A 27 4.42 9.57 4.98
N ASN A 28 5.24 10.33 5.67
CA ASN A 28 5.19 10.43 7.14
C ASN A 28 3.87 11.02 7.56
N GLU A 29 3.42 12.00 6.80
CA GLU A 29 2.20 12.72 7.07
C GLU A 29 0.97 11.79 7.02
N GLN A 30 0.92 10.93 6.00
CA GLN A 30 -0.16 10.03 5.82
C GLN A 30 -0.24 9.02 6.96
N LEU A 31 0.91 8.54 7.40
CA LEU A 31 0.99 7.63 8.48
C LEU A 31 0.59 8.29 9.78
N GLN A 32 1.11 9.48 10.00
CA GLN A 32 0.79 10.26 11.18
C GLN A 32 -0.71 10.51 11.24
N LYS A 33 -1.31 10.79 10.09
CA LYS A 33 -2.72 11.03 10.00
C LYS A 33 -3.50 9.73 10.23
N ALA A 34 -3.00 8.62 9.69
CA ALA A 34 -3.66 7.33 9.86
C ALA A 34 -3.66 6.93 11.32
N ASN A 35 -2.54 7.20 11.98
CA ASN A 35 -2.38 6.91 13.41
C ASN A 35 -3.36 7.72 14.21
N GLU A 36 -3.37 9.00 13.91
CA GLU A 36 -4.24 9.99 14.56
C GLU A 36 -5.70 9.61 14.39
N SER A 37 -6.05 9.15 13.23
CA SER A 37 -7.39 8.80 12.92
C SER A 37 -7.71 7.36 13.33
N LYS A 38 -6.69 6.64 13.84
CA LYS A 38 -6.80 5.23 14.25
C LYS A 38 -7.33 4.36 13.11
N THR A 39 -7.03 4.78 11.90
CA THR A 39 -7.52 4.13 10.73
C THR A 39 -6.42 3.27 10.12
N LEU A 40 -6.81 2.18 9.56
CA LEU A 40 -5.90 1.24 8.97
C LEU A 40 -5.42 1.79 7.61
N VAL A 41 -4.15 1.60 7.34
CA VAL A 41 -3.53 2.09 6.15
C VAL A 41 -2.81 0.93 5.45
N VAL A 42 -2.79 0.95 4.15
CA VAL A 42 -2.16 -0.10 3.39
C VAL A 42 -1.21 0.49 2.36
N VAL A 43 -0.02 -0.03 2.28
CA VAL A 43 0.99 0.53 1.40
C VAL A 43 1.48 -0.48 0.37
N ASP A 44 1.57 -0.03 -0.86
CA ASP A 44 2.13 -0.78 -1.97
C ASP A 44 3.50 -0.24 -2.35
N PHE A 45 4.50 -1.09 -2.36
CA PHE A 45 5.78 -0.73 -2.84
C PHE A 45 6.01 -1.52 -4.11
N THR A 46 6.13 -0.85 -5.22
CA THR A 46 6.31 -1.55 -6.46
C THR A 46 7.09 -0.67 -7.46
N ALA A 47 7.36 -1.23 -8.62
CA ALA A 47 8.09 -0.55 -9.67
C ALA A 47 7.39 -0.79 -11.00
N SER A 48 7.28 0.25 -11.80
CA SER A 48 6.57 0.20 -13.06
C SER A 48 7.35 -0.60 -14.11
N TRP A 49 8.65 -0.78 -13.88
CA TRP A 49 9.49 -1.53 -14.80
C TRP A 49 9.46 -3.03 -14.52
N CYS A 50 8.79 -3.39 -13.46
CA CYS A 50 8.65 -4.78 -13.09
C CYS A 50 7.31 -5.28 -13.60
N GLY A 51 7.35 -6.34 -14.39
CA GLY A 51 6.15 -6.89 -15.04
C GLY A 51 5.00 -7.22 -14.08
N PRO A 52 5.14 -8.29 -13.26
CA PRO A 52 4.09 -8.71 -12.30
C PRO A 52 3.74 -7.58 -11.34
N CYS A 53 4.72 -6.76 -11.07
CA CYS A 53 4.60 -5.65 -10.17
C CYS A 53 3.68 -4.57 -10.76
N ARG A 54 3.79 -4.36 -12.04
CA ARG A 54 2.99 -3.37 -12.75
C ARG A 54 1.60 -3.95 -12.98
N PHE A 55 1.55 -5.23 -13.28
CA PHE A 55 0.31 -5.94 -13.57
C PHE A 55 -0.60 -6.05 -12.32
N ILE A 56 0.00 -6.01 -11.14
CA ILE A 56 -0.77 -6.19 -9.91
C ILE A 56 -1.31 -4.81 -9.41
N ALA A 57 -0.65 -3.75 -9.84
CA ALA A 57 -0.95 -2.37 -9.38
C ALA A 57 -2.42 -1.91 -9.61
N PRO A 58 -3.03 -2.10 -10.83
CA PRO A 58 -4.43 -1.68 -11.09
C PRO A 58 -5.44 -2.32 -10.12
N PHE A 59 -5.09 -3.49 -9.63
CA PHE A 59 -5.92 -4.22 -8.68
C PHE A 59 -5.94 -3.51 -7.32
N PHE A 60 -4.79 -2.99 -6.93
CA PHE A 60 -4.66 -2.29 -5.66
C PHE A 60 -5.44 -0.97 -5.70
N ALA A 61 -5.50 -0.37 -6.88
CA ALA A 61 -6.29 0.84 -7.09
C ALA A 61 -7.78 0.54 -6.96
N ASP A 62 -8.17 -0.69 -7.32
CA ASP A 62 -9.57 -1.14 -7.23
C ASP A 62 -9.93 -1.39 -5.82
N LEU A 63 -9.02 -2.02 -5.14
CA LEU A 63 -9.13 -2.31 -3.74
C LEU A 63 -9.44 -1.05 -2.94
N ALA A 64 -8.85 0.08 -3.36
CA ALA A 64 -9.06 1.37 -2.72
C ALA A 64 -10.52 1.78 -2.76
N LYS A 65 -11.22 1.39 -3.80
CA LYS A 65 -12.63 1.69 -3.96
C LYS A 65 -13.47 0.73 -3.13
N LYS A 66 -12.99 -0.48 -2.98
CA LYS A 66 -13.72 -1.52 -2.30
C LYS A 66 -13.68 -1.32 -0.78
N LEU A 67 -12.60 -0.71 -0.29
CA LEU A 67 -12.45 -0.44 1.10
C LEU A 67 -12.27 1.06 1.37
N PRO A 68 -13.37 1.81 1.45
CA PRO A 68 -13.35 3.27 1.73
C PRO A 68 -12.83 3.62 3.14
N ASN A 69 -12.85 2.65 4.04
CA ASN A 69 -12.42 2.91 5.42
C ASN A 69 -10.92 2.60 5.58
N VAL A 70 -10.26 2.35 4.48
CA VAL A 70 -8.84 2.05 4.49
C VAL A 70 -8.09 3.05 3.62
N LEU A 71 -6.99 3.56 4.12
CA LEU A 71 -6.19 4.45 3.36
C LEU A 71 -5.16 3.66 2.57
N PHE A 72 -5.26 3.71 1.28
CA PHE A 72 -4.33 3.02 0.41
C PHE A 72 -3.29 4.01 -0.05
N LEU A 73 -2.08 3.58 -0.07
CA LEU A 73 -0.96 4.40 -0.45
C LEU A 73 -0.05 3.64 -1.38
N LYS A 74 0.46 4.34 -2.35
CA LYS A 74 1.25 3.74 -3.36
C LYS A 74 2.63 4.38 -3.33
N VAL A 75 3.65 3.56 -3.28
CA VAL A 75 5.02 4.00 -3.28
C VAL A 75 5.76 3.44 -4.49
N ASP A 76 6.55 4.26 -5.12
CA ASP A 76 7.36 3.81 -6.22
C ASP A 76 8.79 3.72 -5.77
N THR A 77 9.35 2.52 -5.85
CA THR A 77 10.70 2.27 -5.37
C THR A 77 11.79 2.87 -6.28
N ASP A 78 11.42 3.33 -7.45
CA ASP A 78 12.40 3.98 -8.30
C ASP A 78 12.59 5.40 -7.84
N GLU A 79 11.47 6.05 -7.62
CA GLU A 79 11.44 7.38 -7.11
C GLU A 79 11.87 7.43 -5.63
N LEU A 80 11.17 6.69 -4.78
CA LEU A 80 11.44 6.65 -3.38
C LEU A 80 12.34 5.49 -3.03
N LYS A 81 13.41 5.39 -3.77
CA LYS A 81 14.41 4.33 -3.65
C LYS A 81 14.97 4.36 -2.19
N SER A 82 15.22 5.56 -1.70
CA SER A 82 15.74 5.75 -0.36
C SER A 82 14.76 5.26 0.72
N VAL A 83 13.48 5.56 0.54
CA VAL A 83 12.44 5.16 1.49
C VAL A 83 12.23 3.65 1.41
N ALA A 84 12.26 3.13 0.21
CA ALA A 84 12.12 1.69 0.00
C ALA A 84 13.30 0.95 0.59
N SER A 85 14.46 1.59 0.58
CA SER A 85 15.65 1.02 1.16
C SER A 85 15.55 1.11 2.69
N ASP A 86 14.96 2.20 3.17
CA ASP A 86 14.81 2.45 4.61
C ASP A 86 13.87 1.43 5.25
N TRP A 87 12.83 1.07 4.50
CA TRP A 87 11.89 0.04 4.94
C TRP A 87 12.35 -1.34 4.52
N ALA A 88 13.48 -1.37 3.83
CA ALA A 88 14.11 -2.58 3.34
C ALA A 88 13.20 -3.44 2.47
N ILE A 89 12.91 -2.93 1.30
CA ILE A 89 12.10 -3.63 0.33
C ILE A 89 13.01 -4.08 -0.81
N GLN A 90 13.34 -5.36 -0.81
CA GLN A 90 14.22 -5.91 -1.81
C GLN A 90 13.44 -6.48 -2.98
N ALA A 91 12.29 -7.04 -2.68
CA ALA A 91 11.50 -7.70 -3.69
C ALA A 91 10.23 -6.93 -3.95
N MET A 92 9.92 -6.76 -5.20
CA MET A 92 8.76 -6.06 -5.59
C MET A 92 7.72 -7.01 -6.15
N PRO A 93 6.45 -6.75 -5.94
CA PRO A 93 5.97 -5.65 -5.11
C PRO A 93 5.72 -6.11 -3.67
N THR A 94 5.79 -5.23 -2.75
CA THR A 94 5.48 -5.56 -1.40
C THR A 94 4.24 -4.81 -0.97
N PHE A 95 3.26 -5.52 -0.51
CA PHE A 95 2.08 -4.94 -0.02
C PHE A 95 2.12 -5.06 1.47
N MET A 96 2.07 -3.96 2.13
CA MET A 96 2.16 -3.97 3.55
C MET A 96 0.84 -3.56 4.15
N PHE A 97 0.31 -4.44 4.95
CA PHE A 97 -0.89 -4.23 5.62
C PHE A 97 -0.58 -3.88 7.05
N LEU A 98 -0.96 -2.73 7.42
CA LEU A 98 -0.68 -2.25 8.70
C LEU A 98 -1.91 -1.54 9.23
N LYS A 99 -1.97 -1.30 10.50
CA LYS A 99 -3.13 -0.67 11.05
C LYS A 99 -2.71 0.45 11.92
N GLU A 100 -3.24 1.62 11.61
CA GLU A 100 -2.93 2.89 12.25
C GLU A 100 -1.52 3.33 11.88
N GLY A 101 -0.91 2.64 10.96
CA GLY A 101 0.47 2.89 10.64
C GLY A 101 1.41 1.99 11.45
N LYS A 102 0.82 1.02 12.14
CA LYS A 102 1.58 0.02 12.89
C LYS A 102 1.56 -1.27 12.08
N ILE A 103 2.71 -1.86 11.87
CA ILE A 103 2.86 -3.01 10.97
C ILE A 103 2.12 -4.25 11.50
N LEU A 104 1.33 -4.88 10.63
CA LEU A 104 0.63 -6.07 10.96
C LEU A 104 1.17 -7.24 10.16
N ASP A 105 0.95 -7.21 8.87
CA ASP A 105 1.36 -8.29 7.98
C ASP A 105 1.60 -7.77 6.60
N LYS A 106 2.38 -8.47 5.84
CA LYS A 106 2.74 -8.02 4.52
C LYS A 106 2.91 -9.15 3.52
N VAL A 107 2.79 -8.81 2.26
CA VAL A 107 2.97 -9.76 1.19
C VAL A 107 4.17 -9.32 0.40
N VAL A 108 5.17 -10.15 0.32
CA VAL A 108 6.33 -9.84 -0.44
C VAL A 108 6.32 -10.61 -1.76
N GLY A 109 6.23 -9.89 -2.84
CA GLY A 109 6.18 -10.49 -4.15
C GLY A 109 4.76 -10.52 -4.66
N ALA A 110 4.59 -10.70 -5.93
CA ALA A 110 3.27 -10.72 -6.51
C ALA A 110 2.73 -12.12 -6.54
N LYS A 111 1.76 -12.36 -5.70
CA LYS A 111 1.06 -13.59 -5.67
C LYS A 111 -0.38 -13.26 -5.84
N LYS A 112 -1.01 -13.83 -6.81
CA LYS A 112 -2.37 -13.55 -7.07
C LYS A 112 -3.26 -14.12 -5.95
N ASP A 113 -3.05 -15.39 -5.63
CA ASP A 113 -3.83 -16.10 -4.61
C ASP A 113 -3.47 -15.65 -3.19
N GLU A 114 -2.18 -15.62 -2.90
CA GLU A 114 -1.68 -15.25 -1.56
C GLU A 114 -2.07 -13.81 -1.19
N LEU A 115 -2.19 -12.95 -2.19
CA LEU A 115 -2.61 -11.59 -1.94
C LEU A 115 -4.02 -11.62 -1.43
N GLN A 116 -4.87 -12.33 -2.14
CA GLN A 116 -6.28 -12.51 -1.77
C GLN A 116 -6.41 -13.04 -0.35
N SER A 117 -5.55 -13.96 0.01
CA SER A 117 -5.56 -14.55 1.34
C SER A 117 -5.26 -13.49 2.41
N THR A 118 -4.34 -12.61 2.09
CA THR A 118 -3.95 -11.56 2.98
C THR A 118 -5.05 -10.48 3.03
N ILE A 119 -5.74 -10.30 1.92
CA ILE A 119 -6.84 -9.37 1.86
C ILE A 119 -8.02 -9.92 2.66
N ALA A 120 -8.29 -11.21 2.51
CA ALA A 120 -9.38 -11.88 3.24
C ALA A 120 -9.12 -11.84 4.74
N LYS A 121 -7.85 -11.85 5.09
CA LYS A 121 -7.40 -11.77 6.46
C LYS A 121 -7.88 -10.47 7.10
N HIS A 122 -7.80 -9.40 6.34
CA HIS A 122 -8.21 -8.10 6.79
C HIS A 122 -9.62 -7.73 6.28
N LEU A 123 -10.28 -8.64 5.60
CA LEU A 123 -11.56 -8.37 5.05
C LEU A 123 -12.62 -8.39 6.14
N ALA A 124 -13.36 -7.32 6.23
CA ALA A 124 -14.43 -7.19 7.18
C ALA A 124 -15.60 -6.53 6.47
N MET A 11 -22.76 11.17 -0.90
CA MET A 11 -21.32 10.92 -0.97
C MET A 11 -20.80 10.92 -2.42
N ALA A 12 -20.49 12.08 -2.91
CA ALA A 12 -19.98 12.21 -4.25
C ALA A 12 -18.60 12.81 -4.21
N SER A 13 -17.62 11.96 -4.31
CA SER A 13 -16.22 12.34 -4.30
C SER A 13 -15.44 11.21 -4.97
N GLU A 14 -14.16 11.36 -5.17
CA GLU A 14 -13.35 10.35 -5.78
C GLU A 14 -13.16 9.19 -4.80
N GLU A 15 -13.70 8.06 -5.14
CA GLU A 15 -13.66 6.90 -4.28
C GLU A 15 -12.96 5.79 -5.12
N GLY A 16 -12.37 4.79 -4.49
CA GLY A 16 -11.55 3.88 -5.24
C GLY A 16 -10.15 4.41 -5.41
N GLN A 17 -9.80 5.36 -4.56
CA GLN A 17 -8.55 6.06 -4.70
C GLN A 17 -7.42 5.44 -3.95
N VAL A 18 -6.32 5.50 -4.58
CA VAL A 18 -5.05 5.08 -4.04
C VAL A 18 -4.15 6.31 -4.01
N ILE A 19 -3.52 6.61 -2.88
CA ILE A 19 -2.66 7.78 -2.85
C ILE A 19 -1.27 7.43 -3.35
N ALA A 20 -0.91 7.97 -4.47
CA ALA A 20 0.38 7.75 -5.05
C ALA A 20 1.36 8.76 -4.51
N CYS A 21 2.33 8.28 -3.78
CA CYS A 21 3.28 9.11 -3.18
C CYS A 21 4.59 9.03 -3.95
N HIS A 22 5.11 10.18 -4.30
CA HIS A 22 6.38 10.26 -4.97
C HIS A 22 7.31 11.11 -4.15
N THR A 23 6.88 11.45 -2.96
CA THR A 23 7.64 12.31 -2.10
C THR A 23 7.64 11.77 -0.68
N VAL A 24 8.75 11.96 0.03
CA VAL A 24 8.86 11.48 1.39
C VAL A 24 7.99 12.33 2.31
N GLU A 25 7.72 13.56 1.90
CA GLU A 25 6.82 14.47 2.60
C GLU A 25 5.44 13.84 2.70
N THR A 26 4.92 13.43 1.56
CA THR A 26 3.62 12.81 1.49
C THR A 26 3.62 11.49 2.28
N TRP A 27 4.66 10.71 2.09
CA TRP A 27 4.85 9.44 2.79
C TRP A 27 4.81 9.63 4.31
N ASN A 28 5.62 10.53 4.79
CA ASN A 28 5.77 10.80 6.21
C ASN A 28 4.46 11.33 6.77
N GLU A 29 3.88 12.30 6.08
CA GLU A 29 2.66 12.95 6.52
C GLU A 29 1.50 11.98 6.59
N GLN A 30 1.32 11.15 5.56
CA GLN A 30 0.27 10.21 5.52
C GLN A 30 0.35 9.20 6.64
N LEU A 31 1.56 8.76 6.97
CA LEU A 31 1.73 7.85 8.02
C LEU A 31 1.45 8.49 9.36
N GLN A 32 1.95 9.69 9.54
CA GLN A 32 1.74 10.42 10.76
C GLN A 32 0.24 10.65 10.96
N LYS A 33 -0.43 11.02 9.88
CA LYS A 33 -1.85 11.26 9.87
C LYS A 33 -2.62 9.98 10.19
N ALA A 34 -2.23 8.86 9.56
CA ALA A 34 -2.91 7.60 9.77
C ALA A 34 -2.69 7.09 11.18
N ASN A 35 -1.47 7.26 11.66
CA ASN A 35 -1.06 6.83 12.99
C ASN A 35 -1.88 7.55 14.04
N GLU A 36 -1.87 8.85 13.93
CA GLU A 36 -2.55 9.74 14.83
C GLU A 36 -4.08 9.55 14.80
N SER A 37 -4.64 9.42 13.61
CA SER A 37 -6.08 9.31 13.46
C SER A 37 -6.57 7.86 13.62
N LYS A 38 -5.64 6.93 13.87
CA LYS A 38 -5.97 5.50 14.03
C LYS A 38 -6.54 4.89 12.76
N THR A 39 -6.21 5.49 11.65
CA THR A 39 -6.69 5.03 10.40
C THR A 39 -5.82 3.86 9.96
N LEU A 40 -6.43 2.92 9.33
CA LEU A 40 -5.75 1.76 8.88
C LEU A 40 -5.11 2.12 7.53
N VAL A 41 -3.84 1.83 7.38
CA VAL A 41 -3.10 2.24 6.23
C VAL A 41 -2.46 1.05 5.51
N VAL A 42 -2.54 1.05 4.21
CA VAL A 42 -1.96 0.00 3.40
C VAL A 42 -1.05 0.61 2.33
N VAL A 43 0.13 0.08 2.19
CA VAL A 43 1.09 0.64 1.26
C VAL A 43 1.52 -0.38 0.21
N ASP A 44 1.48 0.05 -1.02
CA ASP A 44 1.98 -0.71 -2.15
C ASP A 44 3.31 -0.13 -2.62
N PHE A 45 4.37 -0.86 -2.43
CA PHE A 45 5.66 -0.43 -2.89
C PHE A 45 5.88 -1.00 -4.28
N THR A 46 6.02 -0.14 -5.24
CA THR A 46 6.13 -0.56 -6.61
C THR A 46 7.06 0.38 -7.39
N ALA A 47 7.39 -0.03 -8.59
CA ALA A 47 8.21 0.75 -9.48
C ALA A 47 7.60 0.71 -10.87
N SER A 48 7.72 1.81 -11.58
CA SER A 48 7.17 1.97 -12.91
C SER A 48 7.77 0.95 -13.89
N TRP A 49 8.99 0.55 -13.65
CA TRP A 49 9.70 -0.38 -14.52
C TRP A 49 9.48 -1.84 -14.11
N CYS A 50 8.59 -2.07 -13.17
CA CYS A 50 8.31 -3.43 -12.72
C CYS A 50 7.05 -3.97 -13.38
N GLY A 51 7.21 -5.10 -14.07
CA GLY A 51 6.11 -5.74 -14.78
C GLY A 51 5.03 -6.30 -13.85
N PRO A 52 5.38 -7.29 -12.97
CA PRO A 52 4.42 -7.87 -12.01
C PRO A 52 3.71 -6.82 -11.19
N CYS A 53 4.44 -5.79 -10.83
CA CYS A 53 3.93 -4.69 -10.04
C CYS A 53 2.88 -3.90 -10.83
N ARG A 54 3.19 -3.66 -12.09
CA ARG A 54 2.31 -2.93 -13.00
C ARG A 54 1.05 -3.75 -13.27
N PHE A 55 1.21 -5.06 -13.26
CA PHE A 55 0.13 -6.00 -13.51
C PHE A 55 -0.78 -6.17 -12.27
N ILE A 56 -0.22 -6.07 -11.08
CA ILE A 56 -1.00 -6.28 -9.87
C ILE A 56 -1.66 -4.95 -9.44
N ALA A 57 -1.15 -3.87 -9.99
CA ALA A 57 -1.61 -2.53 -9.71
C ALA A 57 -3.16 -2.34 -9.87
N PRO A 58 -3.80 -2.75 -11.02
CA PRO A 58 -5.25 -2.61 -11.19
C PRO A 58 -6.04 -3.40 -10.14
N PHE A 59 -5.46 -4.50 -9.69
CA PHE A 59 -6.10 -5.35 -8.70
C PHE A 59 -6.11 -4.64 -7.34
N PHE A 60 -5.00 -3.97 -7.03
CA PHE A 60 -4.87 -3.19 -5.79
C PHE A 60 -5.76 -1.95 -5.85
N ALA A 61 -5.91 -1.39 -7.04
CA ALA A 61 -6.79 -0.25 -7.23
C ALA A 61 -8.25 -0.68 -7.04
N ASP A 62 -8.53 -1.91 -7.46
CA ASP A 62 -9.87 -2.51 -7.32
C ASP A 62 -10.17 -2.74 -5.87
N LEU A 63 -9.14 -3.03 -5.14
CA LEU A 63 -9.19 -3.16 -3.72
C LEU A 63 -9.58 -1.84 -3.06
N ALA A 64 -8.96 -0.75 -3.47
CA ALA A 64 -9.29 0.59 -2.95
C ALA A 64 -10.72 0.96 -3.30
N LYS A 65 -11.13 0.49 -4.45
CA LYS A 65 -12.47 0.65 -4.98
C LYS A 65 -13.51 -0.06 -4.10
N LYS A 66 -13.10 -1.12 -3.45
CA LYS A 66 -14.01 -1.88 -2.61
C LYS A 66 -13.94 -1.50 -1.14
N LEU A 67 -12.77 -1.10 -0.68
CA LEU A 67 -12.59 -0.71 0.69
C LEU A 67 -12.38 0.80 0.80
N PRO A 68 -13.45 1.57 1.08
CA PRO A 68 -13.38 3.02 1.15
C PRO A 68 -12.95 3.53 2.53
N ASN A 69 -12.94 2.64 3.52
CA ASN A 69 -12.57 3.05 4.87
C ASN A 69 -11.07 2.88 5.06
N VAL A 70 -10.49 2.02 4.26
CA VAL A 70 -9.07 1.79 4.29
C VAL A 70 -8.41 2.75 3.33
N LEU A 71 -7.34 3.38 3.75
CA LEU A 71 -6.67 4.32 2.92
C LEU A 71 -5.49 3.60 2.26
N PHE A 72 -5.54 3.48 0.96
CA PHE A 72 -4.51 2.76 0.21
C PHE A 72 -3.49 3.75 -0.34
N LEU A 73 -2.26 3.35 -0.34
CA LEU A 73 -1.18 4.15 -0.86
C LEU A 73 -0.37 3.37 -1.85
N LYS A 74 0.15 4.07 -2.79
CA LYS A 74 0.98 3.52 -3.81
C LYS A 74 2.24 4.34 -3.83
N VAL A 75 3.33 3.72 -3.51
CA VAL A 75 4.57 4.42 -3.38
C VAL A 75 5.58 3.95 -4.40
N ASP A 76 6.16 4.89 -5.11
CA ASP A 76 7.20 4.57 -6.05
C ASP A 76 8.47 4.33 -5.28
N THR A 77 8.76 3.07 -5.07
CA THR A 77 9.89 2.66 -4.28
C THR A 77 11.22 2.88 -5.01
N ASP A 78 11.14 3.22 -6.28
CA ASP A 78 12.33 3.49 -7.06
C ASP A 78 12.85 4.86 -6.69
N GLU A 79 11.94 5.80 -6.62
CA GLU A 79 12.24 7.13 -6.17
C GLU A 79 12.58 7.14 -4.70
N LEU A 80 11.67 6.65 -3.88
CA LEU A 80 11.85 6.60 -2.46
C LEU A 80 12.70 5.39 -2.05
N LYS A 81 13.82 5.24 -2.72
CA LYS A 81 14.73 4.13 -2.50
C LYS A 81 15.39 4.13 -1.10
N SER A 82 15.57 5.30 -0.51
CA SER A 82 16.18 5.38 0.81
C SER A 82 15.17 4.92 1.85
N VAL A 83 13.90 5.14 1.54
CA VAL A 83 12.82 4.68 2.38
C VAL A 83 12.72 3.16 2.27
N ALA A 84 12.85 2.68 1.04
CA ALA A 84 12.80 1.25 0.73
C ALA A 84 13.84 0.47 1.53
N SER A 85 15.08 0.94 1.52
CA SER A 85 16.16 0.30 2.24
C SER A 85 15.88 0.23 3.75
N ASP A 86 15.25 1.26 4.27
CA ASP A 86 14.99 1.33 5.70
C ASP A 86 13.87 0.38 6.08
N TRP A 87 12.88 0.25 5.22
CA TRP A 87 11.76 -0.64 5.44
C TRP A 87 12.01 -2.06 4.92
N ALA A 88 13.27 -2.34 4.52
CA ALA A 88 13.70 -3.67 4.06
C ALA A 88 13.00 -4.10 2.77
N ILE A 89 12.62 -3.13 1.98
CA ILE A 89 11.95 -3.39 0.73
C ILE A 89 13.01 -3.62 -0.36
N GLN A 90 13.27 -4.87 -0.65
CA GLN A 90 14.25 -5.22 -1.64
C GLN A 90 13.64 -5.93 -2.84
N ALA A 91 12.39 -6.33 -2.69
CA ALA A 91 11.68 -7.01 -3.74
C ALA A 91 10.36 -6.31 -4.00
N MET A 92 9.94 -6.30 -5.22
CA MET A 92 8.74 -5.61 -5.60
C MET A 92 7.75 -6.57 -6.23
N PRO A 93 6.45 -6.35 -6.03
CA PRO A 93 5.93 -5.30 -5.17
C PRO A 93 5.76 -5.77 -3.74
N THR A 94 5.80 -4.87 -2.81
CA THR A 94 5.56 -5.24 -1.46
C THR A 94 4.31 -4.54 -0.98
N PHE A 95 3.38 -5.30 -0.47
CA PHE A 95 2.17 -4.78 0.04
C PHE A 95 2.28 -4.84 1.53
N MET A 96 2.16 -3.74 2.17
CA MET A 96 2.28 -3.68 3.58
C MET A 96 0.99 -3.21 4.18
N PHE A 97 0.46 -4.01 5.04
CA PHE A 97 -0.78 -3.79 5.67
C PHE A 97 -0.54 -3.41 7.12
N LEU A 98 -0.95 -2.24 7.49
CA LEU A 98 -0.81 -1.82 8.85
C LEU A 98 -2.20 -1.43 9.35
N LYS A 99 -2.36 -1.32 10.63
CA LYS A 99 -3.60 -0.82 11.19
C LYS A 99 -3.27 0.19 12.22
N GLU A 100 -3.80 1.38 12.04
CA GLU A 100 -3.57 2.56 12.89
C GLU A 100 -2.11 3.03 12.77
N GLY A 101 -1.41 2.51 11.79
CA GLY A 101 0.01 2.79 11.67
C GLY A 101 0.86 1.75 12.39
N LYS A 102 0.21 0.70 12.88
CA LYS A 102 0.89 -0.41 13.52
C LYS A 102 1.05 -1.50 12.48
N ILE A 103 2.24 -2.05 12.36
CA ILE A 103 2.51 -3.08 11.38
C ILE A 103 1.75 -4.35 11.70
N LEU A 104 0.93 -4.80 10.77
CA LEU A 104 0.25 -6.03 10.93
C LEU A 104 0.94 -7.09 10.12
N ASP A 105 0.86 -6.96 8.81
CA ASP A 105 1.40 -7.95 7.93
C ASP A 105 1.75 -7.39 6.58
N LYS A 106 2.63 -8.07 5.92
CA LYS A 106 3.07 -7.67 4.60
C LYS A 106 3.18 -8.84 3.65
N VAL A 107 3.04 -8.57 2.37
CA VAL A 107 3.14 -9.57 1.32
C VAL A 107 4.11 -9.07 0.28
N VAL A 108 5.10 -9.86 -0.04
CA VAL A 108 6.08 -9.48 -1.00
C VAL A 108 5.95 -10.34 -2.27
N GLY A 109 5.96 -9.69 -3.40
CA GLY A 109 5.83 -10.37 -4.66
C GLY A 109 4.42 -10.32 -5.13
N ALA A 110 4.21 -10.24 -6.43
CA ALA A 110 2.86 -10.19 -6.91
C ALA A 110 2.28 -11.58 -6.94
N LYS A 111 1.39 -11.82 -6.03
CA LYS A 111 0.74 -13.07 -5.88
C LYS A 111 -0.74 -12.81 -5.92
N LYS A 112 -1.41 -13.22 -6.96
CA LYS A 112 -2.81 -12.90 -7.11
C LYS A 112 -3.67 -13.65 -6.08
N ASP A 113 -3.50 -14.95 -5.99
CA ASP A 113 -4.31 -15.77 -5.09
C ASP A 113 -3.91 -15.58 -3.64
N GLU A 114 -2.61 -15.56 -3.39
CA GLU A 114 -2.11 -15.42 -2.03
C GLU A 114 -2.45 -14.06 -1.42
N LEU A 115 -2.51 -13.02 -2.25
CA LEU A 115 -2.89 -11.69 -1.79
C LEU A 115 -4.29 -11.72 -1.24
N GLN A 116 -5.13 -12.42 -1.96
CA GLN A 116 -6.53 -12.57 -1.57
C GLN A 116 -6.66 -13.28 -0.22
N SER A 117 -5.74 -14.18 0.07
CA SER A 117 -5.73 -14.87 1.33
C SER A 117 -5.34 -13.88 2.44
N THR A 118 -4.53 -12.90 2.08
CA THR A 118 -4.15 -11.85 2.99
C THR A 118 -5.33 -10.87 3.18
N ILE A 119 -6.13 -10.72 2.14
CA ILE A 119 -7.35 -9.93 2.24
C ILE A 119 -8.26 -10.61 3.26
N ALA A 120 -8.44 -11.91 3.09
CA ALA A 120 -9.24 -12.74 4.00
C ALA A 120 -8.68 -12.72 5.42
N LYS A 121 -7.36 -12.59 5.53
CA LYS A 121 -6.67 -12.46 6.81
C LYS A 121 -7.21 -11.25 7.55
N HIS A 122 -7.48 -10.23 6.80
CA HIS A 122 -8.00 -8.99 7.31
C HIS A 122 -9.52 -8.98 7.45
N LEU A 123 -10.19 -10.03 6.98
CA LEU A 123 -11.58 -10.16 7.17
C LEU A 123 -11.88 -10.72 8.55
N ALA A 124 -11.94 -9.84 9.50
CA ALA A 124 -12.21 -10.17 10.88
C ALA A 124 -12.78 -8.95 11.54
N MET A 11 -22.29 11.90 -2.10
CA MET A 11 -21.05 12.32 -1.49
C MET A 11 -20.04 12.68 -2.54
N ALA A 12 -18.84 12.94 -2.11
CA ALA A 12 -17.74 13.18 -3.01
C ALA A 12 -16.95 11.89 -3.12
N SER A 13 -15.97 11.87 -3.97
CA SER A 13 -15.16 10.70 -4.11
C SER A 13 -14.17 10.60 -2.96
N GLU A 14 -14.21 9.48 -2.28
CA GLU A 14 -13.30 9.18 -1.18
C GLU A 14 -12.94 7.70 -1.26
N GLU A 15 -13.25 7.12 -2.40
CA GLU A 15 -12.99 5.74 -2.66
C GLU A 15 -12.28 5.63 -3.99
N GLY A 16 -11.54 4.57 -4.17
CA GLY A 16 -10.83 4.34 -5.42
C GLY A 16 -9.57 5.16 -5.52
N GLN A 17 -9.35 6.01 -4.53
CA GLN A 17 -8.21 6.85 -4.51
C GLN A 17 -7.14 6.35 -3.62
N VAL A 18 -6.02 6.30 -4.21
CA VAL A 18 -4.82 5.88 -3.58
C VAL A 18 -3.86 7.06 -3.63
N ILE A 19 -3.11 7.29 -2.58
CA ILE A 19 -2.18 8.40 -2.59
C ILE A 19 -0.82 7.95 -3.10
N ALA A 20 -0.43 8.45 -4.23
CA ALA A 20 0.85 8.11 -4.78
C ALA A 20 1.85 9.16 -4.42
N CYS A 21 2.74 8.84 -3.52
CA CYS A 21 3.73 9.76 -3.10
C CYS A 21 5.02 9.54 -3.79
N HIS A 22 5.60 10.62 -4.24
CA HIS A 22 6.88 10.61 -4.86
C HIS A 22 7.87 11.29 -3.94
N THR A 23 7.37 11.78 -2.80
CA THR A 23 8.21 12.47 -1.86
C THR A 23 8.06 11.85 -0.47
N VAL A 24 9.13 11.88 0.30
CA VAL A 24 9.14 11.26 1.62
C VAL A 24 8.32 12.07 2.62
N GLU A 25 8.21 13.38 2.38
CA GLU A 25 7.46 14.24 3.27
C GLU A 25 5.98 13.88 3.19
N THR A 26 5.48 13.74 1.97
CA THR A 26 4.09 13.34 1.75
C THR A 26 3.87 11.92 2.30
N TRP A 27 4.84 11.05 2.06
CA TRP A 27 4.84 9.70 2.58
C TRP A 27 4.64 9.69 4.10
N ASN A 28 5.49 10.41 4.80
CA ASN A 28 5.44 10.49 6.25
C ASN A 28 4.16 11.16 6.71
N GLU A 29 3.76 12.19 6.01
CA GLU A 29 2.55 12.96 6.33
C GLU A 29 1.28 12.10 6.26
N GLN A 30 1.19 11.24 5.27
CA GLN A 30 0.06 10.39 5.14
C GLN A 30 0.02 9.33 6.22
N LEU A 31 1.20 8.85 6.60
CA LEU A 31 1.32 7.93 7.68
C LEU A 31 0.93 8.61 8.97
N GLN A 32 1.33 9.86 9.10
CA GLN A 32 0.96 10.71 10.21
C GLN A 32 -0.55 10.77 10.33
N LYS A 33 -1.22 10.97 9.20
CA LYS A 33 -2.67 10.98 9.17
C LYS A 33 -3.27 9.63 9.51
N ALA A 34 -2.66 8.56 9.04
CA ALA A 34 -3.13 7.22 9.38
C ALA A 34 -3.00 7.00 10.88
N ASN A 35 -1.92 7.49 11.43
CA ASN A 35 -1.62 7.38 12.87
C ASN A 35 -2.59 8.21 13.67
N GLU A 36 -2.64 9.47 13.31
CA GLU A 36 -3.46 10.49 13.99
C GLU A 36 -4.93 10.14 13.98
N SER A 37 -5.44 9.71 12.87
CA SER A 37 -6.84 9.41 12.77
C SER A 37 -7.11 7.93 13.05
N LYS A 38 -6.06 7.18 13.40
CA LYS A 38 -6.14 5.75 13.75
C LYS A 38 -6.75 4.92 12.62
N THR A 39 -6.54 5.39 11.42
CA THR A 39 -7.07 4.78 10.25
C THR A 39 -6.13 3.70 9.76
N LEU A 40 -6.70 2.67 9.24
CA LEU A 40 -5.98 1.53 8.74
C LEU A 40 -5.32 1.94 7.42
N VAL A 41 -4.07 1.59 7.25
CA VAL A 41 -3.32 1.98 6.09
C VAL A 41 -2.70 0.78 5.38
N VAL A 42 -2.85 0.72 4.09
CA VAL A 42 -2.25 -0.32 3.29
C VAL A 42 -1.37 0.33 2.26
N VAL A 43 -0.12 -0.02 2.26
CA VAL A 43 0.82 0.60 1.37
C VAL A 43 1.27 -0.37 0.30
N ASP A 44 1.26 0.10 -0.91
CA ASP A 44 1.72 -0.62 -2.07
C ASP A 44 3.06 -0.08 -2.48
N PHE A 45 4.09 -0.84 -2.27
CA PHE A 45 5.39 -0.46 -2.70
C PHE A 45 5.64 -1.11 -4.03
N THR A 46 5.85 -0.32 -5.02
CA THR A 46 5.97 -0.83 -6.34
C THR A 46 7.07 -0.08 -7.09
N ALA A 47 7.30 -0.49 -8.29
CA ALA A 47 8.25 0.13 -9.15
C ALA A 47 7.58 0.34 -10.48
N SER A 48 7.65 1.54 -10.98
CA SER A 48 6.98 1.91 -12.22
C SER A 48 7.52 1.09 -13.42
N TRP A 49 8.79 0.70 -13.36
CA TRP A 49 9.42 -0.10 -14.42
C TRP A 49 9.22 -1.60 -14.22
N CYS A 50 8.43 -1.96 -13.24
CA CYS A 50 8.20 -3.35 -12.91
C CYS A 50 6.94 -3.90 -13.58
N GLY A 51 7.12 -4.98 -14.34
CA GLY A 51 6.03 -5.61 -15.10
C GLY A 51 4.96 -6.24 -14.21
N PRO A 52 5.29 -7.25 -13.38
CA PRO A 52 4.32 -7.91 -12.48
C PRO A 52 3.65 -6.90 -11.54
N CYS A 53 4.38 -5.86 -11.21
CA CYS A 53 3.89 -4.80 -10.35
C CYS A 53 2.78 -4.01 -11.07
N ARG A 54 2.99 -3.78 -12.35
CA ARG A 54 2.04 -3.08 -13.21
C ARG A 54 0.80 -3.96 -13.32
N PHE A 55 1.03 -5.25 -13.47
CA PHE A 55 -0.04 -6.24 -13.60
C PHE A 55 -0.91 -6.37 -12.33
N ILE A 56 -0.31 -6.24 -11.18
CA ILE A 56 -1.02 -6.45 -9.92
C ILE A 56 -1.70 -5.13 -9.46
N ALA A 57 -1.17 -4.01 -9.93
CA ALA A 57 -1.62 -2.66 -9.58
C ALA A 57 -3.15 -2.41 -9.69
N PRO A 58 -3.83 -2.81 -10.83
CA PRO A 58 -5.28 -2.58 -11.01
C PRO A 58 -6.12 -3.10 -9.85
N PHE A 59 -5.67 -4.19 -9.23
CA PHE A 59 -6.39 -4.78 -8.11
C PHE A 59 -6.31 -3.89 -6.88
N PHE A 60 -5.18 -3.25 -6.69
CA PHE A 60 -4.97 -2.42 -5.52
C PHE A 60 -5.87 -1.18 -5.62
N ALA A 61 -6.03 -0.69 -6.84
CA ALA A 61 -6.90 0.46 -7.11
C ALA A 61 -8.37 0.05 -7.00
N ASP A 62 -8.62 -1.21 -7.28
CA ASP A 62 -9.96 -1.80 -7.23
C ASP A 62 -10.38 -1.96 -5.78
N LEU A 63 -9.46 -2.53 -5.02
CA LEU A 63 -9.58 -2.70 -3.59
C LEU A 63 -9.86 -1.33 -2.96
N ALA A 64 -9.21 -0.32 -3.50
CA ALA A 64 -9.37 1.06 -3.07
C ALA A 64 -10.82 1.53 -3.19
N LYS A 65 -11.57 1.01 -4.16
CA LYS A 65 -12.98 1.40 -4.30
C LYS A 65 -13.87 0.66 -3.31
N LYS A 66 -13.43 -0.53 -2.94
CA LYS A 66 -14.19 -1.46 -2.11
C LYS A 66 -13.90 -1.29 -0.62
N LEU A 67 -12.97 -0.41 -0.32
CA LEU A 67 -12.53 -0.14 1.04
C LEU A 67 -13.70 0.20 1.98
N PRO A 68 -13.66 -0.27 3.22
CA PRO A 68 -14.61 0.21 4.22
C PRO A 68 -14.20 1.65 4.57
N ASN A 69 -12.97 1.79 5.05
CA ASN A 69 -12.33 3.07 5.31
C ASN A 69 -10.83 2.85 5.51
N VAL A 70 -10.10 2.81 4.40
CA VAL A 70 -8.67 2.49 4.42
C VAL A 70 -7.89 3.53 3.61
N LEU A 71 -6.79 3.98 4.15
CA LEU A 71 -5.95 4.93 3.43
C LEU A 71 -4.89 4.09 2.67
N PHE A 72 -4.84 4.25 1.36
CA PHE A 72 -3.91 3.48 0.51
C PHE A 72 -2.86 4.39 -0.09
N LEU A 73 -1.65 3.89 -0.24
CA LEU A 73 -0.57 4.64 -0.85
C LEU A 73 0.17 3.80 -1.90
N LYS A 74 0.59 4.46 -2.98
CA LYS A 74 1.40 3.89 -4.00
C LYS A 74 2.80 4.48 -3.85
N VAL A 75 3.75 3.67 -3.55
CA VAL A 75 5.10 4.13 -3.35
C VAL A 75 6.03 3.55 -4.39
N ASP A 76 6.62 4.41 -5.20
CA ASP A 76 7.60 3.97 -6.17
C ASP A 76 8.93 3.80 -5.47
N THR A 77 9.36 2.58 -5.34
CA THR A 77 10.57 2.23 -4.60
C THR A 77 11.84 2.65 -5.30
N ASP A 78 11.72 3.08 -6.52
CA ASP A 78 12.86 3.55 -7.25
C ASP A 78 13.18 4.96 -6.78
N GLU A 79 12.14 5.76 -6.68
CA GLU A 79 12.23 7.09 -6.17
C GLU A 79 12.42 7.06 -4.66
N LEU A 80 11.49 6.44 -3.96
CA LEU A 80 11.52 6.32 -2.54
C LEU A 80 12.35 5.11 -2.16
N LYS A 81 13.54 5.12 -2.69
CA LYS A 81 14.48 4.04 -2.58
C LYS A 81 14.91 3.87 -1.11
N SER A 82 15.10 4.98 -0.43
CA SER A 82 15.47 4.98 0.98
C SER A 82 14.34 4.39 1.82
N VAL A 83 13.11 4.61 1.39
CA VAL A 83 11.93 4.09 2.07
C VAL A 83 11.87 2.58 1.89
N ALA A 84 12.17 2.13 0.68
CA ALA A 84 12.20 0.70 0.38
C ALA A 84 13.20 -0.01 1.26
N SER A 85 14.34 0.62 1.47
CA SER A 85 15.36 0.06 2.32
C SER A 85 14.96 0.14 3.80
N ASP A 86 14.20 1.16 4.15
CA ASP A 86 13.75 1.39 5.53
C ASP A 86 12.70 0.36 5.97
N TRP A 87 11.83 0.00 5.04
CA TRP A 87 10.80 -1.00 5.30
C TRP A 87 11.26 -2.40 4.92
N ALA A 88 12.51 -2.46 4.44
CA ALA A 88 13.17 -3.69 4.01
C ALA A 88 12.44 -4.34 2.84
N ILE A 89 12.79 -3.91 1.65
CA ILE A 89 12.19 -4.39 0.44
C ILE A 89 13.28 -4.79 -0.53
N GLN A 90 13.31 -6.05 -0.88
CA GLN A 90 14.29 -6.55 -1.81
C GLN A 90 13.65 -6.60 -3.18
N ALA A 91 12.41 -7.03 -3.22
CA ALA A 91 11.73 -7.24 -4.47
C ALA A 91 10.37 -6.59 -4.46
N MET A 92 10.04 -5.98 -5.56
CA MET A 92 8.76 -5.37 -5.74
C MET A 92 7.82 -6.32 -6.44
N PRO A 93 6.51 -6.19 -6.24
CA PRO A 93 5.90 -5.21 -5.36
C PRO A 93 5.75 -5.74 -3.95
N THR A 94 5.70 -4.86 -3.02
CA THR A 94 5.48 -5.24 -1.67
C THR A 94 4.21 -4.57 -1.17
N PHE A 95 3.30 -5.36 -0.69
CA PHE A 95 2.10 -4.87 -0.14
C PHE A 95 2.22 -4.99 1.33
N MET A 96 2.11 -3.94 2.02
CA MET A 96 2.25 -4.00 3.43
C MET A 96 1.01 -3.51 4.09
N PHE A 97 0.44 -4.37 4.88
CA PHE A 97 -0.79 -4.16 5.51
C PHE A 97 -0.57 -3.79 6.94
N LEU A 98 -1.01 -2.62 7.29
CA LEU A 98 -0.88 -2.15 8.61
C LEU A 98 -2.27 -1.75 9.11
N LYS A 99 -2.42 -1.58 10.38
CA LYS A 99 -3.65 -1.08 10.93
C LYS A 99 -3.31 0.00 11.91
N GLU A 100 -3.89 1.18 11.71
CA GLU A 100 -3.63 2.39 12.51
C GLU A 100 -2.19 2.89 12.31
N GLY A 101 -1.53 2.35 11.29
CA GLY A 101 -0.13 2.67 11.05
C GLY A 101 0.79 1.68 11.76
N LYS A 102 0.20 0.68 12.37
CA LYS A 102 0.93 -0.35 13.08
C LYS A 102 1.06 -1.55 12.17
N ILE A 103 2.26 -2.07 12.06
CA ILE A 103 2.55 -3.18 11.16
C ILE A 103 1.84 -4.47 11.56
N LEU A 104 1.10 -5.04 10.62
CA LEU A 104 0.47 -6.29 10.80
C LEU A 104 1.18 -7.35 9.98
N ASP A 105 1.27 -7.12 8.67
CA ASP A 105 1.92 -8.06 7.78
C ASP A 105 2.39 -7.40 6.49
N LYS A 106 3.35 -8.04 5.86
CA LYS A 106 3.92 -7.55 4.61
C LYS A 106 4.05 -8.68 3.57
N VAL A 107 3.69 -8.41 2.35
CA VAL A 107 3.77 -9.37 1.26
C VAL A 107 4.79 -8.88 0.25
N VAL A 108 5.84 -9.64 0.04
CA VAL A 108 6.87 -9.27 -0.89
C VAL A 108 6.84 -10.16 -2.14
N GLY A 109 6.56 -9.56 -3.27
CA GLY A 109 6.47 -10.28 -4.50
C GLY A 109 5.03 -10.34 -4.94
N ALA A 110 4.79 -10.46 -6.23
CA ALA A 110 3.44 -10.46 -6.70
C ALA A 110 2.89 -11.87 -6.71
N LYS A 111 2.02 -12.12 -5.80
CA LYS A 111 1.32 -13.35 -5.71
C LYS A 111 -0.15 -13.05 -5.69
N LYS A 112 -0.88 -13.60 -6.61
CA LYS A 112 -2.28 -13.36 -6.65
C LYS A 112 -2.98 -14.04 -5.45
N ASP A 113 -2.65 -15.31 -5.22
CA ASP A 113 -3.30 -16.09 -4.16
C ASP A 113 -2.89 -15.64 -2.75
N GLU A 114 -1.61 -15.38 -2.54
CA GLU A 114 -1.14 -14.94 -1.22
C GLU A 114 -1.72 -13.57 -0.89
N LEU A 115 -1.90 -12.76 -1.92
CA LEU A 115 -2.51 -11.45 -1.75
C LEU A 115 -3.93 -11.66 -1.28
N GLN A 116 -4.67 -12.46 -2.03
CA GLN A 116 -6.06 -12.80 -1.71
C GLN A 116 -6.18 -13.42 -0.32
N SER A 117 -5.21 -14.23 0.06
CA SER A 117 -5.20 -14.85 1.38
C SER A 117 -5.03 -13.78 2.45
N THR A 118 -4.17 -12.82 2.16
CA THR A 118 -3.94 -11.72 3.06
C THR A 118 -5.17 -10.81 3.13
N ILE A 119 -5.85 -10.66 2.01
CA ILE A 119 -7.07 -9.89 1.96
C ILE A 119 -8.11 -10.54 2.86
N ALA A 120 -8.27 -11.86 2.74
CA ALA A 120 -9.23 -12.59 3.55
C ALA A 120 -8.84 -12.58 5.02
N LYS A 121 -7.54 -12.55 5.27
CA LYS A 121 -7.01 -12.47 6.63
C LYS A 121 -7.51 -11.21 7.32
N HIS A 122 -7.43 -10.12 6.58
CA HIS A 122 -7.82 -8.83 7.07
C HIS A 122 -9.31 -8.60 6.97
N LEU A 123 -9.99 -9.35 6.13
CA LEU A 123 -11.37 -9.17 5.93
C LEU A 123 -12.14 -9.69 7.14
N ALA A 124 -12.82 -8.80 7.78
CA ALA A 124 -13.65 -9.11 8.91
C ALA A 124 -14.77 -8.11 8.94
N MET A 11 -18.23 4.27 -7.15
CA MET A 11 -18.00 5.57 -6.60
C MET A 11 -19.15 6.00 -5.71
N ALA A 12 -19.18 5.41 -4.55
CA ALA A 12 -20.12 5.74 -3.53
C ALA A 12 -19.32 6.32 -2.40
N SER A 13 -19.28 7.65 -2.37
CA SER A 13 -18.46 8.42 -1.45
C SER A 13 -16.98 8.31 -1.90
N GLU A 14 -16.05 8.77 -1.09
CA GLU A 14 -14.68 8.69 -1.45
C GLU A 14 -14.14 7.28 -1.33
N GLU A 15 -14.01 6.65 -2.47
CA GLU A 15 -13.48 5.31 -2.58
C GLU A 15 -12.48 5.29 -3.71
N GLY A 16 -11.66 4.27 -3.75
CA GLY A 16 -10.74 4.09 -4.83
C GLY A 16 -9.55 5.01 -4.77
N GLN A 17 -9.32 5.64 -3.63
CA GLN A 17 -8.19 6.50 -3.57
C GLN A 17 -6.98 5.84 -3.05
N VAL A 18 -5.98 5.97 -3.82
CA VAL A 18 -4.69 5.46 -3.54
C VAL A 18 -3.76 6.63 -3.47
N ILE A 19 -3.08 6.82 -2.39
CA ILE A 19 -2.18 7.91 -2.31
C ILE A 19 -0.84 7.48 -2.83
N ALA A 20 -0.45 8.02 -3.95
CA ALA A 20 0.80 7.69 -4.52
C ALA A 20 1.80 8.73 -4.12
N CYS A 21 2.69 8.34 -3.25
CA CYS A 21 3.65 9.23 -2.75
C CYS A 21 4.85 9.24 -3.67
N HIS A 22 5.07 10.35 -4.28
CA HIS A 22 6.21 10.54 -5.13
C HIS A 22 7.21 11.41 -4.40
N THR A 23 6.90 11.65 -3.13
CA THR A 23 7.74 12.44 -2.27
C THR A 23 7.67 11.83 -0.89
N VAL A 24 8.75 11.94 -0.13
CA VAL A 24 8.74 11.43 1.23
C VAL A 24 7.91 12.36 2.11
N GLU A 25 7.76 13.62 1.66
CA GLU A 25 6.96 14.60 2.29
C GLU A 25 5.51 14.09 2.41
N THR A 26 4.95 13.61 1.29
CA THR A 26 3.59 13.09 1.28
C THR A 26 3.51 11.79 2.10
N TRP A 27 4.55 10.98 1.96
CA TRP A 27 4.68 9.72 2.69
C TRP A 27 4.60 9.96 4.22
N ASN A 28 5.40 10.88 4.70
CA ASN A 28 5.44 11.22 6.14
C ASN A 28 4.07 11.75 6.58
N GLU A 29 3.51 12.62 5.77
CA GLU A 29 2.23 13.27 6.03
C GLU A 29 1.10 12.21 6.20
N GLN A 30 1.09 11.22 5.33
CA GLN A 30 0.12 10.18 5.36
C GLN A 30 0.31 9.21 6.51
N LEU A 31 1.57 8.90 6.84
CA LEU A 31 1.85 8.03 7.92
C LEU A 31 1.40 8.60 9.22
N GLN A 32 1.69 9.87 9.43
CA GLN A 32 1.26 10.50 10.64
C GLN A 32 -0.26 10.51 10.71
N LYS A 33 -0.90 10.68 9.57
CA LYS A 33 -2.34 10.69 9.50
C LYS A 33 -2.91 9.33 9.93
N ALA A 34 -2.30 8.25 9.40
CA ALA A 34 -2.76 6.91 9.72
C ALA A 34 -2.46 6.54 11.17
N ASN A 35 -1.38 7.09 11.67
CA ASN A 35 -0.92 6.83 13.04
C ASN A 35 -1.76 7.57 14.04
N GLU A 36 -1.85 8.86 13.83
CA GLU A 36 -2.56 9.79 14.71
C GLU A 36 -4.04 9.44 14.81
N SER A 37 -4.65 9.14 13.70
CA SER A 37 -6.04 8.85 13.68
C SER A 37 -6.31 7.35 13.81
N LYS A 38 -5.25 6.56 13.91
CA LYS A 38 -5.37 5.10 14.04
C LYS A 38 -6.25 4.48 12.98
N THR A 39 -5.93 4.79 11.76
CA THR A 39 -6.65 4.32 10.62
C THR A 39 -5.89 3.14 10.03
N LEU A 40 -6.60 2.20 9.51
CA LEU A 40 -6.00 1.01 8.95
C LEU A 40 -5.46 1.37 7.54
N VAL A 41 -4.20 1.09 7.30
CA VAL A 41 -3.55 1.49 6.07
C VAL A 41 -2.85 0.31 5.37
N VAL A 42 -2.92 0.28 4.05
CA VAL A 42 -2.25 -0.73 3.24
C VAL A 42 -1.31 -0.03 2.28
N VAL A 43 -0.05 -0.35 2.35
CA VAL A 43 0.95 0.31 1.52
C VAL A 43 1.62 -0.66 0.56
N ASP A 44 1.69 -0.27 -0.70
CA ASP A 44 2.40 -1.01 -1.74
C ASP A 44 3.71 -0.34 -2.08
N PHE A 45 4.80 -1.04 -1.91
CA PHE A 45 6.06 -0.53 -2.29
C PHE A 45 6.52 -1.26 -3.55
N THR A 46 6.64 -0.52 -4.64
CA THR A 46 7.13 -1.13 -5.86
C THR A 46 7.69 -0.07 -6.83
N ALA A 47 8.21 -0.55 -7.95
CA ALA A 47 8.77 0.28 -9.01
C ALA A 47 7.97 0.09 -10.29
N SER A 48 7.93 1.11 -11.13
CA SER A 48 7.10 1.08 -12.35
C SER A 48 7.66 0.12 -13.42
N TRP A 49 8.95 -0.17 -13.35
CA TRP A 49 9.60 -1.06 -14.32
C TRP A 49 9.43 -2.52 -13.95
N CYS A 50 8.67 -2.78 -12.92
CA CYS A 50 8.45 -4.12 -12.47
C CYS A 50 7.23 -4.73 -13.16
N GLY A 51 7.45 -5.88 -13.81
CA GLY A 51 6.41 -6.56 -14.58
C GLY A 51 5.18 -6.94 -13.75
N PRO A 52 5.30 -7.92 -12.82
CA PRO A 52 4.18 -8.37 -11.98
C PRO A 52 3.57 -7.22 -11.18
N CYS A 53 4.40 -6.28 -10.85
CA CYS A 53 4.02 -5.11 -10.10
C CYS A 53 3.07 -4.23 -10.91
N ARG A 54 3.39 -4.01 -12.17
CA ARG A 54 2.55 -3.19 -13.03
C ARG A 54 1.24 -3.95 -13.32
N PHE A 55 1.33 -5.26 -13.32
CA PHE A 55 0.18 -6.12 -13.52
C PHE A 55 -0.78 -6.09 -12.32
N ILE A 56 -0.24 -5.96 -11.11
CA ILE A 56 -1.05 -6.02 -9.91
C ILE A 56 -1.62 -4.62 -9.56
N ALA A 57 -1.06 -3.60 -10.20
CA ALA A 57 -1.47 -2.21 -9.98
C ALA A 57 -3.00 -1.96 -10.14
N PRO A 58 -3.66 -2.38 -11.27
CA PRO A 58 -5.10 -2.19 -11.45
C PRO A 58 -5.92 -2.97 -10.40
N PHE A 59 -5.36 -4.07 -9.94
CA PHE A 59 -6.00 -4.92 -8.94
C PHE A 59 -6.01 -4.20 -7.59
N PHE A 60 -4.90 -3.57 -7.26
CA PHE A 60 -4.73 -2.81 -6.02
C PHE A 60 -5.67 -1.60 -6.03
N ALA A 61 -5.89 -1.04 -7.20
CA ALA A 61 -6.81 0.09 -7.36
C ALA A 61 -8.25 -0.37 -7.08
N ASP A 62 -8.57 -1.58 -7.54
CA ASP A 62 -9.91 -2.17 -7.36
C ASP A 62 -10.15 -2.42 -5.88
N LEU A 63 -9.09 -2.81 -5.22
CA LEU A 63 -9.08 -3.02 -3.80
C LEU A 63 -9.44 -1.73 -3.06
N ALA A 64 -8.78 -0.65 -3.41
CA ALA A 64 -9.07 0.67 -2.82
C ALA A 64 -10.48 1.09 -3.16
N LYS A 65 -10.95 0.66 -4.30
CA LYS A 65 -12.27 0.96 -4.79
C LYS A 65 -13.34 0.32 -3.92
N LYS A 66 -13.08 -0.88 -3.42
CA LYS A 66 -14.07 -1.53 -2.57
C LYS A 66 -13.88 -1.23 -1.09
N LEU A 67 -12.66 -0.96 -0.70
CA LEU A 67 -12.38 -0.63 0.67
C LEU A 67 -12.05 0.85 0.80
N PRO A 68 -13.05 1.71 1.04
CA PRO A 68 -12.85 3.15 1.13
C PRO A 68 -12.51 3.61 2.54
N ASN A 69 -12.63 2.72 3.50
CA ASN A 69 -12.36 3.05 4.90
C ASN A 69 -10.93 2.62 5.24
N VAL A 70 -10.28 2.08 4.24
CA VAL A 70 -8.91 1.68 4.32
C VAL A 70 -8.13 2.48 3.32
N LEU A 71 -7.07 3.10 3.73
CA LEU A 71 -6.29 3.88 2.87
C LEU A 71 -5.18 3.08 2.26
N PHE A 72 -5.04 3.18 0.98
CA PHE A 72 -4.01 2.50 0.27
C PHE A 72 -3.02 3.49 -0.25
N LEU A 73 -1.79 3.15 -0.13
CA LEU A 73 -0.70 4.00 -0.57
C LEU A 73 0.16 3.27 -1.56
N LYS A 74 0.62 4.00 -2.53
CA LYS A 74 1.44 3.44 -3.56
C LYS A 74 2.77 4.19 -3.47
N VAL A 75 3.81 3.49 -3.10
CA VAL A 75 5.13 4.08 -2.95
C VAL A 75 6.01 3.71 -4.10
N ASP A 76 6.51 4.69 -4.79
CA ASP A 76 7.38 4.47 -5.92
C ASP A 76 8.81 4.42 -5.43
N THR A 77 9.39 3.26 -5.52
CA THR A 77 10.74 3.02 -5.01
C THR A 77 11.83 3.66 -5.86
N ASP A 78 11.51 4.10 -7.07
CA ASP A 78 12.46 4.71 -7.90
C ASP A 78 12.69 6.12 -7.45
N GLU A 79 11.65 6.73 -6.98
CA GLU A 79 11.67 8.03 -6.44
C GLU A 79 12.05 8.01 -4.97
N LEU A 80 11.28 7.29 -4.18
CA LEU A 80 11.51 7.16 -2.77
C LEU A 80 12.44 5.97 -2.52
N LYS A 81 13.56 6.04 -3.17
CA LYS A 81 14.54 4.99 -3.21
C LYS A 81 15.20 4.81 -1.83
N SER A 82 15.40 5.91 -1.15
CA SER A 82 15.97 5.89 0.18
C SER A 82 14.97 5.29 1.17
N VAL A 83 13.69 5.54 0.92
CA VAL A 83 12.61 5.01 1.75
C VAL A 83 12.55 3.49 1.58
N ALA A 84 12.74 3.03 0.34
CA ALA A 84 12.76 1.61 0.03
C ALA A 84 13.85 0.90 0.84
N SER A 85 15.01 1.53 0.93
CA SER A 85 16.11 0.99 1.68
C SER A 85 15.78 0.93 3.20
N ASP A 86 15.16 1.99 3.70
CA ASP A 86 14.85 2.10 5.13
C ASP A 86 13.79 1.07 5.55
N TRP A 87 12.84 0.82 4.70
CA TRP A 87 11.78 -0.10 4.99
C TRP A 87 12.10 -1.53 4.56
N ALA A 88 13.34 -1.72 4.08
CA ALA A 88 13.87 -3.03 3.67
C ALA A 88 13.08 -3.61 2.50
N ILE A 89 12.80 -2.77 1.51
CA ILE A 89 12.06 -3.21 0.36
C ILE A 89 12.96 -3.24 -0.88
N GLN A 90 13.56 -4.37 -1.13
CA GLN A 90 14.34 -4.59 -2.31
C GLN A 90 13.55 -5.49 -3.24
N ALA A 91 12.91 -6.49 -2.68
CA ALA A 91 12.08 -7.39 -3.44
C ALA A 91 10.70 -6.77 -3.59
N MET A 92 10.31 -6.53 -4.82
CA MET A 92 9.07 -5.86 -5.09
C MET A 92 8.11 -6.79 -5.83
N PRO A 93 6.80 -6.60 -5.68
CA PRO A 93 6.22 -5.57 -4.82
C PRO A 93 5.97 -6.09 -3.41
N THR A 94 5.95 -5.20 -2.47
CA THR A 94 5.64 -5.58 -1.13
C THR A 94 4.42 -4.83 -0.67
N PHE A 95 3.45 -5.55 -0.22
CA PHE A 95 2.27 -4.98 0.28
C PHE A 95 2.31 -5.10 1.77
N MET A 96 2.26 -4.01 2.45
CA MET A 96 2.30 -4.04 3.87
C MET A 96 0.99 -3.57 4.42
N PHE A 97 0.39 -4.41 5.18
CA PHE A 97 -0.88 -4.20 5.76
C PHE A 97 -0.71 -3.82 7.20
N LEU A 98 -1.14 -2.66 7.52
CA LEU A 98 -1.04 -2.21 8.87
C LEU A 98 -2.44 -1.90 9.36
N LYS A 99 -2.61 -1.87 10.64
CA LYS A 99 -3.87 -1.52 11.20
C LYS A 99 -3.66 -0.52 12.28
N GLU A 100 -4.22 0.65 12.07
CA GLU A 100 -4.18 1.76 13.01
C GLU A 100 -2.76 2.32 13.13
N GLY A 101 -1.96 2.09 12.09
CA GLY A 101 -0.59 2.54 12.10
C GLY A 101 0.36 1.49 12.64
N LYS A 102 -0.20 0.38 13.09
CA LYS A 102 0.60 -0.71 13.60
C LYS A 102 0.70 -1.79 12.53
N ILE A 103 1.90 -2.26 12.28
CA ILE A 103 2.14 -3.24 11.22
C ILE A 103 1.56 -4.59 11.60
N LEU A 104 0.70 -5.12 10.77
CA LEU A 104 0.15 -6.43 11.00
C LEU A 104 0.88 -7.46 10.21
N ASP A 105 0.86 -7.29 8.91
CA ASP A 105 1.44 -8.26 8.00
C ASP A 105 1.88 -7.65 6.71
N LYS A 106 2.81 -8.31 6.06
CA LYS A 106 3.32 -7.85 4.79
C LYS A 106 3.51 -9.04 3.84
N VAL A 107 3.12 -8.85 2.62
CA VAL A 107 3.23 -9.88 1.61
C VAL A 107 4.18 -9.42 0.53
N VAL A 108 5.19 -10.22 0.25
CA VAL A 108 6.15 -9.89 -0.78
C VAL A 108 5.87 -10.72 -2.03
N GLY A 109 5.91 -10.08 -3.18
CA GLY A 109 5.65 -10.77 -4.42
C GLY A 109 4.17 -10.71 -4.73
N ALA A 110 3.83 -10.33 -5.94
CA ALA A 110 2.45 -10.18 -6.27
C ALA A 110 1.86 -11.49 -6.70
N LYS A 111 1.04 -12.03 -5.85
CA LYS A 111 0.28 -13.16 -6.14
C LYS A 111 -1.16 -12.83 -5.82
N LYS A 112 -2.00 -12.76 -6.83
CA LYS A 112 -3.40 -12.36 -6.69
C LYS A 112 -4.12 -13.17 -5.60
N ASP A 113 -4.00 -14.48 -5.65
CA ASP A 113 -4.66 -15.35 -4.68
C ASP A 113 -4.19 -15.09 -3.27
N GLU A 114 -2.90 -14.94 -3.11
CA GLU A 114 -2.29 -14.71 -1.80
C GLU A 114 -2.75 -13.36 -1.26
N LEU A 115 -2.79 -12.39 -2.14
CA LEU A 115 -3.21 -11.06 -1.80
C LEU A 115 -4.64 -11.11 -1.31
N GLN A 116 -5.48 -11.76 -2.09
CA GLN A 116 -6.88 -11.98 -1.72
C GLN A 116 -7.03 -12.73 -0.41
N SER A 117 -6.11 -13.65 -0.15
CA SER A 117 -6.16 -14.42 1.09
C SER A 117 -5.80 -13.52 2.27
N THR A 118 -4.92 -12.58 2.01
CA THR A 118 -4.52 -11.62 2.99
C THR A 118 -5.66 -10.62 3.23
N ILE A 119 -6.36 -10.26 2.15
CA ILE A 119 -7.54 -9.40 2.26
C ILE A 119 -8.58 -10.07 3.15
N ALA A 120 -8.89 -11.33 2.85
CA ALA A 120 -9.87 -12.08 3.62
C ALA A 120 -9.41 -12.29 5.06
N LYS A 121 -8.10 -12.38 5.25
CA LYS A 121 -7.50 -12.51 6.58
C LYS A 121 -7.90 -11.32 7.44
N HIS A 122 -7.82 -10.15 6.83
CA HIS A 122 -8.15 -8.91 7.49
C HIS A 122 -9.67 -8.68 7.54
N LEU A 123 -10.37 -9.03 6.50
CA LEU A 123 -11.76 -8.84 6.42
C LEU A 123 -12.52 -9.99 7.03
N ALA A 124 -12.91 -9.81 8.26
CA ALA A 124 -13.67 -10.76 8.99
C ALA A 124 -15.13 -10.35 8.92
N MET A 11 -20.14 8.60 -8.12
CA MET A 11 -21.08 9.71 -8.19
C MET A 11 -20.41 10.99 -7.72
N ALA A 12 -19.10 11.05 -7.92
CA ALA A 12 -18.22 12.17 -7.58
C ALA A 12 -17.93 12.22 -6.10
N SER A 13 -16.85 11.58 -5.74
CA SER A 13 -16.33 11.53 -4.39
C SER A 13 -14.90 11.10 -4.54
N GLU A 14 -14.09 11.37 -3.56
CA GLU A 14 -12.76 10.88 -3.58
C GLU A 14 -12.73 9.42 -3.11
N GLU A 15 -12.98 8.54 -4.04
CA GLU A 15 -13.06 7.12 -3.78
C GLU A 15 -12.10 6.36 -4.66
N GLY A 16 -11.53 5.32 -4.14
CA GLY A 16 -10.67 4.49 -4.93
C GLY A 16 -9.34 5.14 -5.19
N GLN A 17 -9.02 6.14 -4.43
CA GLN A 17 -7.79 6.81 -4.63
C GLN A 17 -6.71 6.25 -3.79
N VAL A 18 -5.61 6.11 -4.42
CA VAL A 18 -4.42 5.60 -3.83
C VAL A 18 -3.42 6.70 -3.82
N ILE A 19 -2.82 6.94 -2.70
CA ILE A 19 -1.88 8.01 -2.62
C ILE A 19 -0.51 7.51 -3.07
N ALA A 20 -0.06 8.00 -4.18
CA ALA A 20 1.21 7.62 -4.71
C ALA A 20 2.23 8.68 -4.41
N CYS A 21 3.12 8.38 -3.51
CA CYS A 21 4.12 9.30 -3.12
C CYS A 21 5.35 9.20 -3.98
N HIS A 22 5.78 10.33 -4.42
CA HIS A 22 7.01 10.46 -5.15
C HIS A 22 7.90 11.43 -4.40
N THR A 23 7.44 11.82 -3.20
CA THR A 23 8.18 12.70 -2.34
C THR A 23 8.08 12.13 -0.94
N VAL A 24 9.00 12.49 -0.07
CA VAL A 24 8.97 12.03 1.29
C VAL A 24 7.89 12.83 2.04
N GLU A 25 7.65 14.06 1.58
CA GLU A 25 6.64 14.94 2.18
C GLU A 25 5.27 14.28 2.14
N THR A 26 4.87 13.81 0.97
CA THR A 26 3.60 13.14 0.78
C THR A 26 3.53 11.87 1.64
N TRP A 27 4.62 11.13 1.65
CA TRP A 27 4.74 9.90 2.44
C TRP A 27 4.60 10.17 3.94
N ASN A 28 5.33 11.16 4.42
CA ASN A 28 5.36 11.52 5.83
C ASN A 28 3.97 11.97 6.29
N GLU A 29 3.33 12.79 5.47
CA GLU A 29 2.01 13.33 5.74
C GLU A 29 1.00 12.21 5.95
N GLN A 30 1.03 11.21 5.08
CA GLN A 30 0.14 10.10 5.14
C GLN A 30 0.32 9.26 6.38
N LEU A 31 1.56 8.98 6.73
CA LEU A 31 1.84 8.18 7.87
C LEU A 31 1.40 8.83 9.14
N GLN A 32 1.70 10.10 9.31
CA GLN A 32 1.30 10.81 10.48
C GLN A 32 -0.24 10.86 10.54
N LYS A 33 -0.86 11.04 9.38
CA LYS A 33 -2.31 11.11 9.31
C LYS A 33 -2.92 9.75 9.67
N ALA A 34 -2.32 8.67 9.20
CA ALA A 34 -2.82 7.32 9.47
C ALA A 34 -2.63 6.98 10.93
N ASN A 35 -1.59 7.54 11.52
CA ASN A 35 -1.25 7.31 12.92
C ASN A 35 -2.19 8.08 13.82
N GLU A 36 -2.26 9.36 13.55
CA GLU A 36 -3.03 10.30 14.35
C GLU A 36 -4.54 9.97 14.32
N SER A 37 -5.05 9.66 13.16
CA SER A 37 -6.45 9.36 13.04
C SER A 37 -6.71 7.86 13.21
N LYS A 38 -5.61 7.10 13.37
CA LYS A 38 -5.66 5.65 13.51
C LYS A 38 -6.46 4.97 12.42
N THR A 39 -6.11 5.30 11.22
CA THR A 39 -6.75 4.76 10.07
C THR A 39 -5.95 3.57 9.59
N LEU A 40 -6.62 2.59 9.09
CA LEU A 40 -5.98 1.40 8.59
C LEU A 40 -5.45 1.74 7.19
N VAL A 41 -4.19 1.46 6.94
CA VAL A 41 -3.60 1.76 5.66
C VAL A 41 -2.92 0.53 5.05
N VAL A 42 -3.04 0.39 3.76
CA VAL A 42 -2.36 -0.66 3.02
C VAL A 42 -1.40 0.00 2.05
N VAL A 43 -0.14 -0.35 2.13
CA VAL A 43 0.84 0.31 1.31
C VAL A 43 1.50 -0.66 0.32
N ASP A 44 1.54 -0.24 -0.93
CA ASP A 44 2.18 -0.96 -2.03
C ASP A 44 3.52 -0.32 -2.35
N PHE A 45 4.60 -1.03 -2.10
CA PHE A 45 5.89 -0.51 -2.41
C PHE A 45 6.40 -1.18 -3.69
N THR A 46 6.55 -0.42 -4.74
CA THR A 46 7.12 -0.93 -5.97
C THR A 46 7.63 0.23 -6.86
N ALA A 47 8.30 -0.09 -7.92
CA ALA A 47 8.73 0.89 -8.87
C ALA A 47 7.80 0.86 -10.07
N SER A 48 7.50 2.01 -10.63
CA SER A 48 6.57 2.15 -11.75
C SER A 48 7.01 1.32 -12.99
N TRP A 49 8.27 0.94 -13.07
CA TRP A 49 8.78 0.17 -14.20
C TRP A 49 8.66 -1.35 -13.99
N CYS A 50 7.97 -1.76 -12.94
CA CYS A 50 7.80 -3.19 -12.65
C CYS A 50 6.54 -3.74 -13.34
N GLY A 51 6.75 -4.79 -14.13
CA GLY A 51 5.68 -5.41 -14.92
C GLY A 51 4.59 -6.07 -14.07
N PRO A 52 4.90 -7.15 -13.29
CA PRO A 52 3.91 -7.85 -12.45
C PRO A 52 3.25 -6.90 -11.44
N CYS A 53 4.01 -5.91 -11.04
CA CYS A 53 3.55 -4.90 -10.12
C CYS A 53 2.48 -4.04 -10.79
N ARG A 54 2.69 -3.74 -12.07
CA ARG A 54 1.74 -2.97 -12.84
C ARG A 54 0.50 -3.81 -13.12
N PHE A 55 0.69 -5.11 -13.21
CA PHE A 55 -0.39 -6.06 -13.45
C PHE A 55 -1.30 -6.18 -12.21
N ILE A 56 -0.72 -6.10 -11.03
CA ILE A 56 -1.47 -6.28 -9.79
C ILE A 56 -2.07 -4.92 -9.33
N ALA A 57 -1.54 -3.83 -9.88
CA ALA A 57 -1.94 -2.46 -9.55
C ALA A 57 -3.46 -2.15 -9.73
N PRO A 58 -4.11 -2.54 -10.89
CA PRO A 58 -5.55 -2.25 -11.10
C PRO A 58 -6.44 -2.90 -10.04
N PHE A 59 -5.98 -4.02 -9.50
CA PHE A 59 -6.70 -4.73 -8.46
C PHE A 59 -6.58 -3.98 -7.14
N PHE A 60 -5.43 -3.38 -6.91
CA PHE A 60 -5.18 -2.60 -5.72
C PHE A 60 -6.04 -1.33 -5.77
N ALA A 61 -6.23 -0.82 -6.98
CA ALA A 61 -7.08 0.34 -7.22
C ALA A 61 -8.55 -0.02 -6.97
N ASP A 62 -8.87 -1.29 -7.16
CA ASP A 62 -10.22 -1.82 -6.92
C ASP A 62 -10.43 -1.91 -5.44
N LEU A 63 -9.43 -2.44 -4.77
CA LEU A 63 -9.39 -2.53 -3.33
C LEU A 63 -9.60 -1.17 -2.69
N ALA A 64 -8.99 -0.15 -3.28
CA ALA A 64 -9.11 1.21 -2.81
C ALA A 64 -10.55 1.71 -2.84
N LYS A 65 -11.31 1.32 -3.85
CA LYS A 65 -12.69 1.73 -3.93
C LYS A 65 -13.52 0.86 -2.99
N LYS A 66 -13.12 -0.38 -2.87
CA LYS A 66 -13.85 -1.34 -2.08
C LYS A 66 -13.81 -0.98 -0.58
N LEU A 67 -12.68 -0.49 -0.12
CA LEU A 67 -12.55 -0.07 1.25
C LEU A 67 -12.40 1.44 1.36
N PRO A 68 -13.50 2.15 1.65
CA PRO A 68 -13.52 3.62 1.75
C PRO A 68 -12.78 4.19 2.97
N ASN A 69 -12.82 3.51 4.09
CA ASN A 69 -12.21 4.03 5.32
C ASN A 69 -10.79 3.49 5.48
N VAL A 70 -10.30 2.86 4.45
CA VAL A 70 -8.96 2.35 4.45
C VAL A 70 -8.12 3.16 3.49
N LEU A 71 -6.95 3.53 3.92
CA LEU A 71 -6.05 4.31 3.13
C LEU A 71 -5.17 3.39 2.31
N PHE A 72 -4.98 3.71 1.07
CA PHE A 72 -4.12 2.94 0.22
C PHE A 72 -3.07 3.83 -0.35
N LEU A 73 -1.88 3.36 -0.28
CA LEU A 73 -0.72 4.11 -0.73
C LEU A 73 0.11 3.31 -1.68
N LYS A 74 0.78 4.01 -2.54
CA LYS A 74 1.66 3.44 -3.49
C LYS A 74 2.97 4.21 -3.39
N VAL A 75 4.00 3.52 -2.99
CA VAL A 75 5.29 4.12 -2.86
C VAL A 75 6.12 3.69 -4.04
N ASP A 76 6.74 4.63 -4.70
CA ASP A 76 7.60 4.29 -5.79
C ASP A 76 9.00 4.07 -5.26
N THR A 77 9.40 2.84 -5.19
CA THR A 77 10.67 2.45 -4.61
C THR A 77 11.87 2.84 -5.46
N ASP A 78 11.63 3.22 -6.68
CA ASP A 78 12.72 3.69 -7.52
C ASP A 78 13.01 5.10 -7.13
N GLU A 79 11.94 5.81 -6.88
CA GLU A 79 11.97 7.19 -6.44
C GLU A 79 12.48 7.23 -5.00
N LEU A 80 11.68 6.66 -4.13
CA LEU A 80 11.93 6.63 -2.71
C LEU A 80 12.85 5.46 -2.35
N LYS A 81 13.94 5.33 -3.09
CA LYS A 81 14.90 4.24 -2.93
C LYS A 81 15.52 4.18 -1.51
N SER A 82 15.79 5.32 -0.90
CA SER A 82 16.38 5.33 0.43
C SER A 82 15.33 5.02 1.50
N VAL A 83 14.09 5.34 1.20
CA VAL A 83 12.98 5.00 2.08
C VAL A 83 12.71 3.49 1.96
N ALA A 84 12.77 2.99 0.74
CA ALA A 84 12.56 1.58 0.45
C ALA A 84 13.52 0.70 1.21
N SER A 85 14.80 1.08 1.19
CA SER A 85 15.82 0.34 1.90
C SER A 85 15.58 0.37 3.41
N ASP A 86 15.00 1.47 3.90
CA ASP A 86 14.74 1.63 5.34
C ASP A 86 13.61 0.73 5.78
N TRP A 87 12.62 0.58 4.91
CA TRP A 87 11.48 -0.26 5.16
C TRP A 87 11.76 -1.72 4.79
N ALA A 88 13.03 -2.00 4.44
CA ALA A 88 13.51 -3.34 4.10
C ALA A 88 12.81 -3.88 2.84
N ILE A 89 12.41 -2.98 1.98
CA ILE A 89 11.75 -3.36 0.75
C ILE A 89 12.80 -3.66 -0.29
N GLN A 90 13.08 -4.93 -0.49
CA GLN A 90 14.07 -5.35 -1.43
C GLN A 90 13.44 -5.94 -2.67
N ALA A 91 12.25 -6.47 -2.52
CA ALA A 91 11.57 -7.10 -3.62
C ALA A 91 10.32 -6.31 -3.98
N MET A 92 10.06 -6.21 -5.25
CA MET A 92 8.90 -5.49 -5.70
C MET A 92 7.91 -6.47 -6.30
N PRO A 93 6.62 -6.33 -5.98
CA PRO A 93 6.12 -5.32 -5.08
C PRO A 93 5.95 -5.88 -3.65
N THR A 94 6.01 -5.04 -2.68
CA THR A 94 5.74 -5.48 -1.35
C THR A 94 4.52 -4.74 -0.82
N PHE A 95 3.56 -5.50 -0.36
CA PHE A 95 2.36 -4.96 0.16
C PHE A 95 2.40 -5.10 1.65
N MET A 96 2.30 -4.01 2.34
CA MET A 96 2.30 -4.07 3.76
C MET A 96 0.94 -3.73 4.28
N PHE A 97 0.39 -4.62 5.03
CA PHE A 97 -0.87 -4.46 5.59
C PHE A 97 -0.71 -4.17 7.06
N LEU A 98 -1.12 -3.02 7.47
CA LEU A 98 -1.03 -2.68 8.83
C LEU A 98 -2.32 -2.01 9.26
N LYS A 99 -2.55 -1.92 10.52
CA LYS A 99 -3.79 -1.40 11.00
C LYS A 99 -3.56 -0.39 12.07
N GLU A 100 -4.06 0.82 11.82
CA GLU A 100 -4.03 1.94 12.74
C GLU A 100 -2.59 2.36 13.08
N GLY A 101 -1.68 2.08 12.16
CA GLY A 101 -0.27 2.39 12.34
C GLY A 101 0.53 1.23 12.92
N LYS A 102 -0.14 0.16 13.29
CA LYS A 102 0.53 -1.03 13.83
C LYS A 102 0.61 -2.08 12.73
N ILE A 103 1.78 -2.65 12.54
CA ILE A 103 2.01 -3.62 11.46
C ILE A 103 1.36 -4.97 11.77
N LEU A 104 0.62 -5.49 10.80
CA LEU A 104 -0.03 -6.75 10.92
C LEU A 104 0.70 -7.81 10.14
N ASP A 105 0.68 -7.67 8.83
CA ASP A 105 1.30 -8.62 7.95
C ASP A 105 1.88 -7.98 6.72
N LYS A 106 2.83 -8.65 6.13
CA LYS A 106 3.54 -8.15 4.97
C LYS A 106 3.50 -9.20 3.87
N VAL A 107 3.22 -8.77 2.66
CA VAL A 107 3.23 -9.68 1.53
C VAL A 107 4.33 -9.24 0.58
N VAL A 108 5.28 -10.10 0.36
CA VAL A 108 6.37 -9.80 -0.52
C VAL A 108 6.20 -10.52 -1.86
N GLY A 109 6.12 -9.75 -2.93
CA GLY A 109 5.97 -10.31 -4.24
C GLY A 109 4.52 -10.39 -4.64
N ALA A 110 4.23 -10.16 -5.91
CA ALA A 110 2.87 -10.26 -6.36
C ALA A 110 2.57 -11.71 -6.56
N LYS A 111 1.78 -12.23 -5.69
CA LYS A 111 1.33 -13.57 -5.72
C LYS A 111 -0.17 -13.55 -5.69
N LYS A 112 -0.78 -14.12 -6.69
CA LYS A 112 -2.22 -14.08 -6.82
C LYS A 112 -2.91 -14.78 -5.65
N ASP A 113 -2.49 -16.00 -5.33
CA ASP A 113 -3.15 -16.78 -4.30
C ASP A 113 -2.85 -16.23 -2.91
N GLU A 114 -1.61 -15.85 -2.68
CA GLU A 114 -1.20 -15.31 -1.39
C GLU A 114 -1.90 -14.00 -1.09
N LEU A 115 -2.05 -13.16 -2.10
CA LEU A 115 -2.72 -11.90 -1.92
C LEU A 115 -4.14 -12.15 -1.52
N GLN A 116 -4.81 -12.96 -2.31
CA GLN A 116 -6.20 -13.33 -2.05
C GLN A 116 -6.39 -13.97 -0.67
N SER A 117 -5.39 -14.75 -0.24
CA SER A 117 -5.46 -15.38 1.05
C SER A 117 -5.28 -14.33 2.16
N THR A 118 -4.41 -13.38 1.93
CA THR A 118 -4.20 -12.29 2.85
C THR A 118 -5.46 -11.41 2.93
N ILE A 119 -6.09 -11.20 1.78
CA ILE A 119 -7.30 -10.42 1.74
C ILE A 119 -8.42 -11.16 2.48
N ALA A 120 -8.44 -12.49 2.37
CA ALA A 120 -9.42 -13.30 3.09
C ALA A 120 -9.14 -13.27 4.59
N LYS A 121 -7.87 -13.19 4.95
CA LYS A 121 -7.44 -13.07 6.29
C LYS A 121 -7.91 -11.75 6.90
N HIS A 122 -7.90 -10.71 6.09
CA HIS A 122 -8.34 -9.40 6.52
C HIS A 122 -9.85 -9.24 6.37
N LEU A 123 -10.46 -10.03 5.48
CA LEU A 123 -11.87 -9.97 5.22
C LEU A 123 -12.65 -10.32 6.47
N ALA A 124 -13.31 -9.32 7.01
CA ALA A 124 -14.13 -9.44 8.19
C ALA A 124 -14.90 -8.17 8.34
N MET A 11 -20.70 4.46 1.60
CA MET A 11 -19.89 5.65 1.75
C MET A 11 -20.03 6.52 0.51
N ALA A 12 -20.49 7.75 0.71
CA ALA A 12 -20.64 8.66 -0.39
C ALA A 12 -19.29 9.21 -0.81
N SER A 13 -18.68 8.51 -1.72
CA SER A 13 -17.40 8.82 -2.27
C SER A 13 -17.19 7.87 -3.43
N GLU A 14 -16.38 8.27 -4.39
CA GLU A 14 -16.09 7.43 -5.50
C GLU A 14 -15.08 6.35 -5.12
N GLU A 15 -14.07 6.75 -4.37
CA GLU A 15 -12.98 5.88 -3.91
C GLU A 15 -12.16 5.33 -5.08
N GLY A 16 -11.26 4.46 -4.76
CA GLY A 16 -10.35 3.93 -5.75
C GLY A 16 -9.09 4.74 -5.74
N GLN A 17 -8.98 5.58 -4.73
CA GLN A 17 -7.88 6.46 -4.60
C GLN A 17 -6.81 5.94 -3.71
N VAL A 18 -5.66 5.98 -4.24
CA VAL A 18 -4.46 5.57 -3.58
C VAL A 18 -3.56 6.78 -3.50
N ILE A 19 -2.91 6.98 -2.38
CA ILE A 19 -2.05 8.12 -2.27
C ILE A 19 -0.67 7.77 -2.83
N ALA A 20 -0.34 8.39 -3.93
CA ALA A 20 0.92 8.16 -4.57
C ALA A 20 1.93 9.14 -4.05
N CYS A 21 2.90 8.65 -3.35
CA CYS A 21 3.89 9.48 -2.78
C CYS A 21 5.06 9.57 -3.72
N HIS A 22 5.26 10.73 -4.27
CA HIS A 22 6.37 10.97 -5.16
C HIS A 22 7.51 11.58 -4.37
N THR A 23 7.25 11.78 -3.09
CA THR A 23 8.18 12.40 -2.22
C THR A 23 8.00 11.80 -0.83
N VAL A 24 8.98 11.97 0.01
CA VAL A 24 8.96 11.45 1.37
C VAL A 24 7.99 12.29 2.22
N GLU A 25 7.75 13.51 1.75
CA GLU A 25 6.87 14.45 2.41
C GLU A 25 5.45 13.89 2.44
N THR A 26 4.97 13.49 1.27
CA THR A 26 3.64 12.92 1.12
C THR A 26 3.57 11.58 1.86
N TRP A 27 4.64 10.86 1.80
CA TRP A 27 4.78 9.58 2.43
C TRP A 27 4.63 9.65 3.96
N ASN A 28 5.43 10.48 4.58
CA ASN A 28 5.46 10.54 6.04
C ASN A 28 4.21 11.19 6.61
N GLU A 29 3.76 12.27 5.97
CA GLU A 29 2.60 13.04 6.43
C GLU A 29 1.35 12.17 6.54
N GLN A 30 1.08 11.39 5.50
CA GLN A 30 -0.02 10.51 5.46
C GLN A 30 0.07 9.37 6.45
N LEU A 31 1.28 8.89 6.73
CA LEU A 31 1.48 7.86 7.67
C LEU A 31 1.15 8.35 9.06
N GLN A 32 1.67 9.51 9.42
CA GLN A 32 1.38 10.11 10.71
C GLN A 32 -0.11 10.31 10.86
N LYS A 33 -0.73 10.76 9.78
CA LYS A 33 -2.16 10.98 9.75
C LYS A 33 -2.90 9.64 9.95
N ALA A 34 -2.47 8.58 9.27
CA ALA A 34 -3.13 7.28 9.38
C ALA A 34 -2.94 6.67 10.77
N ASN A 35 -1.79 6.91 11.36
CA ASN A 35 -1.45 6.39 12.67
C ASN A 35 -2.26 7.11 13.73
N GLU A 36 -2.17 8.42 13.68
CA GLU A 36 -2.84 9.31 14.63
C GLU A 36 -4.35 9.20 14.55
N SER A 37 -4.87 9.17 13.35
CA SER A 37 -6.29 9.11 13.15
C SER A 37 -6.80 7.67 13.16
N LYS A 38 -5.91 6.74 13.53
CA LYS A 38 -6.24 5.33 13.67
C LYS A 38 -6.95 4.75 12.46
N THR A 39 -6.36 4.96 11.33
CA THR A 39 -6.91 4.47 10.12
C THR A 39 -6.11 3.23 9.71
N LEU A 40 -6.76 2.28 9.16
CA LEU A 40 -6.12 1.08 8.73
C LEU A 40 -5.54 1.40 7.36
N VAL A 41 -4.26 1.19 7.19
CA VAL A 41 -3.60 1.61 5.98
C VAL A 41 -2.80 0.46 5.32
N VAL A 42 -2.83 0.41 4.01
CA VAL A 42 -2.08 -0.55 3.24
C VAL A 42 -1.19 0.18 2.25
N VAL A 43 0.07 -0.13 2.26
CA VAL A 43 1.02 0.54 1.40
C VAL A 43 1.57 -0.41 0.35
N ASP A 44 1.57 0.03 -0.88
CA ASP A 44 2.14 -0.68 -2.01
C ASP A 44 3.48 -0.09 -2.38
N PHE A 45 4.53 -0.82 -2.09
CA PHE A 45 5.85 -0.43 -2.50
C PHE A 45 6.09 -1.10 -3.81
N THR A 46 6.29 -0.34 -4.83
CA THR A 46 6.36 -0.89 -6.14
C THR A 46 7.44 -0.20 -6.96
N ALA A 47 7.63 -0.65 -8.16
CA ALA A 47 8.53 -0.06 -9.08
C ALA A 47 7.83 0.05 -10.41
N SER A 48 7.87 1.21 -10.99
CA SER A 48 7.18 1.52 -12.24
C SER A 48 7.60 0.57 -13.39
N TRP A 49 8.77 -0.01 -13.28
CA TRP A 49 9.31 -0.87 -14.32
C TRP A 49 9.08 -2.37 -14.10
N CYS A 50 8.49 -2.78 -13.00
CA CYS A 50 8.30 -4.21 -12.78
C CYS A 50 6.93 -4.72 -13.24
N GLY A 51 6.97 -5.79 -14.05
CA GLY A 51 5.79 -6.37 -14.68
C GLY A 51 4.69 -6.80 -13.70
N PRO A 52 4.97 -7.75 -12.76
CA PRO A 52 3.98 -8.21 -11.77
C PRO A 52 3.39 -7.04 -10.98
N CYS A 53 4.18 -6.00 -10.80
CA CYS A 53 3.78 -4.83 -10.05
C CYS A 53 2.76 -4.02 -10.87
N ARG A 54 2.99 -3.97 -12.14
CA ARG A 54 2.14 -3.26 -13.06
C ARG A 54 0.84 -4.02 -13.26
N PHE A 55 0.95 -5.34 -13.28
CA PHE A 55 -0.19 -6.21 -13.46
C PHE A 55 -1.11 -6.20 -12.22
N ILE A 56 -0.51 -6.00 -11.05
CA ILE A 56 -1.26 -6.03 -9.81
C ILE A 56 -1.84 -4.63 -9.49
N ALA A 57 -1.37 -3.62 -10.22
CA ALA A 57 -1.81 -2.24 -10.01
C ALA A 57 -3.34 -2.04 -10.13
N PRO A 58 -4.01 -2.51 -11.24
CA PRO A 58 -5.47 -2.37 -11.38
C PRO A 58 -6.22 -3.15 -10.31
N PHE A 59 -5.55 -4.12 -9.74
CA PHE A 59 -6.12 -4.95 -8.71
C PHE A 59 -6.08 -4.19 -7.39
N PHE A 60 -4.94 -3.58 -7.09
CA PHE A 60 -4.76 -2.80 -5.87
C PHE A 60 -5.71 -1.58 -5.88
N ALA A 61 -5.94 -1.04 -7.07
CA ALA A 61 -6.87 0.07 -7.24
C ALA A 61 -8.31 -0.40 -6.96
N ASP A 62 -8.57 -1.68 -7.25
CA ASP A 62 -9.87 -2.30 -7.01
C ASP A 62 -10.11 -2.38 -5.53
N LEU A 63 -9.09 -2.84 -4.84
CA LEU A 63 -9.04 -2.87 -3.41
C LEU A 63 -9.31 -1.49 -2.82
N ALA A 64 -8.67 -0.48 -3.36
CA ALA A 64 -8.84 0.88 -2.90
C ALA A 64 -10.27 1.37 -3.10
N LYS A 65 -10.91 0.91 -4.15
CA LYS A 65 -12.26 1.31 -4.43
C LYS A 65 -13.26 0.54 -3.58
N LYS A 66 -12.95 -0.71 -3.30
CA LYS A 66 -13.87 -1.58 -2.58
C LYS A 66 -13.73 -1.29 -1.07
N LEU A 67 -12.53 -1.05 -0.62
CA LEU A 67 -12.28 -0.79 0.78
C LEU A 67 -12.10 0.72 1.03
N PRO A 68 -13.16 1.40 1.51
CA PRO A 68 -13.09 2.82 1.78
C PRO A 68 -12.61 3.09 3.22
N ASN A 69 -12.67 2.06 4.04
CA ASN A 69 -12.27 2.14 5.44
C ASN A 69 -10.76 2.05 5.54
N VAL A 70 -10.17 1.48 4.53
CA VAL A 70 -8.74 1.28 4.47
C VAL A 70 -8.11 2.35 3.59
N LEU A 71 -7.04 2.92 4.05
CA LEU A 71 -6.33 3.95 3.35
C LEU A 71 -5.17 3.26 2.59
N PHE A 72 -4.95 3.61 1.35
CA PHE A 72 -3.90 2.97 0.56
C PHE A 72 -2.89 3.98 0.04
N LEU A 73 -1.64 3.58 0.01
CA LEU A 73 -0.54 4.37 -0.52
C LEU A 73 0.23 3.59 -1.55
N LYS A 74 0.83 4.29 -2.46
CA LYS A 74 1.62 3.72 -3.51
C LYS A 74 2.93 4.46 -3.59
N VAL A 75 4.02 3.73 -3.46
CA VAL A 75 5.33 4.34 -3.46
C VAL A 75 6.27 3.62 -4.43
N ASP A 76 6.76 4.36 -5.41
CA ASP A 76 7.75 3.84 -6.34
C ASP A 76 9.11 3.85 -5.64
N THR A 77 9.59 2.68 -5.30
CA THR A 77 10.83 2.53 -4.56
C THR A 77 12.05 2.84 -5.40
N ASP A 78 11.84 2.88 -6.69
CA ASP A 78 12.88 3.22 -7.66
C ASP A 78 13.14 4.71 -7.54
N GLU A 79 12.08 5.43 -7.25
CA GLU A 79 12.12 6.84 -7.01
C GLU A 79 12.63 7.04 -5.59
N LEU A 80 11.81 6.62 -4.65
CA LEU A 80 12.10 6.73 -3.27
C LEU A 80 13.02 5.59 -2.80
N LYS A 81 14.27 5.66 -3.19
CA LYS A 81 15.25 4.64 -2.83
C LYS A 81 15.59 4.66 -1.35
N SER A 82 15.59 5.84 -0.76
CA SER A 82 15.90 5.98 0.64
C SER A 82 14.81 5.30 1.46
N VAL A 83 13.56 5.53 1.05
CA VAL A 83 12.39 4.91 1.70
C VAL A 83 12.46 3.39 1.54
N ALA A 84 12.90 2.96 0.37
CA ALA A 84 13.03 1.55 0.08
C ALA A 84 14.00 0.87 1.06
N SER A 85 15.11 1.50 1.32
CA SER A 85 16.08 0.95 2.25
C SER A 85 15.59 1.13 3.71
N ASP A 86 14.94 2.25 3.97
CA ASP A 86 14.46 2.62 5.30
C ASP A 86 13.40 1.63 5.82
N TRP A 87 12.56 1.14 4.92
CA TRP A 87 11.52 0.19 5.27
C TRP A 87 11.89 -1.25 4.90
N ALA A 88 13.07 -1.40 4.30
CA ALA A 88 13.61 -2.68 3.85
C ALA A 88 12.77 -3.31 2.73
N ILE A 89 12.85 -2.71 1.57
CA ILE A 89 12.15 -3.19 0.40
C ILE A 89 13.18 -3.47 -0.70
N GLN A 90 13.58 -4.70 -0.81
CA GLN A 90 14.54 -5.10 -1.81
C GLN A 90 13.82 -5.67 -3.04
N ALA A 91 12.67 -6.27 -2.82
CA ALA A 91 11.95 -6.90 -3.89
C ALA A 91 10.57 -6.29 -4.07
N MET A 92 10.34 -5.74 -5.24
CA MET A 92 9.07 -5.17 -5.57
C MET A 92 8.17 -6.15 -6.26
N PRO A 93 6.86 -6.08 -6.05
CA PRO A 93 6.22 -5.12 -5.15
C PRO A 93 6.04 -5.68 -3.74
N THR A 94 5.97 -4.82 -2.77
CA THR A 94 5.73 -5.24 -1.45
C THR A 94 4.48 -4.56 -0.92
N PHE A 95 3.56 -5.35 -0.44
CA PHE A 95 2.35 -4.84 0.09
C PHE A 95 2.42 -4.93 1.58
N MET A 96 2.30 -3.83 2.23
CA MET A 96 2.36 -3.83 3.66
C MET A 96 1.03 -3.46 4.23
N PHE A 97 0.51 -4.33 5.02
CA PHE A 97 -0.73 -4.18 5.64
C PHE A 97 -0.53 -3.83 7.08
N LEU A 98 -0.98 -2.69 7.45
CA LEU A 98 -0.89 -2.29 8.80
C LEU A 98 -2.23 -1.74 9.24
N LYS A 99 -2.44 -1.69 10.50
CA LYS A 99 -3.71 -1.30 11.00
C LYS A 99 -3.56 -0.29 12.07
N GLU A 100 -4.09 0.88 11.78
CA GLU A 100 -4.15 1.99 12.68
C GLU A 100 -2.75 2.40 13.16
N GLY A 101 -1.78 2.28 12.26
CA GLY A 101 -0.41 2.64 12.55
C GLY A 101 0.44 1.48 13.04
N LYS A 102 -0.17 0.34 13.34
CA LYS A 102 0.59 -0.83 13.79
C LYS A 102 0.64 -1.84 12.65
N ILE A 103 1.81 -2.35 12.35
CA ILE A 103 1.96 -3.30 11.24
C ILE A 103 1.42 -4.67 11.59
N LEU A 104 0.61 -5.21 10.70
CA LEU A 104 0.05 -6.52 10.88
C LEU A 104 0.82 -7.53 10.07
N ASP A 105 0.87 -7.33 8.78
CA ASP A 105 1.50 -8.26 7.88
C ASP A 105 1.96 -7.60 6.62
N LYS A 106 2.89 -8.22 5.97
CA LYS A 106 3.40 -7.74 4.70
C LYS A 106 3.67 -8.86 3.70
N VAL A 107 3.36 -8.60 2.46
CA VAL A 107 3.51 -9.57 1.39
C VAL A 107 4.55 -9.07 0.39
N VAL A 108 5.59 -9.82 0.19
CA VAL A 108 6.60 -9.49 -0.77
C VAL A 108 6.36 -10.28 -2.06
N GLY A 109 6.16 -9.57 -3.15
CA GLY A 109 5.86 -10.18 -4.40
C GLY A 109 4.39 -10.05 -4.69
N ALA A 110 4.03 -9.92 -5.95
CA ALA A 110 2.65 -9.79 -6.27
C ALA A 110 2.07 -11.16 -6.47
N LYS A 111 1.27 -11.56 -5.54
CA LYS A 111 0.63 -12.82 -5.59
C LYS A 111 -0.84 -12.59 -5.43
N LYS A 112 -1.59 -12.81 -6.48
CA LYS A 112 -3.00 -12.52 -6.50
C LYS A 112 -3.80 -13.38 -5.54
N ASP A 113 -3.58 -14.68 -5.59
CA ASP A 113 -4.33 -15.62 -4.73
C ASP A 113 -3.97 -15.42 -3.25
N GLU A 114 -2.70 -15.24 -3.00
CA GLU A 114 -2.21 -15.02 -1.65
C GLU A 114 -2.69 -13.65 -1.12
N LEU A 115 -2.81 -12.70 -2.03
CA LEU A 115 -3.29 -11.38 -1.69
C LEU A 115 -4.73 -11.50 -1.26
N GLN A 116 -5.51 -12.18 -2.08
CA GLN A 116 -6.93 -12.48 -1.78
C GLN A 116 -7.07 -13.17 -0.43
N SER A 117 -6.14 -14.05 -0.13
CA SER A 117 -6.14 -14.74 1.14
C SER A 117 -5.90 -13.74 2.26
N THR A 118 -4.95 -12.87 2.06
CA THR A 118 -4.61 -11.85 3.02
C THR A 118 -5.81 -10.88 3.20
N ILE A 119 -6.50 -10.58 2.11
CA ILE A 119 -7.67 -9.72 2.18
C ILE A 119 -8.75 -10.39 3.03
N ALA A 120 -8.94 -11.70 2.84
CA ALA A 120 -9.94 -12.45 3.60
C ALA A 120 -9.53 -12.56 5.07
N LYS A 121 -8.23 -12.61 5.32
CA LYS A 121 -7.70 -12.64 6.61
C LYS A 121 -7.95 -11.34 7.35
N HIS A 122 -7.98 -10.25 6.62
CA HIS A 122 -8.29 -8.95 7.16
C HIS A 122 -9.79 -8.72 7.25
N LEU A 123 -10.53 -9.29 6.29
CA LEU A 123 -11.96 -9.12 6.17
C LEU A 123 -12.70 -9.54 7.44
N ALA A 124 -13.46 -8.61 8.00
CA ALA A 124 -14.26 -8.83 9.19
C ALA A 124 -15.19 -7.64 9.40
N MET A 11 -22.13 12.40 1.85
CA MET A 11 -20.95 11.64 1.62
C MET A 11 -19.78 12.59 1.69
N ALA A 12 -19.23 12.71 2.87
CA ALA A 12 -18.12 13.61 3.12
C ALA A 12 -16.82 12.84 3.01
N SER A 13 -16.95 11.60 2.67
CA SER A 13 -15.83 10.73 2.46
C SER A 13 -15.65 10.62 0.95
N GLU A 14 -14.43 10.68 0.49
CA GLU A 14 -14.17 10.62 -0.92
C GLU A 14 -13.79 9.21 -1.32
N GLU A 15 -12.53 8.85 -1.07
CA GLU A 15 -11.99 7.51 -1.29
C GLU A 15 -12.20 6.98 -2.70
N GLY A 16 -11.93 5.71 -2.89
CA GLY A 16 -12.09 5.11 -4.17
C GLY A 16 -10.83 5.21 -4.98
N GLN A 17 -9.74 5.57 -4.30
CA GLN A 17 -8.47 5.74 -4.93
C GLN A 17 -7.36 5.38 -3.99
N VAL A 18 -6.20 5.30 -4.54
CA VAL A 18 -5.00 5.00 -3.82
C VAL A 18 -4.07 6.23 -3.90
N ILE A 19 -3.35 6.55 -2.83
CA ILE A 19 -2.50 7.72 -2.87
C ILE A 19 -1.08 7.36 -3.28
N ALA A 20 -0.68 7.83 -4.43
CA ALA A 20 0.65 7.57 -4.93
C ALA A 20 1.59 8.64 -4.45
N CYS A 21 2.51 8.27 -3.58
CA CYS A 21 3.41 9.19 -3.02
C CYS A 21 4.70 9.23 -3.81
N HIS A 22 5.05 10.37 -4.29
CA HIS A 22 6.29 10.56 -5.01
C HIS A 22 7.26 11.31 -4.13
N THR A 23 6.82 11.66 -2.94
CA THR A 23 7.61 12.47 -2.05
C THR A 23 7.55 11.92 -0.64
N VAL A 24 8.57 12.20 0.15
CA VAL A 24 8.59 11.76 1.52
C VAL A 24 7.62 12.63 2.34
N GLU A 25 7.32 13.85 1.83
CA GLU A 25 6.38 14.74 2.45
C GLU A 25 5.02 14.07 2.58
N THR A 26 4.52 13.53 1.46
CA THR A 26 3.22 12.87 1.45
C THR A 26 3.29 11.56 2.23
N TRP A 27 4.39 10.84 2.06
CA TRP A 27 4.62 9.59 2.77
C TRP A 27 4.48 9.78 4.29
N ASN A 28 5.21 10.74 4.83
CA ASN A 28 5.19 11.00 6.26
C ASN A 28 3.81 11.50 6.68
N GLU A 29 3.24 12.38 5.86
CA GLU A 29 1.93 12.98 6.13
C GLU A 29 0.84 11.93 6.30
N GLN A 30 0.80 10.97 5.38
CA GLN A 30 -0.18 9.94 5.40
C GLN A 30 -0.04 9.02 6.58
N LEU A 31 1.20 8.63 6.92
CA LEU A 31 1.43 7.77 8.01
C LEU A 31 1.08 8.44 9.31
N GLN A 32 1.47 9.67 9.44
CA GLN A 32 1.15 10.46 10.61
C GLN A 32 -0.36 10.58 10.75
N LYS A 33 -1.03 10.81 9.62
CA LYS A 33 -2.47 10.92 9.59
C LYS A 33 -3.12 9.60 9.98
N ALA A 34 -2.59 8.49 9.47
CA ALA A 34 -3.14 7.18 9.77
C ALA A 34 -2.94 6.84 11.23
N ASN A 35 -1.79 7.21 11.76
CA ASN A 35 -1.44 6.94 13.16
C ASN A 35 -2.36 7.74 14.07
N GLU A 36 -2.38 9.03 13.83
CA GLU A 36 -3.14 10.00 14.61
C GLU A 36 -4.64 9.72 14.58
N SER A 37 -5.15 9.30 13.46
CA SER A 37 -6.56 9.04 13.32
C SER A 37 -6.91 7.57 13.60
N LYS A 38 -5.87 6.77 13.90
CA LYS A 38 -6.01 5.33 14.16
C LYS A 38 -6.66 4.63 12.97
N THR A 39 -6.29 5.10 11.80
CA THR A 39 -6.82 4.61 10.56
C THR A 39 -6.03 3.38 10.12
N LEU A 40 -6.72 2.49 9.53
CA LEU A 40 -6.16 1.27 9.00
C LEU A 40 -5.52 1.61 7.64
N VAL A 41 -4.26 1.31 7.48
CA VAL A 41 -3.53 1.73 6.31
C VAL A 41 -2.83 0.55 5.63
N VAL A 42 -2.79 0.56 4.31
CA VAL A 42 -2.12 -0.45 3.55
C VAL A 42 -1.14 0.21 2.60
N VAL A 43 0.11 -0.19 2.67
CA VAL A 43 1.12 0.41 1.86
C VAL A 43 1.64 -0.57 0.81
N ASP A 44 1.67 -0.09 -0.40
CA ASP A 44 2.16 -0.81 -1.55
C ASP A 44 3.51 -0.27 -1.96
N PHE A 45 4.54 -1.09 -1.89
CA PHE A 45 5.83 -0.69 -2.39
C PHE A 45 6.04 -1.41 -3.71
N THR A 46 6.15 -0.67 -4.77
CA THR A 46 6.21 -1.26 -6.09
C THR A 46 7.10 -0.43 -7.02
N ALA A 47 7.67 -1.07 -8.03
CA ALA A 47 8.46 -0.39 -9.02
C ALA A 47 7.71 -0.41 -10.34
N SER A 48 7.55 0.74 -10.94
CA SER A 48 6.82 0.86 -12.21
C SER A 48 7.50 0.12 -13.39
N TRP A 49 8.77 -0.22 -13.25
CA TRP A 49 9.50 -0.88 -14.33
C TRP A 49 9.39 -2.41 -14.33
N CYS A 50 8.81 -2.99 -13.31
CA CYS A 50 8.68 -4.45 -13.28
C CYS A 50 7.28 -4.93 -13.72
N GLY A 51 7.28 -5.98 -14.55
CA GLY A 51 6.03 -6.52 -15.16
C GLY A 51 4.93 -6.91 -14.17
N PRO A 52 5.19 -7.86 -13.23
CA PRO A 52 4.17 -8.28 -12.23
C PRO A 52 3.70 -7.10 -11.39
N CYS A 53 4.59 -6.17 -11.20
CA CYS A 53 4.35 -4.97 -10.44
C CYS A 53 3.34 -4.09 -11.17
N ARG A 54 3.59 -3.87 -12.44
CA ARG A 54 2.74 -3.07 -13.29
C ARG A 54 1.37 -3.74 -13.44
N PHE A 55 1.37 -5.06 -13.42
CA PHE A 55 0.15 -5.84 -13.55
C PHE A 55 -0.68 -5.81 -12.25
N ILE A 56 -0.01 -5.73 -11.12
CA ILE A 56 -0.72 -5.80 -9.85
C ILE A 56 -1.20 -4.41 -9.42
N ALA A 57 -0.59 -3.37 -10.00
CA ALA A 57 -0.94 -1.99 -9.69
C ALA A 57 -2.45 -1.66 -9.87
N PRO A 58 -3.08 -1.95 -11.06
CA PRO A 58 -4.51 -1.68 -11.29
C PRO A 58 -5.38 -2.49 -10.33
N PHE A 59 -4.88 -3.65 -9.91
CA PHE A 59 -5.62 -4.50 -9.02
C PHE A 59 -5.60 -3.92 -7.61
N PHE A 60 -4.46 -3.41 -7.19
CA PHE A 60 -4.33 -2.80 -5.88
C PHE A 60 -5.18 -1.53 -5.82
N ALA A 61 -5.28 -0.85 -6.96
CA ALA A 61 -6.12 0.34 -7.08
C ALA A 61 -7.59 -0.04 -6.88
N ASP A 62 -7.95 -1.26 -7.30
CA ASP A 62 -9.33 -1.74 -7.12
C ASP A 62 -9.56 -2.01 -5.68
N LEU A 63 -8.59 -2.66 -5.07
CA LEU A 63 -8.57 -2.95 -3.67
C LEU A 63 -8.73 -1.68 -2.83
N ALA A 64 -8.11 -0.60 -3.28
CA ALA A 64 -8.19 0.70 -2.62
C ALA A 64 -9.62 1.23 -2.65
N LYS A 65 -10.29 0.98 -3.74
CA LYS A 65 -11.68 1.38 -3.90
C LYS A 65 -12.60 0.42 -3.16
N LYS A 66 -12.14 -0.82 -3.04
CA LYS A 66 -12.90 -1.88 -2.40
C LYS A 66 -13.05 -1.60 -0.91
N LEU A 67 -12.00 -1.09 -0.29
CA LEU A 67 -12.04 -0.76 1.10
C LEU A 67 -11.98 0.74 1.33
N PRO A 68 -13.15 1.34 1.56
CA PRO A 68 -13.27 2.79 1.74
C PRO A 68 -12.77 3.30 3.09
N ASN A 69 -12.76 2.46 4.11
CA ASN A 69 -12.34 2.94 5.42
C ASN A 69 -10.85 2.63 5.64
N VAL A 70 -10.22 2.14 4.61
CA VAL A 70 -8.82 1.81 4.65
C VAL A 70 -8.09 2.77 3.72
N LEU A 71 -6.98 3.30 4.18
CA LEU A 71 -6.23 4.24 3.39
C LEU A 71 -5.07 3.47 2.72
N PHE A 72 -5.03 3.51 1.40
CA PHE A 72 -4.02 2.78 0.63
C PHE A 72 -3.06 3.73 -0.04
N LEU A 73 -1.82 3.35 -0.13
CA LEU A 73 -0.80 4.16 -0.76
C LEU A 73 0.01 3.36 -1.77
N LYS A 74 0.35 4.02 -2.86
CA LYS A 74 1.23 3.48 -3.85
C LYS A 74 2.57 4.15 -3.70
N VAL A 75 3.55 3.40 -3.36
CA VAL A 75 4.89 3.90 -3.20
C VAL A 75 5.76 3.28 -4.25
N ASP A 76 6.30 4.09 -5.12
CA ASP A 76 7.18 3.59 -6.12
C ASP A 76 8.58 3.58 -5.58
N THR A 77 9.24 2.47 -5.70
CA THR A 77 10.53 2.28 -5.11
C THR A 77 11.67 3.03 -5.82
N ASP A 78 11.45 3.48 -7.03
CA ASP A 78 12.45 4.30 -7.70
C ASP A 78 12.28 5.72 -7.24
N GLU A 79 11.01 6.14 -7.24
CA GLU A 79 10.59 7.43 -6.78
C GLU A 79 11.03 7.64 -5.35
N LEU A 80 10.59 6.77 -4.48
CA LEU A 80 10.96 6.81 -3.14
C LEU A 80 11.94 5.71 -2.84
N LYS A 81 13.12 5.87 -3.40
CA LYS A 81 14.20 4.91 -3.27
C LYS A 81 14.72 4.86 -1.85
N SER A 82 14.67 5.99 -1.17
CA SER A 82 15.13 6.08 0.18
C SER A 82 14.19 5.33 1.12
N VAL A 83 12.90 5.53 0.91
CA VAL A 83 11.86 4.87 1.69
C VAL A 83 11.94 3.36 1.47
N ALA A 84 12.09 2.99 0.22
CA ALA A 84 12.18 1.59 -0.15
C ALA A 84 13.39 0.92 0.49
N SER A 85 14.48 1.65 0.57
CA SER A 85 15.69 1.12 1.16
C SER A 85 15.55 1.11 2.70
N ASP A 86 14.88 2.12 3.24
CA ASP A 86 14.71 2.27 4.70
C ASP A 86 13.83 1.16 5.28
N TRP A 87 12.82 0.77 4.53
CA TRP A 87 11.93 -0.30 4.96
C TRP A 87 12.41 -1.66 4.50
N ALA A 88 13.55 -1.66 3.82
CA ALA A 88 14.21 -2.85 3.30
C ALA A 88 13.34 -3.65 2.34
N ILE A 89 13.07 -3.05 1.20
CA ILE A 89 12.28 -3.70 0.18
C ILE A 89 13.22 -4.39 -0.78
N GLN A 90 13.45 -5.66 -0.54
CA GLN A 90 14.39 -6.45 -1.29
C GLN A 90 13.72 -7.03 -2.53
N ALA A 91 12.50 -7.46 -2.38
CA ALA A 91 11.77 -8.08 -3.47
C ALA A 91 10.49 -7.31 -3.72
N MET A 92 10.29 -6.89 -4.92
CA MET A 92 9.18 -6.04 -5.27
C MET A 92 8.14 -6.81 -6.06
N PRO A 93 6.85 -6.48 -5.89
CA PRO A 93 6.36 -5.46 -4.97
C PRO A 93 6.18 -6.01 -3.56
N THR A 94 6.24 -5.16 -2.59
CA THR A 94 6.01 -5.55 -1.25
C THR A 94 4.76 -4.86 -0.73
N PHE A 95 3.83 -5.64 -0.24
CA PHE A 95 2.61 -5.12 0.27
C PHE A 95 2.65 -5.22 1.77
N MET A 96 2.51 -4.11 2.43
CA MET A 96 2.53 -4.12 3.86
C MET A 96 1.19 -3.70 4.40
N PHE A 97 0.63 -4.56 5.18
CA PHE A 97 -0.64 -4.38 5.76
C PHE A 97 -0.48 -4.10 7.23
N LEU A 98 -0.90 -2.96 7.64
CA LEU A 98 -0.76 -2.59 8.99
C LEU A 98 -2.05 -2.00 9.48
N LYS A 99 -2.19 -1.88 10.77
CA LYS A 99 -3.42 -1.44 11.37
C LYS A 99 -3.13 -0.37 12.34
N GLU A 100 -3.68 0.80 12.06
CA GLU A 100 -3.54 2.00 12.86
C GLU A 100 -2.06 2.43 12.95
N GLY A 101 -1.27 1.97 12.01
CA GLY A 101 0.16 2.21 12.04
C GLY A 101 0.95 1.08 12.71
N LYS A 102 0.27 0.04 13.20
CA LYS A 102 0.96 -1.12 13.77
C LYS A 102 1.04 -2.18 12.69
N ILE A 103 2.21 -2.75 12.49
CA ILE A 103 2.42 -3.72 11.42
C ILE A 103 1.74 -5.05 11.73
N LEU A 104 0.89 -5.53 10.83
CA LEU A 104 0.19 -6.78 11.02
C LEU A 104 0.79 -7.88 10.16
N ASP A 105 0.74 -7.69 8.88
CA ASP A 105 1.17 -8.69 7.95
C ASP A 105 1.73 -8.06 6.75
N LYS A 106 2.53 -8.78 6.07
CA LYS A 106 3.24 -8.23 4.98
C LYS A 106 3.53 -9.30 3.96
N VAL A 107 3.19 -9.01 2.73
CA VAL A 107 3.30 -9.96 1.63
C VAL A 107 4.35 -9.45 0.65
N VAL A 108 5.37 -10.24 0.44
CA VAL A 108 6.41 -9.88 -0.49
C VAL A 108 6.17 -10.60 -1.82
N GLY A 109 6.28 -9.87 -2.91
CA GLY A 109 6.09 -10.41 -4.21
C GLY A 109 4.65 -10.27 -4.64
N ALA A 110 4.42 -10.06 -5.91
CA ALA A 110 3.06 -9.92 -6.38
C ALA A 110 2.46 -11.29 -6.46
N LYS A 111 1.58 -11.56 -5.55
CA LYS A 111 0.91 -12.80 -5.48
C LYS A 111 -0.56 -12.56 -5.52
N LYS A 112 -1.21 -12.94 -6.59
CA LYS A 112 -2.60 -12.64 -6.76
C LYS A 112 -3.47 -13.45 -5.79
N ASP A 113 -3.07 -14.68 -5.54
CA ASP A 113 -3.83 -15.54 -4.62
C ASP A 113 -3.69 -15.09 -3.19
N GLU A 114 -2.46 -14.88 -2.76
CA GLU A 114 -2.19 -14.51 -1.39
C GLU A 114 -2.64 -13.10 -1.07
N LEU A 115 -2.55 -12.20 -2.04
CA LEU A 115 -2.97 -10.83 -1.84
C LEU A 115 -4.44 -10.78 -1.48
N GLN A 116 -5.22 -11.44 -2.29
CA GLN A 116 -6.67 -11.51 -2.08
C GLN A 116 -7.02 -12.18 -0.75
N SER A 117 -6.24 -13.18 -0.38
CA SER A 117 -6.47 -13.85 0.89
C SER A 117 -6.11 -12.92 2.05
N THR A 118 -5.15 -12.06 1.79
CA THR A 118 -4.73 -11.08 2.75
C THR A 118 -5.81 -10.00 2.89
N ILE A 119 -6.46 -9.68 1.79
CA ILE A 119 -7.54 -8.72 1.81
C ILE A 119 -8.68 -9.24 2.66
N ALA A 120 -9.14 -10.46 2.36
CA ALA A 120 -10.23 -11.08 3.11
C ALA A 120 -9.85 -11.28 4.57
N LYS A 121 -8.58 -11.50 4.80
CA LYS A 121 -8.01 -11.65 6.13
C LYS A 121 -8.32 -10.41 6.96
N HIS A 122 -8.15 -9.26 6.35
CA HIS A 122 -8.38 -7.99 6.99
C HIS A 122 -9.85 -7.61 7.06
N LEU A 123 -10.69 -8.22 6.23
CA LEU A 123 -12.09 -7.97 6.29
C LEU A 123 -12.69 -8.52 7.57
N ALA A 124 -13.14 -7.63 8.42
CA ALA A 124 -13.73 -7.99 9.69
C ALA A 124 -14.87 -7.06 10.00
N MET A 11 -14.70 17.98 2.26
CA MET A 11 -15.23 16.67 2.13
C MET A 11 -14.29 15.84 1.30
N ALA A 12 -13.47 15.12 1.97
CA ALA A 12 -12.47 14.33 1.32
C ALA A 12 -12.95 12.92 1.18
N SER A 13 -13.40 12.59 0.01
CA SER A 13 -13.87 11.30 -0.28
C SER A 13 -12.69 10.42 -0.67
N GLU A 14 -11.98 9.93 0.33
CA GLU A 14 -10.81 9.13 0.10
C GLU A 14 -11.24 7.68 -0.12
N GLU A 15 -11.68 7.40 -1.31
CA GLU A 15 -12.16 6.10 -1.71
C GLU A 15 -12.13 6.03 -3.21
N GLY A 16 -11.78 4.88 -3.74
CA GLY A 16 -11.66 4.75 -5.18
C GLY A 16 -10.43 5.46 -5.68
N GLN A 17 -9.56 5.77 -4.76
CA GLN A 17 -8.34 6.46 -5.02
C GLN A 17 -7.26 5.99 -4.10
N VAL A 18 -6.08 6.02 -4.61
CA VAL A 18 -4.90 5.57 -3.94
C VAL A 18 -3.98 6.77 -3.75
N ILE A 19 -3.31 6.87 -2.63
CA ILE A 19 -2.41 7.95 -2.43
C ILE A 19 -1.05 7.56 -2.99
N ALA A 20 -0.64 8.20 -4.02
CA ALA A 20 0.63 7.91 -4.62
C ALA A 20 1.69 8.81 -4.04
N CYS A 21 2.56 8.25 -3.24
CA CYS A 21 3.57 9.02 -2.62
C CYS A 21 4.80 8.99 -3.49
N HIS A 22 5.21 10.15 -3.92
CA HIS A 22 6.40 10.28 -4.73
C HIS A 22 7.40 11.09 -3.96
N THR A 23 7.10 11.32 -2.69
CA THR A 23 7.94 12.14 -1.87
C THR A 23 7.94 11.55 -0.47
N VAL A 24 9.00 11.79 0.26
CA VAL A 24 9.12 11.26 1.60
C VAL A 24 8.26 12.07 2.57
N GLU A 25 7.98 13.34 2.18
CA GLU A 25 7.10 14.21 2.95
C GLU A 25 5.73 13.55 3.09
N THR A 26 5.18 13.14 1.95
CA THR A 26 3.88 12.52 1.89
C THR A 26 3.91 11.17 2.60
N TRP A 27 4.99 10.44 2.39
CA TRP A 27 5.20 9.15 3.02
C TRP A 27 5.04 9.23 4.54
N ASN A 28 5.77 10.13 5.17
CA ASN A 28 5.71 10.29 6.62
C ASN A 28 4.36 10.86 7.03
N GLU A 29 3.92 11.87 6.30
CA GLU A 29 2.68 12.58 6.58
C GLU A 29 1.45 11.66 6.57
N GLN A 30 1.35 10.81 5.56
CA GLN A 30 0.26 9.90 5.44
C GLN A 30 0.24 8.87 6.54
N LEU A 31 1.40 8.38 6.92
CA LEU A 31 1.49 7.44 7.97
C LEU A 31 1.15 8.07 9.29
N GLN A 32 1.62 9.29 9.48
CA GLN A 32 1.33 10.05 10.68
C GLN A 32 -0.19 10.23 10.78
N LYS A 33 -0.78 10.62 9.66
CA LYS A 33 -2.21 10.81 9.55
C LYS A 33 -2.97 9.50 9.83
N ALA A 34 -2.52 8.40 9.25
CA ALA A 34 -3.18 7.11 9.42
C ALA A 34 -3.07 6.63 10.86
N ASN A 35 -1.97 6.97 11.50
CA ASN A 35 -1.70 6.56 12.87
C ASN A 35 -2.63 7.30 13.81
N GLU A 36 -2.60 8.62 13.70
CA GLU A 36 -3.39 9.49 14.58
C GLU A 36 -4.89 9.27 14.41
N SER A 37 -5.30 8.99 13.19
CA SER A 37 -6.70 8.81 12.91
C SER A 37 -7.16 7.37 13.14
N LYS A 38 -6.18 6.47 13.35
CA LYS A 38 -6.43 5.03 13.50
C LYS A 38 -7.18 4.49 12.31
N THR A 39 -6.65 4.79 11.16
CA THR A 39 -7.22 4.35 9.94
C THR A 39 -6.46 3.14 9.46
N LEU A 40 -7.16 2.23 8.89
CA LEU A 40 -6.58 1.05 8.32
C LEU A 40 -5.82 1.47 7.07
N VAL A 41 -4.54 1.18 7.02
CA VAL A 41 -3.71 1.64 5.94
C VAL A 41 -2.95 0.49 5.27
N VAL A 42 -2.96 0.47 3.97
CA VAL A 42 -2.27 -0.52 3.19
C VAL A 42 -1.31 0.18 2.25
N VAL A 43 -0.06 -0.10 2.39
CA VAL A 43 0.96 0.52 1.58
C VAL A 43 1.50 -0.49 0.58
N ASP A 44 1.46 -0.13 -0.65
CA ASP A 44 1.96 -0.95 -1.72
C ASP A 44 3.21 -0.30 -2.29
N PHE A 45 4.29 -1.04 -2.32
CA PHE A 45 5.51 -0.56 -2.89
C PHE A 45 5.67 -1.11 -4.31
N THR A 46 5.71 -0.22 -5.26
CA THR A 46 5.82 -0.57 -6.65
C THR A 46 6.97 0.19 -7.29
N ALA A 47 7.52 -0.36 -8.32
CA ALA A 47 8.51 0.27 -9.11
C ALA A 47 7.97 0.34 -10.52
N SER A 48 7.96 1.52 -11.11
CA SER A 48 7.44 1.73 -12.47
C SER A 48 8.05 0.75 -13.50
N TRP A 49 9.30 0.39 -13.28
CA TRP A 49 10.02 -0.49 -14.17
C TRP A 49 9.71 -1.97 -13.90
N CYS A 50 8.86 -2.25 -12.93
CA CYS A 50 8.54 -3.61 -12.57
C CYS A 50 7.22 -4.02 -13.20
N GLY A 51 7.27 -5.10 -13.98
CA GLY A 51 6.10 -5.61 -14.69
C GLY A 51 5.00 -6.14 -13.77
N PRO A 52 5.24 -7.25 -13.01
CA PRO A 52 4.24 -7.84 -12.10
C PRO A 52 3.74 -6.82 -11.07
N CYS A 53 4.59 -5.89 -10.71
CA CYS A 53 4.26 -4.85 -9.76
C CYS A 53 3.20 -3.91 -10.34
N ARG A 54 3.31 -3.64 -11.63
CA ARG A 54 2.33 -2.81 -12.29
C ARG A 54 1.07 -3.62 -12.59
N PHE A 55 1.26 -4.89 -12.87
CA PHE A 55 0.17 -5.79 -13.17
C PHE A 55 -0.78 -5.96 -11.97
N ILE A 56 -0.24 -5.82 -10.77
CA ILE A 56 -1.04 -6.01 -9.58
C ILE A 56 -1.73 -4.67 -9.19
N ALA A 57 -1.29 -3.59 -9.83
CA ALA A 57 -1.81 -2.26 -9.54
C ALA A 57 -3.33 -2.12 -9.78
N PRO A 58 -3.92 -2.59 -10.95
CA PRO A 58 -5.38 -2.51 -11.20
C PRO A 58 -6.19 -3.22 -10.10
N PHE A 59 -5.62 -4.28 -9.55
CA PHE A 59 -6.29 -5.04 -8.50
C PHE A 59 -6.27 -4.23 -7.21
N PHE A 60 -5.14 -3.59 -6.95
CA PHE A 60 -4.97 -2.75 -5.75
C PHE A 60 -5.81 -1.47 -5.88
N ALA A 61 -5.93 -0.96 -7.09
CA ALA A 61 -6.77 0.21 -7.34
C ALA A 61 -8.23 -0.15 -7.15
N ASP A 62 -8.54 -1.41 -7.37
CA ASP A 62 -9.90 -1.94 -7.17
C ASP A 62 -10.17 -2.03 -5.71
N LEU A 63 -9.18 -2.51 -4.99
CA LEU A 63 -9.20 -2.61 -3.56
C LEU A 63 -9.53 -1.25 -2.93
N ALA A 64 -8.95 -0.20 -3.48
CA ALA A 64 -9.16 1.15 -3.00
C ALA A 64 -10.62 1.60 -3.15
N LYS A 65 -11.27 1.14 -4.20
CA LYS A 65 -12.67 1.49 -4.38
C LYS A 65 -13.55 0.57 -3.53
N LYS A 66 -13.06 -0.64 -3.33
CA LYS A 66 -13.79 -1.68 -2.63
C LYS A 66 -13.88 -1.36 -1.13
N LEU A 67 -12.78 -0.86 -0.57
CA LEU A 67 -12.74 -0.49 0.82
C LEU A 67 -12.59 1.03 0.96
N PRO A 68 -13.70 1.75 1.18
CA PRO A 68 -13.73 3.20 1.23
C PRO A 68 -13.39 3.77 2.63
N ASN A 69 -12.81 2.95 3.46
CA ASN A 69 -12.44 3.38 4.82
C ASN A 69 -10.97 3.05 5.05
N VAL A 70 -10.33 2.59 4.01
CA VAL A 70 -8.95 2.17 4.10
C VAL A 70 -8.08 3.05 3.24
N LEU A 71 -6.96 3.47 3.76
CA LEU A 71 -6.04 4.28 3.03
C LEU A 71 -5.07 3.40 2.29
N PHE A 72 -5.11 3.45 0.98
CA PHE A 72 -4.21 2.68 0.16
C PHE A 72 -3.19 3.61 -0.42
N LEU A 73 -1.97 3.17 -0.43
CA LEU A 73 -0.87 3.97 -0.91
C LEU A 73 -0.03 3.22 -1.92
N LYS A 74 0.40 3.93 -2.93
CA LYS A 74 1.32 3.45 -3.90
C LYS A 74 2.60 4.22 -3.77
N VAL A 75 3.64 3.55 -3.42
CA VAL A 75 4.93 4.17 -3.27
C VAL A 75 5.84 3.66 -4.37
N ASP A 76 6.31 4.57 -5.21
CA ASP A 76 7.21 4.19 -6.29
C ASP A 76 8.63 4.20 -5.77
N THR A 77 9.21 3.03 -5.70
CA THR A 77 10.54 2.82 -5.17
C THR A 77 11.64 3.32 -6.11
N ASP A 78 11.30 3.58 -7.37
CA ASP A 78 12.27 4.07 -8.32
C ASP A 78 12.60 5.48 -7.98
N GLU A 79 11.58 6.22 -7.65
CA GLU A 79 11.70 7.53 -7.17
C GLU A 79 12.13 7.54 -5.71
N LEU A 80 11.33 6.96 -4.85
CA LEU A 80 11.61 6.90 -3.47
C LEU A 80 12.49 5.71 -3.10
N LYS A 81 13.74 5.81 -3.47
CA LYS A 81 14.72 4.76 -3.21
C LYS A 81 15.02 4.66 -1.72
N SER A 82 15.00 5.80 -1.06
CA SER A 82 15.32 5.89 0.34
C SER A 82 14.29 5.18 1.22
N VAL A 83 13.06 5.11 0.75
CA VAL A 83 12.01 4.44 1.48
C VAL A 83 12.22 2.93 1.39
N ALA A 84 12.38 2.43 0.18
CA ALA A 84 12.60 1.01 -0.06
C ALA A 84 13.85 0.53 0.66
N SER A 85 14.90 1.34 0.61
CA SER A 85 16.14 0.97 1.22
C SER A 85 16.04 1.00 2.75
N ASP A 86 15.18 1.86 3.28
CA ASP A 86 15.03 2.02 4.74
C ASP A 86 14.28 0.85 5.32
N TRP A 87 13.31 0.37 4.58
CA TRP A 87 12.48 -0.73 5.01
C TRP A 87 13.05 -2.07 4.58
N ALA A 88 14.29 -2.05 4.08
CA ALA A 88 15.04 -3.24 3.66
C ALA A 88 14.39 -3.95 2.49
N ILE A 89 13.61 -3.22 1.73
CA ILE A 89 12.89 -3.75 0.59
C ILE A 89 13.84 -3.99 -0.57
N GLN A 90 14.10 -5.24 -0.83
CA GLN A 90 14.96 -5.66 -1.92
C GLN A 90 14.14 -6.31 -3.03
N ALA A 91 13.11 -7.04 -2.65
CA ALA A 91 12.26 -7.69 -3.60
C ALA A 91 10.92 -7.01 -3.61
N MET A 92 10.45 -6.70 -4.79
CA MET A 92 9.22 -5.97 -4.96
C MET A 92 8.28 -6.79 -5.82
N PRO A 93 6.97 -6.54 -5.75
CA PRO A 93 6.37 -5.51 -4.91
C PRO A 93 6.16 -5.99 -3.49
N THR A 94 6.12 -5.08 -2.59
CA THR A 94 5.88 -5.39 -1.24
C THR A 94 4.58 -4.75 -0.83
N PHE A 95 3.69 -5.52 -0.30
CA PHE A 95 2.45 -5.02 0.15
C PHE A 95 2.55 -5.01 1.65
N MET A 96 2.41 -3.88 2.22
CA MET A 96 2.51 -3.73 3.64
C MET A 96 1.17 -3.37 4.20
N PHE A 97 0.71 -4.18 5.06
CA PHE A 97 -0.56 -4.06 5.65
C PHE A 97 -0.44 -3.68 7.10
N LEU A 98 -0.96 -2.56 7.42
CA LEU A 98 -0.96 -2.11 8.76
C LEU A 98 -2.40 -1.97 9.18
N LYS A 99 -2.65 -1.85 10.44
CA LYS A 99 -3.97 -1.63 10.93
C LYS A 99 -3.93 -0.52 11.91
N GLU A 100 -4.62 0.55 11.59
CA GLU A 100 -4.77 1.71 12.44
C GLU A 100 -3.41 2.32 12.82
N GLY A 101 -2.42 2.15 11.95
CA GLY A 101 -1.09 2.67 12.19
C GLY A 101 -0.15 1.67 12.86
N LYS A 102 -0.62 0.46 13.07
CA LYS A 102 0.21 -0.60 13.62
C LYS A 102 0.54 -1.60 12.54
N ILE A 103 1.79 -1.96 12.40
CA ILE A 103 2.23 -2.90 11.37
C ILE A 103 1.72 -4.29 11.67
N LEU A 104 0.98 -4.86 10.75
CA LEU A 104 0.50 -6.18 10.95
C LEU A 104 1.25 -7.17 10.11
N ASP A 105 1.13 -7.05 8.83
CA ASP A 105 1.71 -8.03 7.94
C ASP A 105 2.15 -7.44 6.64
N LYS A 106 3.06 -8.12 6.00
CA LYS A 106 3.55 -7.72 4.71
C LYS A 106 3.65 -8.92 3.78
N VAL A 107 3.52 -8.68 2.51
CA VAL A 107 3.63 -9.71 1.48
C VAL A 107 4.63 -9.25 0.44
N VAL A 108 5.58 -10.10 0.10
CA VAL A 108 6.58 -9.76 -0.88
C VAL A 108 6.43 -10.62 -2.14
N GLY A 109 6.25 -9.97 -3.27
CA GLY A 109 6.06 -10.68 -4.51
C GLY A 109 4.60 -10.77 -4.83
N ALA A 110 4.21 -10.36 -6.01
CA ALA A 110 2.81 -10.28 -6.33
C ALA A 110 2.24 -11.53 -6.96
N LYS A 111 1.44 -12.19 -6.18
CA LYS A 111 0.61 -13.24 -6.63
C LYS A 111 -0.79 -12.91 -6.19
N LYS A 112 -1.75 -13.29 -6.98
CA LYS A 112 -3.11 -12.91 -6.76
C LYS A 112 -3.70 -13.56 -5.50
N ASP A 113 -3.28 -14.78 -5.21
CA ASP A 113 -3.87 -15.53 -4.11
C ASP A 113 -3.48 -15.02 -2.71
N GLU A 114 -2.18 -14.75 -2.44
CA GLU A 114 -1.79 -14.27 -1.07
C GLU A 114 -2.45 -12.97 -0.76
N LEU A 115 -2.53 -12.11 -1.76
CA LEU A 115 -3.13 -10.81 -1.60
C LEU A 115 -4.55 -10.95 -1.10
N GLN A 116 -5.32 -11.74 -1.81
CA GLN A 116 -6.71 -12.03 -1.41
C GLN A 116 -6.77 -12.69 -0.03
N SER A 117 -5.82 -13.55 0.24
CA SER A 117 -5.78 -14.25 1.51
C SER A 117 -5.48 -13.27 2.65
N THR A 118 -4.75 -12.25 2.32
CA THR A 118 -4.42 -11.21 3.26
C THR A 118 -5.63 -10.28 3.48
N ILE A 119 -6.48 -10.16 2.47
CA ILE A 119 -7.70 -9.39 2.62
C ILE A 119 -8.60 -10.08 3.65
N ALA A 120 -8.73 -11.39 3.50
CA ALA A 120 -9.52 -12.20 4.42
C ALA A 120 -8.88 -12.22 5.80
N LYS A 121 -7.57 -12.13 5.83
CA LYS A 121 -6.81 -12.05 7.06
C LYS A 121 -7.23 -10.80 7.81
N HIS A 122 -7.37 -9.72 7.06
CA HIS A 122 -7.77 -8.44 7.61
C HIS A 122 -9.27 -8.31 7.78
N LEU A 123 -10.02 -9.34 7.42
CA LEU A 123 -11.44 -9.36 7.61
C LEU A 123 -11.71 -9.86 9.05
N ALA A 124 -10.66 -10.13 9.72
CA ALA A 124 -10.66 -10.60 11.08
C ALA A 124 -10.12 -9.53 12.00
N MET A 11 -23.79 10.05 1.89
CA MET A 11 -22.50 9.50 2.22
C MET A 11 -21.70 9.26 0.95
N ALA A 12 -20.58 9.94 0.83
CA ALA A 12 -19.75 9.82 -0.34
C ALA A 12 -18.30 9.67 0.06
N SER A 13 -17.51 9.07 -0.79
CA SER A 13 -16.10 8.88 -0.56
C SER A 13 -15.38 8.80 -1.90
N GLU A 14 -14.10 9.10 -1.92
CA GLU A 14 -13.35 9.04 -3.16
C GLU A 14 -12.82 7.62 -3.31
N GLU A 15 -13.58 6.83 -4.00
CA GLU A 15 -13.35 5.42 -4.11
C GLU A 15 -12.41 5.08 -5.25
N GLY A 16 -11.53 4.14 -5.02
CA GLY A 16 -10.67 3.64 -6.07
C GLY A 16 -9.41 4.44 -6.26
N GLN A 17 -9.14 5.38 -5.37
CA GLN A 17 -7.95 6.16 -5.50
C GLN A 17 -6.93 5.77 -4.48
N VAL A 18 -5.74 5.78 -4.93
CA VAL A 18 -4.58 5.42 -4.15
C VAL A 18 -3.67 6.63 -4.05
N ILE A 19 -3.10 6.86 -2.88
CA ILE A 19 -2.19 7.97 -2.71
C ILE A 19 -0.79 7.55 -3.10
N ALA A 20 -0.28 8.12 -4.15
CA ALA A 20 1.05 7.78 -4.61
C ALA A 20 2.03 8.84 -4.14
N CYS A 21 2.87 8.48 -3.20
CA CYS A 21 3.82 9.37 -2.68
C CYS A 21 5.11 9.25 -3.47
N HIS A 22 5.62 10.36 -3.91
CA HIS A 22 6.87 10.36 -4.64
C HIS A 22 7.89 11.17 -3.91
N THR A 23 7.55 11.53 -2.68
CA THR A 23 8.41 12.31 -1.83
C THR A 23 8.33 11.79 -0.41
N VAL A 24 9.44 11.84 0.31
CA VAL A 24 9.50 11.32 1.67
C VAL A 24 8.63 12.15 2.63
N GLU A 25 8.41 13.43 2.28
CA GLU A 25 7.57 14.29 3.08
C GLU A 25 6.14 13.81 3.04
N THR A 26 5.63 13.56 1.84
CA THR A 26 4.27 13.07 1.66
C THR A 26 4.13 11.73 2.39
N TRP A 27 5.16 10.91 2.25
CA TRP A 27 5.24 9.63 2.92
C TRP A 27 5.11 9.80 4.44
N ASN A 28 5.92 10.67 5.00
CA ASN A 28 5.91 10.93 6.44
C ASN A 28 4.57 11.49 6.88
N GLU A 29 4.09 12.49 6.14
CA GLU A 29 2.85 13.19 6.43
C GLU A 29 1.68 12.22 6.51
N GLN A 30 1.57 11.36 5.51
CA GLN A 30 0.51 10.42 5.40
C GLN A 30 0.52 9.37 6.48
N LEU A 31 1.69 8.98 6.93
CA LEU A 31 1.80 8.05 7.99
C LEU A 31 1.28 8.62 9.29
N GLN A 32 1.70 9.84 9.61
CA GLN A 32 1.25 10.51 10.81
C GLN A 32 -0.26 10.69 10.75
N LYS A 33 -0.72 10.96 9.55
CA LYS A 33 -2.11 11.16 9.20
C LYS A 33 -2.89 9.85 9.36
N ALA A 34 -2.32 8.74 8.87
CA ALA A 34 -2.98 7.44 8.95
C ALA A 34 -3.09 7.00 10.41
N ASN A 35 -2.05 7.29 11.17
CA ASN A 35 -2.01 6.96 12.59
C ASN A 35 -3.08 7.74 13.31
N GLU A 36 -3.07 9.03 13.08
CA GLU A 36 -4.02 9.96 13.69
C GLU A 36 -5.45 9.62 13.34
N SER A 37 -5.69 9.33 12.09
CA SER A 37 -7.02 9.03 11.64
C SER A 37 -7.41 7.59 11.98
N LYS A 38 -6.41 6.82 12.46
CA LYS A 38 -6.59 5.42 12.86
C LYS A 38 -7.21 4.61 11.76
N THR A 39 -6.83 4.94 10.57
CA THR A 39 -7.31 4.28 9.41
C THR A 39 -6.39 3.11 9.13
N LEU A 40 -6.93 2.05 8.67
CA LEU A 40 -6.14 0.90 8.32
C LEU A 40 -5.38 1.29 7.06
N VAL A 41 -4.08 1.15 7.07
CA VAL A 41 -3.29 1.66 5.98
C VAL A 41 -2.48 0.56 5.30
N VAL A 42 -2.43 0.61 4.01
CA VAL A 42 -1.68 -0.34 3.24
C VAL A 42 -0.63 0.39 2.42
N VAL A 43 0.56 -0.09 2.47
CA VAL A 43 1.63 0.51 1.73
C VAL A 43 2.07 -0.44 0.64
N ASP A 44 1.89 0.00 -0.56
CA ASP A 44 2.27 -0.72 -1.74
C ASP A 44 3.60 -0.17 -2.24
N PHE A 45 4.63 -0.97 -2.15
CA PHE A 45 5.92 -0.58 -2.63
C PHE A 45 6.03 -1.07 -4.06
N THR A 46 6.17 -0.14 -4.97
CA THR A 46 6.14 -0.47 -6.38
C THR A 46 7.09 0.42 -7.16
N ALA A 47 7.19 0.18 -8.45
CA ALA A 47 7.88 1.05 -9.38
C ALA A 47 7.03 1.14 -10.62
N SER A 48 7.03 2.25 -11.29
CA SER A 48 6.24 2.41 -12.50
C SER A 48 6.80 1.54 -13.65
N TRP A 49 8.05 1.13 -13.53
CA TRP A 49 8.69 0.28 -14.54
C TRP A 49 8.67 -1.20 -14.15
N CYS A 50 8.01 -1.51 -13.07
CA CYS A 50 7.96 -2.87 -12.57
C CYS A 50 6.75 -3.61 -13.14
N GLY A 51 7.01 -4.74 -13.79
CA GLY A 51 5.99 -5.53 -14.46
C GLY A 51 4.91 -6.07 -13.53
N PRO A 52 5.26 -6.98 -12.58
CA PRO A 52 4.29 -7.56 -11.64
C PRO A 52 3.60 -6.48 -10.82
N CYS A 53 4.33 -5.42 -10.58
CA CYS A 53 3.85 -4.29 -9.83
C CYS A 53 2.75 -3.55 -10.63
N ARG A 54 2.92 -3.45 -11.92
CA ARG A 54 1.93 -2.79 -12.75
C ARG A 54 0.75 -3.72 -12.98
N PHE A 55 1.04 -5.01 -13.06
CA PHE A 55 0.03 -6.04 -13.26
C PHE A 55 -0.91 -6.16 -12.05
N ILE A 56 -0.43 -5.80 -10.88
CA ILE A 56 -1.24 -5.93 -9.69
C ILE A 56 -2.09 -4.67 -9.47
N ALA A 57 -1.81 -3.63 -10.25
CA ALA A 57 -2.49 -2.34 -10.13
C ALA A 57 -4.03 -2.42 -10.27
N PRO A 58 -4.58 -3.08 -11.35
CA PRO A 58 -6.04 -3.20 -11.54
C PRO A 58 -6.77 -3.76 -10.31
N PHE A 59 -6.19 -4.77 -9.66
CA PHE A 59 -6.85 -5.36 -8.52
C PHE A 59 -6.68 -4.48 -7.28
N PHE A 60 -5.51 -3.87 -7.16
CA PHE A 60 -5.24 -3.01 -6.01
C PHE A 60 -6.18 -1.79 -6.05
N ALA A 61 -6.45 -1.31 -7.25
CA ALA A 61 -7.38 -0.20 -7.45
C ALA A 61 -8.83 -0.62 -7.16
N ASP A 62 -9.11 -1.90 -7.38
CA ASP A 62 -10.44 -2.46 -7.11
C ASP A 62 -10.65 -2.52 -5.65
N LEU A 63 -9.64 -3.00 -4.99
CA LEU A 63 -9.57 -3.11 -3.59
C LEU A 63 -9.73 -1.72 -2.95
N ALA A 64 -9.06 -0.73 -3.54
CA ALA A 64 -9.16 0.66 -3.11
C ALA A 64 -10.59 1.19 -3.26
N LYS A 65 -11.29 0.69 -4.25
CA LYS A 65 -12.67 1.07 -4.49
C LYS A 65 -13.59 0.35 -3.50
N LYS A 66 -13.22 -0.87 -3.18
CA LYS A 66 -14.02 -1.75 -2.36
C LYS A 66 -13.98 -1.37 -0.88
N LEU A 67 -12.83 -0.98 -0.38
CA LEU A 67 -12.69 -0.68 1.03
C LEU A 67 -12.50 0.78 1.34
N PRO A 68 -13.55 1.42 1.88
CA PRO A 68 -13.53 2.85 2.26
C PRO A 68 -12.95 3.06 3.68
N ASN A 69 -12.53 1.99 4.33
CA ASN A 69 -11.99 2.06 5.68
C ASN A 69 -10.48 1.84 5.64
N VAL A 70 -9.96 1.71 4.44
CA VAL A 70 -8.55 1.46 4.26
C VAL A 70 -7.94 2.60 3.46
N LEU A 71 -6.80 3.06 3.91
CA LEU A 71 -6.07 4.09 3.22
C LEU A 71 -4.97 3.41 2.42
N PHE A 72 -5.05 3.52 1.11
CA PHE A 72 -4.12 2.84 0.23
C PHE A 72 -3.08 3.82 -0.27
N LEU A 73 -1.85 3.41 -0.23
CA LEU A 73 -0.74 4.22 -0.69
C LEU A 73 0.18 3.41 -1.57
N LYS A 74 0.68 4.06 -2.59
CA LYS A 74 1.65 3.53 -3.46
C LYS A 74 2.89 4.37 -3.39
N VAL A 75 3.96 3.76 -3.03
CA VAL A 75 5.21 4.45 -2.92
C VAL A 75 6.16 3.84 -3.90
N ASP A 76 6.63 4.61 -4.86
CA ASP A 76 7.49 4.09 -5.80
C ASP A 76 8.90 4.06 -5.24
N THR A 77 9.45 2.89 -5.24
CA THR A 77 10.75 2.62 -4.73
C THR A 77 11.86 3.17 -5.62
N ASP A 78 11.50 3.62 -6.81
CA ASP A 78 12.45 4.19 -7.75
C ASP A 78 12.83 5.57 -7.26
N GLU A 79 11.83 6.33 -6.91
CA GLU A 79 11.99 7.61 -6.31
C GLU A 79 12.44 7.48 -4.87
N LEU A 80 11.68 6.76 -4.07
CA LEU A 80 11.95 6.62 -2.71
C LEU A 80 12.89 5.46 -2.40
N LYS A 81 14.15 5.65 -2.69
CA LYS A 81 15.15 4.65 -2.38
C LYS A 81 15.35 4.54 -0.88
N SER A 82 15.28 5.69 -0.19
CA SER A 82 15.40 5.72 1.25
C SER A 82 14.28 4.93 1.93
N VAL A 83 13.09 4.95 1.33
CA VAL A 83 11.97 4.20 1.86
C VAL A 83 12.17 2.72 1.58
N ALA A 84 12.61 2.40 0.36
CA ALA A 84 12.90 1.02 -0.02
C ALA A 84 13.97 0.43 0.90
N SER A 85 14.95 1.23 1.23
CA SER A 85 16.03 0.83 2.10
C SER A 85 15.56 0.75 3.58
N ASP A 86 14.62 1.60 3.96
CA ASP A 86 14.16 1.67 5.35
C ASP A 86 13.27 0.50 5.71
N TRP A 87 12.54 -0.01 4.75
CA TRP A 87 11.69 -1.14 5.00
C TRP A 87 12.26 -2.42 4.44
N ALA A 88 13.44 -2.31 3.84
CA ALA A 88 14.16 -3.43 3.22
C ALA A 88 13.31 -4.11 2.15
N ILE A 89 13.15 -3.44 1.06
CA ILE A 89 12.38 -3.96 -0.04
C ILE A 89 13.29 -4.66 -1.01
N GLN A 90 13.37 -5.94 -0.87
CA GLN A 90 14.20 -6.76 -1.71
C GLN A 90 13.40 -7.09 -2.97
N ALA A 91 12.22 -7.62 -2.75
CA ALA A 91 11.41 -8.10 -3.85
C ALA A 91 10.18 -7.25 -4.04
N MET A 92 10.08 -6.68 -5.21
CA MET A 92 9.00 -5.81 -5.57
C MET A 92 7.95 -6.60 -6.36
N PRO A 93 6.66 -6.33 -6.15
CA PRO A 93 6.18 -5.34 -5.20
C PRO A 93 6.02 -5.91 -3.80
N THR A 94 6.10 -5.08 -2.82
CA THR A 94 5.88 -5.50 -1.47
C THR A 94 4.64 -4.83 -0.95
N PHE A 95 3.71 -5.60 -0.45
CA PHE A 95 2.51 -5.06 0.07
C PHE A 95 2.62 -5.12 1.57
N MET A 96 2.53 -4.00 2.18
CA MET A 96 2.64 -3.93 3.60
C MET A 96 1.32 -3.51 4.17
N PHE A 97 0.80 -4.34 5.00
CA PHE A 97 -0.47 -4.15 5.60
C PHE A 97 -0.32 -3.73 7.04
N LEU A 98 -0.80 -2.57 7.34
CA LEU A 98 -0.78 -2.09 8.68
C LEU A 98 -2.22 -1.82 9.08
N LYS A 99 -2.44 -1.65 10.34
CA LYS A 99 -3.75 -1.31 10.83
C LYS A 99 -3.63 -0.20 11.81
N GLU A 100 -4.25 0.91 11.47
CA GLU A 100 -4.34 2.09 12.32
C GLU A 100 -2.93 2.64 12.64
N GLY A 101 -2.01 2.44 11.71
CA GLY A 101 -0.64 2.88 11.88
C GLY A 101 0.28 1.83 12.47
N LYS A 102 -0.28 0.71 12.92
CA LYS A 102 0.53 -0.36 13.46
C LYS A 102 0.76 -1.43 12.40
N ILE A 103 2.00 -1.85 12.24
CA ILE A 103 2.35 -2.89 11.26
C ILE A 103 1.71 -4.21 11.67
N LEU A 104 1.02 -4.83 10.73
CA LEU A 104 0.45 -6.11 10.98
C LEU A 104 1.20 -7.19 10.22
N ASP A 105 1.16 -7.12 8.89
CA ASP A 105 1.79 -8.13 8.07
C ASP A 105 2.12 -7.65 6.69
N LYS A 106 3.05 -8.32 6.07
CA LYS A 106 3.53 -7.95 4.75
C LYS A 106 3.47 -9.14 3.79
N VAL A 107 3.25 -8.85 2.53
CA VAL A 107 3.26 -9.82 1.45
C VAL A 107 4.36 -9.41 0.49
N VAL A 108 5.28 -10.29 0.22
CA VAL A 108 6.39 -9.99 -0.61
C VAL A 108 6.25 -10.60 -2.01
N GLY A 109 6.35 -9.76 -3.01
CA GLY A 109 6.22 -10.21 -4.36
C GLY A 109 4.77 -10.16 -4.79
N ALA A 110 4.54 -10.14 -6.08
CA ALA A 110 3.18 -10.12 -6.54
C ALA A 110 2.63 -11.51 -6.45
N LYS A 111 1.75 -11.70 -5.51
CA LYS A 111 1.13 -12.95 -5.29
C LYS A 111 -0.34 -12.74 -5.48
N LYS A 112 -0.89 -13.28 -6.54
CA LYS A 112 -2.26 -13.06 -6.84
C LYS A 112 -3.17 -13.74 -5.86
N ASP A 113 -2.95 -15.01 -5.64
CA ASP A 113 -3.83 -15.80 -4.79
C ASP A 113 -3.65 -15.44 -3.32
N GLU A 114 -2.40 -15.28 -2.93
CA GLU A 114 -2.06 -14.96 -1.55
C GLU A 114 -2.53 -13.57 -1.14
N LEU A 115 -2.61 -12.65 -2.09
CA LEU A 115 -3.05 -11.29 -1.79
C LEU A 115 -4.44 -11.33 -1.18
N GLN A 116 -5.36 -11.97 -1.89
CA GLN A 116 -6.74 -12.12 -1.38
C GLN A 116 -6.78 -12.82 -0.04
N SER A 117 -5.89 -13.78 0.16
CA SER A 117 -5.82 -14.50 1.42
C SER A 117 -5.40 -13.55 2.56
N THR A 118 -4.51 -12.62 2.24
CA THR A 118 -4.07 -11.64 3.20
C THR A 118 -5.16 -10.59 3.42
N ILE A 119 -5.93 -10.33 2.39
CA ILE A 119 -7.04 -9.41 2.50
C ILE A 119 -8.11 -10.02 3.43
N ALA A 120 -8.44 -11.28 3.21
CA ALA A 120 -9.44 -11.99 4.03
C ALA A 120 -8.94 -12.12 5.48
N LYS A 121 -7.64 -12.22 5.61
CA LYS A 121 -6.94 -12.29 6.89
C LYS A 121 -7.25 -11.06 7.73
N HIS A 122 -7.45 -9.95 7.05
CA HIS A 122 -7.77 -8.69 7.66
C HIS A 122 -9.28 -8.43 7.74
N LEU A 123 -9.99 -8.73 6.67
CA LEU A 123 -11.38 -8.44 6.57
C LEU A 123 -12.28 -9.44 7.27
N ALA A 124 -13.37 -8.92 7.79
CA ALA A 124 -14.37 -9.71 8.47
C ALA A 124 -15.72 -9.08 8.19
N MET A 11 -22.04 4.92 -0.03
CA MET A 11 -20.70 5.34 -0.37
C MET A 11 -20.28 6.37 0.65
N ALA A 12 -19.03 6.36 0.99
CA ALA A 12 -18.49 7.29 1.95
C ALA A 12 -17.18 7.80 1.44
N SER A 13 -16.89 9.08 1.66
CA SER A 13 -15.64 9.70 1.21
C SER A 13 -15.58 9.67 -0.33
N GLU A 14 -14.43 9.91 -0.89
CA GLU A 14 -14.25 9.82 -2.31
C GLU A 14 -13.50 8.54 -2.57
N GLU A 15 -12.17 8.62 -2.43
CA GLU A 15 -11.27 7.46 -2.47
C GLU A 15 -11.45 6.59 -3.69
N GLY A 16 -10.89 5.42 -3.65
CA GLY A 16 -10.95 4.55 -4.80
C GLY A 16 -9.75 4.75 -5.67
N GLN A 17 -8.79 5.43 -5.13
CA GLN A 17 -7.56 5.70 -5.77
C GLN A 17 -6.44 5.40 -4.84
N VAL A 18 -5.28 5.27 -5.38
CA VAL A 18 -4.14 4.94 -4.59
C VAL A 18 -3.17 6.11 -4.68
N ILE A 19 -2.69 6.59 -3.54
CA ILE A 19 -1.83 7.75 -3.54
C ILE A 19 -0.39 7.36 -3.87
N ALA A 20 0.09 7.81 -5.00
CA ALA A 20 1.45 7.55 -5.40
C ALA A 20 2.36 8.62 -4.84
N CYS A 21 3.17 8.25 -3.88
CA CYS A 21 4.02 9.18 -3.25
C CYS A 21 5.37 9.19 -3.92
N HIS A 22 5.84 10.37 -4.23
CA HIS A 22 7.15 10.56 -4.82
C HIS A 22 8.04 11.26 -3.84
N THR A 23 7.50 11.56 -2.68
CA THR A 23 8.22 12.31 -1.69
C THR A 23 7.95 11.72 -0.34
N VAL A 24 8.89 11.88 0.56
CA VAL A 24 8.70 11.45 1.90
C VAL A 24 7.73 12.43 2.60
N GLU A 25 7.62 13.66 2.03
CA GLU A 25 6.71 14.65 2.48
C GLU A 25 5.27 14.10 2.44
N THR A 26 4.87 13.55 1.28
CA THR A 26 3.53 12.99 1.12
C THR A 26 3.38 11.76 2.03
N TRP A 27 4.44 10.94 2.05
CA TRP A 27 4.51 9.74 2.87
C TRP A 27 4.25 10.06 4.36
N ASN A 28 4.96 11.06 4.86
CA ASN A 28 4.86 11.50 6.26
C ASN A 28 3.43 11.95 6.55
N GLU A 29 2.89 12.77 5.67
CA GLU A 29 1.53 13.30 5.81
C GLU A 29 0.49 12.18 5.92
N GLN A 30 0.57 11.21 5.03
CA GLN A 30 -0.33 10.12 5.00
C GLN A 30 -0.22 9.22 6.21
N LEU A 31 1.00 8.99 6.68
CA LEU A 31 1.22 8.21 7.84
C LEU A 31 0.65 8.89 9.06
N GLN A 32 0.90 10.20 9.17
CA GLN A 32 0.34 10.97 10.26
C GLN A 32 -1.16 10.86 10.24
N LYS A 33 -1.70 11.03 9.06
CA LYS A 33 -3.13 10.99 8.83
C LYS A 33 -3.71 9.62 9.24
N ALA A 34 -2.97 8.56 8.93
CA ALA A 34 -3.42 7.24 9.29
C ALA A 34 -3.31 7.04 10.80
N ASN A 35 -2.26 7.57 11.39
CA ASN A 35 -1.99 7.42 12.82
C ASN A 35 -3.01 8.21 13.62
N GLU A 36 -3.09 9.46 13.27
CA GLU A 36 -3.91 10.46 13.92
C GLU A 36 -5.40 10.08 13.87
N SER A 37 -5.84 9.57 12.74
CA SER A 37 -7.24 9.17 12.60
C SER A 37 -7.42 7.70 13.00
N LYS A 38 -6.31 7.05 13.43
CA LYS A 38 -6.28 5.63 13.83
C LYS A 38 -6.85 4.72 12.76
N THR A 39 -6.51 5.02 11.55
CA THR A 39 -6.93 4.26 10.44
C THR A 39 -5.74 3.43 9.99
N LEU A 40 -6.00 2.27 9.53
CA LEU A 40 -5.04 1.42 9.06
C LEU A 40 -4.72 1.75 7.62
N VAL A 41 -3.49 1.64 7.28
CA VAL A 41 -3.03 2.01 5.97
C VAL A 41 -2.34 0.84 5.28
N VAL A 42 -2.63 0.68 4.01
CA VAL A 42 -2.05 -0.37 3.21
C VAL A 42 -1.14 0.27 2.18
N VAL A 43 0.10 -0.11 2.19
CA VAL A 43 1.06 0.50 1.31
C VAL A 43 1.67 -0.51 0.36
N ASP A 44 1.72 -0.15 -0.89
CA ASP A 44 2.29 -0.96 -1.94
C ASP A 44 3.59 -0.30 -2.38
N PHE A 45 4.70 -0.94 -2.12
CA PHE A 45 5.97 -0.43 -2.54
C PHE A 45 6.32 -1.09 -3.86
N THR A 46 6.41 -0.30 -4.89
CA THR A 46 6.56 -0.86 -6.21
C THR A 46 7.23 0.17 -7.15
N ALA A 47 7.44 -0.24 -8.38
CA ALA A 47 7.96 0.64 -9.41
C ALA A 47 7.16 0.40 -10.68
N SER A 48 6.92 1.44 -11.44
CA SER A 48 6.12 1.33 -12.64
C SER A 48 6.85 0.50 -13.72
N TRP A 49 8.17 0.43 -13.63
CA TRP A 49 8.95 -0.34 -14.59
C TRP A 49 8.91 -1.85 -14.32
N CYS A 50 8.15 -2.24 -13.31
CA CYS A 50 7.99 -3.63 -12.95
C CYS A 50 6.73 -4.20 -13.61
N GLY A 51 6.90 -5.27 -14.38
CA GLY A 51 5.81 -5.88 -15.14
C GLY A 51 4.65 -6.41 -14.28
N PRO A 52 4.86 -7.45 -13.44
CA PRO A 52 3.81 -8.04 -12.59
C PRO A 52 3.22 -7.01 -11.65
N CYS A 53 4.04 -6.06 -11.28
CA CYS A 53 3.68 -4.98 -10.40
C CYS A 53 2.63 -4.07 -11.06
N ARG A 54 2.70 -3.95 -12.35
CA ARG A 54 1.76 -3.15 -13.10
C ARG A 54 0.43 -3.91 -13.26
N PHE A 55 0.53 -5.22 -13.35
CA PHE A 55 -0.63 -6.08 -13.50
C PHE A 55 -1.46 -6.15 -12.20
N ILE A 56 -0.80 -5.99 -11.08
CA ILE A 56 -1.49 -6.08 -9.80
C ILE A 56 -2.09 -4.71 -9.43
N ALA A 57 -1.65 -3.67 -10.16
CA ALA A 57 -2.08 -2.30 -9.92
C ALA A 57 -3.62 -2.08 -10.01
N PRO A 58 -4.34 -2.56 -11.09
CA PRO A 58 -5.78 -2.37 -11.20
C PRO A 58 -6.54 -3.04 -10.06
N PHE A 59 -6.02 -4.16 -9.60
CA PHE A 59 -6.67 -4.88 -8.52
C PHE A 59 -6.48 -4.15 -7.20
N PHE A 60 -5.28 -3.65 -6.98
CA PHE A 60 -4.97 -2.90 -5.76
C PHE A 60 -5.78 -1.58 -5.74
N ALA A 61 -6.01 -1.02 -6.92
CA ALA A 61 -6.81 0.19 -7.05
C ALA A 61 -8.27 -0.10 -6.74
N ASP A 62 -8.69 -1.31 -7.02
CA ASP A 62 -10.05 -1.74 -6.75
C ASP A 62 -10.20 -1.94 -5.27
N LEU A 63 -9.18 -2.56 -4.69
CA LEU A 63 -9.08 -2.75 -3.27
C LEU A 63 -9.23 -1.43 -2.52
N ALA A 64 -8.60 -0.39 -3.06
CA ALA A 64 -8.68 0.94 -2.48
C ALA A 64 -10.09 1.46 -2.49
N LYS A 65 -10.84 1.09 -3.50
CA LYS A 65 -12.20 1.53 -3.63
C LYS A 65 -13.13 0.71 -2.75
N LYS A 66 -12.68 -0.47 -2.34
CA LYS A 66 -13.47 -1.34 -1.47
C LYS A 66 -13.57 -0.74 -0.08
N LEU A 67 -12.48 -0.19 0.39
CA LEU A 67 -12.43 0.39 1.69
C LEU A 67 -12.27 1.90 1.63
N PRO A 68 -13.39 2.62 1.83
CA PRO A 68 -13.43 4.10 1.71
C PRO A 68 -12.60 4.85 2.75
N ASN A 69 -12.48 4.29 3.94
CA ASN A 69 -11.76 5.00 5.00
C ASN A 69 -10.28 4.64 4.98
N VAL A 70 -9.97 3.53 4.36
CA VAL A 70 -8.62 3.03 4.37
C VAL A 70 -7.79 3.65 3.26
N LEU A 71 -6.60 4.08 3.62
CA LEU A 71 -5.71 4.70 2.73
C LEU A 71 -4.79 3.67 2.10
N PHE A 72 -4.70 3.69 0.80
CA PHE A 72 -3.80 2.85 0.07
C PHE A 72 -2.82 3.72 -0.65
N LEU A 73 -1.59 3.37 -0.58
CA LEU A 73 -0.53 4.16 -1.16
C LEU A 73 0.38 3.35 -2.04
N LYS A 74 0.84 3.98 -3.09
CA LYS A 74 1.84 3.46 -3.95
C LYS A 74 3.11 4.19 -3.66
N VAL A 75 4.07 3.51 -3.18
CA VAL A 75 5.35 4.11 -2.99
C VAL A 75 6.24 3.62 -4.05
N ASP A 76 6.68 4.52 -4.88
CA ASP A 76 7.51 4.14 -5.96
C ASP A 76 8.93 4.07 -5.45
N THR A 77 9.45 2.88 -5.41
CA THR A 77 10.76 2.62 -4.85
C THR A 77 11.90 3.17 -5.73
N ASP A 78 11.57 3.61 -6.93
CA ASP A 78 12.57 4.20 -7.80
C ASP A 78 12.76 5.63 -7.36
N GLU A 79 11.63 6.27 -7.03
CA GLU A 79 11.59 7.58 -6.48
C GLU A 79 12.12 7.55 -5.05
N LEU A 80 11.38 6.88 -4.18
CA LEU A 80 11.66 6.80 -2.80
C LEU A 80 12.39 5.51 -2.45
N LYS A 81 13.61 5.45 -2.87
CA LYS A 81 14.47 4.32 -2.60
C LYS A 81 14.84 4.28 -1.11
N SER A 82 14.91 5.44 -0.50
CA SER A 82 15.29 5.58 0.89
C SER A 82 14.24 4.94 1.82
N VAL A 83 12.96 5.02 1.42
CA VAL A 83 11.88 4.41 2.18
C VAL A 83 12.00 2.89 2.09
N ALA A 84 12.32 2.40 0.89
CA ALA A 84 12.50 0.98 0.67
C ALA A 84 13.65 0.46 1.52
N SER A 85 14.73 1.21 1.59
CA SER A 85 15.85 0.83 2.41
C SER A 85 15.50 0.86 3.91
N ASP A 86 14.65 1.80 4.32
CA ASP A 86 14.28 1.95 5.74
C ASP A 86 13.41 0.80 6.21
N TRP A 87 12.54 0.35 5.34
CA TRP A 87 11.65 -0.76 5.62
C TRP A 87 12.26 -2.10 5.20
N ALA A 88 13.49 -2.02 4.69
CA ALA A 88 14.24 -3.16 4.15
C ALA A 88 13.46 -3.91 3.09
N ILE A 89 13.30 -3.27 1.98
CA ILE A 89 12.55 -3.79 0.88
C ILE A 89 13.47 -3.98 -0.30
N GLN A 90 13.83 -5.21 -0.55
CA GLN A 90 14.70 -5.53 -1.63
C GLN A 90 13.93 -6.26 -2.72
N ALA A 91 12.95 -7.02 -2.31
CA ALA A 91 12.16 -7.77 -3.24
C ALA A 91 10.87 -7.01 -3.55
N MET A 92 10.69 -6.73 -4.80
CA MET A 92 9.55 -5.95 -5.27
C MET A 92 8.49 -6.84 -5.89
N PRO A 93 7.20 -6.53 -5.70
CA PRO A 93 6.74 -5.43 -4.88
C PRO A 93 6.37 -5.89 -3.46
N THR A 94 6.41 -5.01 -2.51
CA THR A 94 6.00 -5.35 -1.19
C THR A 94 4.70 -4.64 -0.85
N PHE A 95 3.71 -5.41 -0.45
CA PHE A 95 2.46 -4.87 -0.03
C PHE A 95 2.48 -4.98 1.47
N MET A 96 2.35 -3.90 2.14
CA MET A 96 2.43 -3.91 3.57
C MET A 96 1.09 -3.58 4.16
N PHE A 97 0.67 -4.41 5.07
CA PHE A 97 -0.55 -4.26 5.75
C PHE A 97 -0.30 -4.07 7.23
N LEU A 98 -0.67 -2.93 7.72
CA LEU A 98 -0.58 -2.67 9.11
C LEU A 98 -1.95 -2.29 9.62
N LYS A 99 -2.13 -2.29 10.91
CA LYS A 99 -3.37 -1.88 11.48
C LYS A 99 -3.11 -0.93 12.60
N GLU A 100 -3.56 0.30 12.42
CA GLU A 100 -3.41 1.38 13.38
C GLU A 100 -1.94 1.59 13.79
N GLY A 101 -1.08 1.56 12.80
CA GLY A 101 0.34 1.80 13.02
C GLY A 101 1.12 0.57 13.35
N LYS A 102 0.44 -0.50 13.72
CA LYS A 102 1.12 -1.73 14.07
C LYS A 102 1.15 -2.62 12.86
N ILE A 103 2.30 -3.13 12.51
CA ILE A 103 2.45 -3.94 11.32
C ILE A 103 1.86 -5.32 11.56
N LEU A 104 1.00 -5.75 10.68
CA LEU A 104 0.41 -7.05 10.80
C LEU A 104 1.12 -8.03 9.91
N ASP A 105 1.12 -7.74 8.63
CA ASP A 105 1.67 -8.63 7.64
C ASP A 105 1.99 -7.93 6.37
N LYS A 106 2.88 -8.51 5.61
CA LYS A 106 3.26 -7.96 4.34
C LYS A 106 3.33 -9.06 3.31
N VAL A 107 3.07 -8.73 2.09
CA VAL A 107 3.17 -9.67 1.01
C VAL A 107 4.28 -9.18 0.10
N VAL A 108 5.28 -9.98 -0.07
CA VAL A 108 6.38 -9.63 -0.90
C VAL A 108 6.33 -10.46 -2.16
N GLY A 109 6.19 -9.81 -3.29
CA GLY A 109 6.04 -10.50 -4.53
C GLY A 109 4.60 -10.46 -4.93
N ALA A 110 4.30 -10.18 -6.19
CA ALA A 110 2.93 -10.08 -6.57
C ALA A 110 2.36 -11.44 -6.86
N LYS A 111 1.53 -11.88 -5.96
CA LYS A 111 0.76 -13.06 -6.09
C LYS A 111 -0.66 -12.70 -5.86
N LYS A 112 -1.50 -12.85 -6.86
CA LYS A 112 -2.87 -12.50 -6.72
C LYS A 112 -3.55 -13.43 -5.70
N ASP A 113 -3.21 -14.70 -5.77
CA ASP A 113 -3.77 -15.75 -4.88
C ASP A 113 -3.36 -15.52 -3.43
N GLU A 114 -2.10 -15.16 -3.24
CA GLU A 114 -1.53 -14.93 -1.90
C GLU A 114 -2.20 -13.70 -1.31
N LEU A 115 -2.38 -12.71 -2.17
CA LEU A 115 -3.02 -11.50 -1.80
C LEU A 115 -4.41 -11.80 -1.33
N GLN A 116 -5.08 -12.68 -2.06
CA GLN A 116 -6.44 -13.12 -1.69
C GLN A 116 -6.46 -13.70 -0.29
N SER A 117 -5.42 -14.45 0.05
CA SER A 117 -5.35 -15.07 1.37
C SER A 117 -5.14 -13.99 2.44
N THR A 118 -4.40 -12.98 2.09
CA THR A 118 -4.16 -11.87 2.96
C THR A 118 -5.45 -11.03 3.09
N ILE A 119 -6.20 -10.89 2.00
CA ILE A 119 -7.43 -10.15 2.02
C ILE A 119 -8.44 -10.82 2.94
N ALA A 120 -8.54 -12.14 2.87
CA ALA A 120 -9.47 -12.89 3.73
C ALA A 120 -9.07 -12.78 5.19
N LYS A 121 -7.78 -12.68 5.43
CA LYS A 121 -7.25 -12.52 6.76
C LYS A 121 -7.72 -11.19 7.34
N HIS A 122 -7.65 -10.16 6.53
CA HIS A 122 -8.02 -8.81 6.92
C HIS A 122 -9.50 -8.50 6.66
N LEU A 123 -10.25 -9.44 6.08
CA LEU A 123 -11.62 -9.22 5.73
C LEU A 123 -12.44 -8.92 6.98
N ALA A 124 -12.96 -7.72 7.01
CA ALA A 124 -13.79 -7.21 8.07
C ALA A 124 -14.38 -5.90 7.61
N MET A 11 -23.26 8.83 -2.70
CA MET A 11 -22.28 9.31 -1.76
C MET A 11 -21.17 10.01 -2.50
N ALA A 12 -20.99 11.28 -2.23
CA ALA A 12 -19.96 12.04 -2.87
C ALA A 12 -18.74 12.08 -1.98
N SER A 13 -17.84 11.15 -2.22
CA SER A 13 -16.60 11.05 -1.51
C SER A 13 -15.61 10.35 -2.43
N GLU A 14 -14.34 10.56 -2.22
CA GLU A 14 -13.34 9.88 -3.02
C GLU A 14 -13.14 8.48 -2.48
N GLU A 15 -13.45 7.50 -3.28
CA GLU A 15 -13.32 6.12 -2.92
C GLU A 15 -12.79 5.39 -4.12
N GLY A 16 -11.95 4.42 -3.92
CA GLY A 16 -11.45 3.64 -5.02
C GLY A 16 -10.15 4.14 -5.57
N GLN A 17 -9.67 5.26 -5.08
CA GLN A 17 -8.41 5.76 -5.52
C GLN A 17 -7.33 5.49 -4.52
N VAL A 18 -6.13 5.51 -5.01
CA VAL A 18 -4.96 5.21 -4.22
C VAL A 18 -4.09 6.45 -4.16
N ILE A 19 -3.61 6.79 -3.00
CA ILE A 19 -2.80 7.96 -2.84
C ILE A 19 -1.34 7.63 -3.13
N ALA A 20 -0.79 8.22 -4.16
CA ALA A 20 0.58 7.98 -4.53
C ALA A 20 1.43 9.18 -4.19
N CYS A 21 2.28 9.02 -3.22
CA CYS A 21 3.17 10.05 -2.83
C CYS A 21 4.48 9.89 -3.56
N HIS A 22 5.09 11.00 -3.94
CA HIS A 22 6.33 10.96 -4.68
C HIS A 22 7.43 11.69 -3.91
N THR A 23 7.14 12.04 -2.67
CA THR A 23 8.11 12.69 -1.81
C THR A 23 8.12 12.00 -0.45
N VAL A 24 9.29 11.89 0.16
CA VAL A 24 9.41 11.26 1.47
C VAL A 24 8.73 12.14 2.53
N GLU A 25 8.66 13.43 2.22
CA GLU A 25 8.04 14.40 3.10
C GLU A 25 6.55 14.08 3.25
N THR A 26 5.85 13.94 2.12
CA THR A 26 4.44 13.63 2.15
C THR A 26 4.22 12.21 2.71
N TRP A 27 5.14 11.32 2.41
CA TRP A 27 5.11 9.97 2.97
C TRP A 27 5.18 10.01 4.52
N ASN A 28 6.11 10.81 5.03
CA ASN A 28 6.27 11.00 6.48
C ASN A 28 4.97 11.56 7.07
N GLU A 29 4.37 12.50 6.33
CA GLU A 29 3.12 13.15 6.66
C GLU A 29 2.01 12.09 6.81
N GLN A 30 1.95 11.16 5.84
CA GLN A 30 0.97 10.11 5.82
C GLN A 30 1.13 9.17 7.00
N LEU A 31 2.37 8.78 7.30
CA LEU A 31 2.64 7.92 8.40
C LEU A 31 2.30 8.57 9.71
N GLN A 32 2.65 9.82 9.83
CA GLN A 32 2.33 10.59 10.99
C GLN A 32 0.81 10.65 11.16
N LYS A 33 0.11 10.80 10.06
CA LYS A 33 -1.33 10.86 10.06
C LYS A 33 -1.93 9.51 10.46
N ALA A 34 -1.39 8.42 9.91
CA ALA A 34 -1.89 7.09 10.21
C ALA A 34 -1.66 6.75 11.69
N ASN A 35 -0.53 7.18 12.19
CA ASN A 35 -0.14 6.96 13.58
C ASN A 35 -1.03 7.74 14.52
N GLU A 36 -1.10 9.01 14.26
CA GLU A 36 -1.83 9.95 15.11
C GLU A 36 -3.34 9.78 15.04
N SER A 37 -3.88 9.62 13.86
CA SER A 37 -5.31 9.52 13.70
C SER A 37 -5.79 8.08 13.72
N LYS A 38 -4.86 7.14 13.93
CA LYS A 38 -5.15 5.70 14.01
C LYS A 38 -5.84 5.24 12.73
N THR A 39 -5.37 5.73 11.64
CA THR A 39 -5.96 5.40 10.37
C THR A 39 -5.41 4.05 9.88
N LEU A 40 -6.26 3.32 9.25
CA LEU A 40 -5.93 2.01 8.74
C LEU A 40 -5.45 2.20 7.31
N VAL A 41 -4.20 1.90 7.08
CA VAL A 41 -3.59 2.14 5.81
C VAL A 41 -2.94 0.88 5.23
N VAL A 42 -3.08 0.69 3.95
CA VAL A 42 -2.42 -0.37 3.23
C VAL A 42 -1.46 0.26 2.24
N VAL A 43 -0.21 -0.09 2.34
CA VAL A 43 0.80 0.53 1.52
C VAL A 43 1.38 -0.46 0.51
N ASP A 44 1.42 -0.02 -0.71
CA ASP A 44 1.98 -0.75 -1.83
C ASP A 44 3.33 -0.17 -2.21
N PHE A 45 4.35 -1.00 -2.18
CA PHE A 45 5.63 -0.58 -2.63
C PHE A 45 5.96 -1.31 -3.93
N THR A 46 6.06 -0.57 -5.00
CA THR A 46 6.41 -1.12 -6.27
C THR A 46 6.96 -0.01 -7.17
N ALA A 47 7.39 -0.34 -8.36
CA ALA A 47 7.86 0.64 -9.32
C ALA A 47 7.26 0.34 -10.66
N SER A 48 6.89 1.37 -11.39
CA SER A 48 6.20 1.22 -12.67
C SER A 48 7.04 0.51 -13.75
N TRP A 49 8.34 0.42 -13.57
CA TRP A 49 9.19 -0.23 -14.57
C TRP A 49 9.17 -1.76 -14.48
N CYS A 50 8.55 -2.28 -13.45
CA CYS A 50 8.47 -3.72 -13.27
C CYS A 50 7.16 -4.25 -13.82
N GLY A 51 7.26 -5.25 -14.70
CA GLY A 51 6.09 -5.83 -15.37
C GLY A 51 5.07 -6.46 -14.43
N PRO A 52 5.43 -7.55 -13.70
CA PRO A 52 4.51 -8.24 -12.77
C PRO A 52 4.02 -7.29 -11.69
N CYS A 53 4.87 -6.36 -11.37
CA CYS A 53 4.60 -5.37 -10.36
C CYS A 53 3.55 -4.37 -10.86
N ARG A 54 3.60 -4.03 -12.13
CA ARG A 54 2.63 -3.14 -12.73
C ARG A 54 1.33 -3.93 -12.95
N PHE A 55 1.48 -5.20 -13.26
CA PHE A 55 0.36 -6.13 -13.47
C PHE A 55 -0.53 -6.24 -12.22
N ILE A 56 0.08 -6.14 -11.06
CA ILE A 56 -0.67 -6.34 -9.82
C ILE A 56 -1.30 -5.00 -9.35
N ALA A 57 -0.81 -3.89 -9.90
CA ALA A 57 -1.24 -2.54 -9.51
C ALA A 57 -2.77 -2.28 -9.72
N PRO A 58 -3.39 -2.66 -10.90
CA PRO A 58 -4.83 -2.43 -11.14
C PRO A 58 -5.72 -3.11 -10.10
N PHE A 59 -5.22 -4.18 -9.52
CA PHE A 59 -5.99 -4.92 -8.53
C PHE A 59 -5.98 -4.15 -7.20
N PHE A 60 -4.90 -3.45 -6.94
CA PHE A 60 -4.76 -2.67 -5.71
C PHE A 60 -5.71 -1.46 -5.76
N ALA A 61 -5.91 -0.94 -6.95
CA ALA A 61 -6.86 0.15 -7.17
C ALA A 61 -8.29 -0.36 -6.96
N ASP A 62 -8.51 -1.61 -7.30
CA ASP A 62 -9.80 -2.29 -7.14
C ASP A 62 -10.08 -2.46 -5.68
N LEU A 63 -9.06 -2.88 -4.98
CA LEU A 63 -9.07 -3.04 -3.55
C LEU A 63 -9.51 -1.76 -2.87
N ALA A 64 -9.02 -0.63 -3.35
CA ALA A 64 -9.37 0.67 -2.82
C ALA A 64 -10.86 0.96 -2.99
N LYS A 65 -11.45 0.44 -4.05
CA LYS A 65 -12.87 0.66 -4.33
C LYS A 65 -13.73 -0.27 -3.46
N LYS A 66 -13.18 -1.41 -3.11
CA LYS A 66 -13.91 -2.39 -2.34
C LYS A 66 -13.68 -2.22 -0.83
N LEU A 67 -12.68 -1.45 -0.48
CA LEU A 67 -12.43 -1.10 0.88
C LEU A 67 -12.36 0.42 1.03
N PRO A 68 -13.54 1.07 1.10
CA PRO A 68 -13.67 2.54 1.17
C PRO A 68 -13.09 3.16 2.45
N ASN A 69 -13.14 2.42 3.54
CA ASN A 69 -12.70 2.92 4.83
C ASN A 69 -11.23 2.61 5.06
N VAL A 70 -10.59 2.09 4.05
CA VAL A 70 -9.19 1.78 4.10
C VAL A 70 -8.45 2.68 3.14
N LEU A 71 -7.40 3.29 3.60
CA LEU A 71 -6.61 4.14 2.78
C LEU A 71 -5.49 3.35 2.16
N PHE A 72 -5.43 3.39 0.86
CA PHE A 72 -4.39 2.71 0.14
C PHE A 72 -3.45 3.71 -0.43
N LEU A 73 -2.20 3.43 -0.30
CA LEU A 73 -1.14 4.30 -0.77
C LEU A 73 -0.16 3.54 -1.62
N LYS A 74 0.32 4.21 -2.63
CA LYS A 74 1.31 3.69 -3.50
C LYS A 74 2.60 4.43 -3.37
N VAL A 75 3.59 3.72 -2.93
CA VAL A 75 4.91 4.24 -2.81
C VAL A 75 5.74 3.65 -3.91
N ASP A 76 6.23 4.48 -4.79
CA ASP A 76 7.03 3.98 -5.86
C ASP A 76 8.43 3.83 -5.38
N THR A 77 8.92 2.62 -5.44
CA THR A 77 10.23 2.31 -4.91
C THR A 77 11.39 2.84 -5.75
N ASP A 78 11.14 3.21 -6.98
CA ASP A 78 12.21 3.75 -7.80
C ASP A 78 12.38 5.20 -7.45
N GLU A 79 11.27 5.83 -7.22
CA GLU A 79 11.21 7.19 -6.84
C GLU A 79 11.55 7.38 -5.37
N LEU A 80 10.79 6.76 -4.51
CA LEU A 80 11.00 6.86 -3.11
C LEU A 80 11.86 5.72 -2.66
N LYS A 81 13.02 5.67 -3.25
CA LYS A 81 13.96 4.63 -3.03
C LYS A 81 14.53 4.72 -1.61
N SER A 82 14.62 5.94 -1.08
CA SER A 82 15.06 6.15 0.29
C SER A 82 14.06 5.51 1.26
N VAL A 83 12.78 5.64 0.93
CA VAL A 83 11.70 5.04 1.69
C VAL A 83 11.80 3.53 1.60
N ALA A 84 12.05 3.05 0.40
CA ALA A 84 12.22 1.63 0.15
C ALA A 84 13.35 1.08 1.00
N SER A 85 14.47 1.78 0.99
CA SER A 85 15.63 1.42 1.78
C SER A 85 15.28 1.43 3.28
N ASP A 86 14.48 2.41 3.67
CA ASP A 86 14.09 2.58 5.08
C ASP A 86 13.21 1.44 5.55
N TRP A 87 12.36 0.95 4.69
CA TRP A 87 11.50 -0.15 5.03
C TRP A 87 12.07 -1.49 4.58
N ALA A 88 13.30 -1.46 4.05
CA ALA A 88 14.04 -2.66 3.61
C ALA A 88 13.35 -3.36 2.43
N ILE A 89 12.62 -2.60 1.64
CA ILE A 89 11.90 -3.11 0.50
C ILE A 89 12.90 -3.46 -0.61
N GLN A 90 13.18 -4.74 -0.75
CA GLN A 90 14.15 -5.20 -1.73
C GLN A 90 13.46 -6.05 -2.79
N ALA A 91 12.33 -6.61 -2.43
CA ALA A 91 11.58 -7.42 -3.34
C ALA A 91 10.39 -6.65 -3.83
N MET A 92 10.03 -6.87 -5.05
CA MET A 92 8.95 -6.16 -5.65
C MET A 92 7.92 -7.13 -6.18
N PRO A 93 6.64 -6.86 -5.98
CA PRO A 93 6.15 -5.73 -5.20
C PRO A 93 5.90 -6.13 -3.73
N THR A 94 5.95 -5.18 -2.83
CA THR A 94 5.69 -5.48 -1.45
C THR A 94 4.43 -4.78 -0.97
N PHE A 95 3.51 -5.54 -0.42
CA PHE A 95 2.28 -5.03 0.09
C PHE A 95 2.32 -5.06 1.60
N MET A 96 2.15 -3.93 2.22
CA MET A 96 2.16 -3.86 3.65
C MET A 96 0.80 -3.44 4.14
N PHE A 97 0.23 -4.27 4.95
CA PHE A 97 -1.06 -4.06 5.48
C PHE A 97 -0.95 -3.63 6.92
N LEU A 98 -1.39 -2.45 7.22
CA LEU A 98 -1.30 -1.94 8.54
C LEU A 98 -2.70 -1.62 9.05
N LYS A 99 -2.84 -1.45 10.34
CA LYS A 99 -4.10 -1.03 10.89
C LYS A 99 -3.89 -0.07 12.01
N GLU A 100 -4.53 1.07 11.88
CA GLU A 100 -4.50 2.15 12.86
C GLU A 100 -3.08 2.65 13.16
N GLY A 101 -2.19 2.46 12.19
CA GLY A 101 -0.83 2.89 12.34
C GLY A 101 0.07 1.82 12.92
N LYS A 102 -0.45 0.63 13.09
CA LYS A 102 0.35 -0.47 13.60
C LYS A 102 0.40 -1.57 12.53
N ILE A 103 1.50 -2.31 12.46
CA ILE A 103 1.66 -3.35 11.44
C ILE A 103 0.80 -4.59 11.75
N LEU A 104 0.03 -5.03 10.77
CA LEU A 104 -0.73 -6.24 10.90
C LEU A 104 -0.02 -7.36 10.19
N ASP A 105 0.20 -7.17 8.90
CA ASP A 105 0.74 -8.20 8.07
C ASP A 105 1.31 -7.65 6.83
N LYS A 106 2.21 -8.37 6.23
CA LYS A 106 2.89 -7.89 5.09
C LYS A 106 3.07 -9.03 4.09
N VAL A 107 2.88 -8.74 2.83
CA VAL A 107 3.05 -9.72 1.77
C VAL A 107 4.17 -9.25 0.86
N VAL A 108 5.19 -10.05 0.74
CA VAL A 108 6.32 -9.70 -0.08
C VAL A 108 6.33 -10.55 -1.37
N GLY A 109 6.25 -9.87 -2.49
CA GLY A 109 6.26 -10.54 -3.75
C GLY A 109 4.87 -10.68 -4.31
N ALA A 110 4.75 -10.83 -5.60
CA ALA A 110 3.45 -10.95 -6.19
C ALA A 110 3.02 -12.39 -6.21
N LYS A 111 2.09 -12.68 -5.38
CA LYS A 111 1.45 -13.95 -5.34
C LYS A 111 -0.01 -13.66 -5.44
N LYS A 112 -0.63 -14.02 -6.54
CA LYS A 112 -2.00 -13.73 -6.73
C LYS A 112 -2.86 -14.41 -5.66
N ASP A 113 -2.62 -15.69 -5.47
CA ASP A 113 -3.40 -16.49 -4.53
C ASP A 113 -3.22 -16.05 -3.08
N GLU A 114 -1.97 -15.88 -2.66
CA GLU A 114 -1.67 -15.44 -1.30
C GLU A 114 -2.21 -14.04 -1.06
N LEU A 115 -2.21 -13.22 -2.09
CA LEU A 115 -2.74 -11.88 -1.98
C LEU A 115 -4.21 -11.98 -1.67
N GLN A 116 -4.90 -12.80 -2.46
CA GLN A 116 -6.35 -13.00 -2.28
C GLN A 116 -6.63 -13.50 -0.86
N SER A 117 -5.77 -14.39 -0.39
CA SER A 117 -5.92 -14.95 0.94
C SER A 117 -5.75 -13.86 2.00
N THR A 118 -4.81 -12.98 1.77
CA THR A 118 -4.55 -11.89 2.67
C THR A 118 -5.69 -10.86 2.58
N ILE A 119 -6.27 -10.71 1.39
CA ILE A 119 -7.40 -9.82 1.22
C ILE A 119 -8.59 -10.35 1.98
N ALA A 120 -8.84 -11.65 1.88
CA ALA A 120 -9.95 -12.28 2.59
C ALA A 120 -9.75 -12.19 4.09
N LYS A 121 -8.50 -12.19 4.52
CA LYS A 121 -8.15 -12.03 5.92
C LYS A 121 -8.65 -10.69 6.44
N HIS A 122 -8.43 -9.67 5.63
CA HIS A 122 -8.82 -8.33 5.96
C HIS A 122 -10.27 -8.01 5.59
N LEU A 123 -10.86 -8.81 4.72
CA LEU A 123 -12.21 -8.63 4.29
C LEU A 123 -13.14 -8.93 5.45
N ALA A 124 -13.84 -7.93 5.89
CA ALA A 124 -14.78 -8.02 6.99
C ALA A 124 -15.59 -6.75 7.00
N MET A 11 -21.41 11.27 -3.27
CA MET A 11 -21.23 12.47 -4.07
C MET A 11 -19.74 12.71 -4.16
N ALA A 12 -19.23 12.91 -5.40
CA ALA A 12 -17.79 13.08 -5.64
C ALA A 12 -17.02 11.97 -4.93
N SER A 13 -17.24 10.78 -5.42
CA SER A 13 -16.74 9.56 -4.82
C SER A 13 -15.24 9.58 -4.57
N GLU A 14 -14.87 9.78 -3.32
CA GLU A 14 -13.50 9.75 -2.93
C GLU A 14 -13.17 8.31 -2.59
N GLU A 15 -12.93 7.54 -3.61
CA GLU A 15 -12.64 6.15 -3.49
C GLU A 15 -11.72 5.76 -4.61
N GLY A 16 -11.00 4.66 -4.45
CA GLY A 16 -10.12 4.20 -5.50
C GLY A 16 -8.84 4.96 -5.51
N GLN A 17 -8.62 5.73 -4.49
CA GLN A 17 -7.47 6.56 -4.45
C GLN A 17 -6.32 5.94 -3.77
N VAL A 18 -5.24 6.04 -4.42
CA VAL A 18 -4.03 5.54 -3.92
C VAL A 18 -3.08 6.72 -3.74
N ILE A 19 -2.44 6.79 -2.63
CA ILE A 19 -1.58 7.88 -2.35
C ILE A 19 -0.16 7.55 -2.75
N ALA A 20 0.32 8.23 -3.74
CA ALA A 20 1.67 8.03 -4.17
C ALA A 20 2.55 9.06 -3.50
N CYS A 21 3.36 8.62 -2.57
CA CYS A 21 4.25 9.50 -1.91
C CYS A 21 5.56 9.54 -2.66
N HIS A 22 6.02 10.72 -2.94
CA HIS A 22 7.26 10.89 -3.66
C HIS A 22 8.32 11.43 -2.75
N THR A 23 7.93 11.65 -1.50
CA THR A 23 8.82 12.21 -0.49
C THR A 23 8.48 11.63 0.87
N VAL A 24 9.46 11.53 1.75
CA VAL A 24 9.25 11.00 3.08
C VAL A 24 8.41 11.99 3.91
N GLU A 25 8.46 13.27 3.50
CA GLU A 25 7.71 14.32 4.08
C GLU A 25 6.21 13.96 4.04
N THR A 26 5.76 13.56 2.86
CA THR A 26 4.39 13.14 2.67
C THR A 26 4.13 11.81 3.39
N TRP A 27 5.09 10.90 3.26
CA TRP A 27 5.03 9.55 3.85
C TRP A 27 4.74 9.61 5.36
N ASN A 28 5.55 10.37 6.07
CA ASN A 28 5.44 10.50 7.51
C ASN A 28 4.09 11.11 7.90
N GLU A 29 3.69 12.10 7.14
CA GLU A 29 2.44 12.81 7.38
C GLU A 29 1.22 11.88 7.19
N GLN A 30 1.25 11.05 6.15
CA GLN A 30 0.18 10.15 5.88
C GLN A 30 0.03 9.13 7.00
N LEU A 31 1.15 8.65 7.51
CA LEU A 31 1.16 7.74 8.59
C LEU A 31 0.67 8.41 9.86
N GLN A 32 1.09 9.64 10.07
CA GLN A 32 0.64 10.44 11.19
C GLN A 32 -0.89 10.56 11.14
N LYS A 33 -1.41 10.83 9.95
CA LYS A 33 -2.85 10.93 9.73
C LYS A 33 -3.54 9.60 10.01
N ALA A 34 -2.97 8.49 9.51
CA ALA A 34 -3.55 7.17 9.71
C ALA A 34 -3.56 6.80 11.18
N ASN A 35 -2.47 7.12 11.85
CA ASN A 35 -2.30 6.87 13.29
C ASN A 35 -3.34 7.62 14.07
N GLU A 36 -3.40 8.90 13.80
CA GLU A 36 -4.31 9.84 14.44
C GLU A 36 -5.78 9.45 14.25
N SER A 37 -6.12 9.04 13.05
CA SER A 37 -7.48 8.72 12.72
C SER A 37 -7.82 7.27 13.05
N LYS A 38 -6.79 6.48 13.43
CA LYS A 38 -6.93 5.05 13.71
C LYS A 38 -7.36 4.32 12.45
N THR A 39 -6.90 4.83 11.34
CA THR A 39 -7.22 4.31 10.07
C THR A 39 -6.18 3.28 9.66
N LEU A 40 -6.63 2.29 9.00
CA LEU A 40 -5.78 1.24 8.52
C LEU A 40 -5.12 1.71 7.21
N VAL A 41 -3.86 1.41 7.03
CA VAL A 41 -3.13 1.86 5.88
C VAL A 41 -2.44 0.68 5.16
N VAL A 42 -2.55 0.65 3.85
CA VAL A 42 -1.93 -0.40 3.05
C VAL A 42 -0.96 0.22 2.08
N VAL A 43 0.28 -0.14 2.17
CA VAL A 43 1.30 0.45 1.32
C VAL A 43 1.86 -0.60 0.35
N ASP A 44 1.91 -0.24 -0.90
CA ASP A 44 2.47 -1.09 -1.95
C ASP A 44 3.79 -0.50 -2.44
N PHE A 45 4.90 -1.19 -2.15
CA PHE A 45 6.16 -0.75 -2.64
C PHE A 45 6.42 -1.49 -3.91
N THR A 46 6.54 -0.78 -4.98
CA THR A 46 6.59 -1.39 -6.25
C THR A 46 7.39 -0.52 -7.22
N ALA A 47 7.57 -1.00 -8.41
CA ALA A 47 8.22 -0.26 -9.44
C ALA A 47 7.38 -0.34 -10.67
N SER A 48 7.18 0.76 -11.31
CA SER A 48 6.34 0.81 -12.50
C SER A 48 6.98 0.06 -13.67
N TRP A 49 8.28 -0.20 -13.57
CA TRP A 49 9.01 -0.92 -14.60
C TRP A 49 8.97 -2.46 -14.44
N CYS A 50 8.31 -2.97 -13.42
CA CYS A 50 8.21 -4.43 -13.28
C CYS A 50 6.82 -4.95 -13.67
N GLY A 51 6.82 -5.90 -14.61
CA GLY A 51 5.61 -6.48 -15.19
C GLY A 51 4.56 -6.98 -14.18
N PRO A 52 4.89 -7.99 -13.34
CA PRO A 52 3.93 -8.55 -12.36
C PRO A 52 3.38 -7.48 -11.42
N CYS A 53 4.19 -6.49 -11.16
CA CYS A 53 3.85 -5.40 -10.28
C CYS A 53 2.77 -4.54 -10.94
N ARG A 54 2.96 -4.30 -12.21
CA ARG A 54 2.07 -3.46 -12.96
C ARG A 54 0.77 -4.22 -13.22
N PHE A 55 0.90 -5.53 -13.30
CA PHE A 55 -0.21 -6.44 -13.51
C PHE A 55 -1.10 -6.53 -12.26
N ILE A 56 -0.50 -6.39 -11.08
CA ILE A 56 -1.26 -6.52 -9.84
C ILE A 56 -1.89 -5.16 -9.45
N ALA A 57 -1.36 -4.09 -10.03
CA ALA A 57 -1.82 -2.72 -9.77
C ALA A 57 -3.36 -2.52 -9.97
N PRO A 58 -3.98 -2.99 -11.12
CA PRO A 58 -5.43 -2.83 -11.34
C PRO A 58 -6.26 -3.48 -10.23
N PHE A 59 -5.74 -4.57 -9.68
CA PHE A 59 -6.41 -5.31 -8.62
C PHE A 59 -6.34 -4.51 -7.32
N PHE A 60 -5.17 -3.94 -7.07
CA PHE A 60 -4.94 -3.11 -5.88
C PHE A 60 -5.78 -1.83 -6.00
N ALA A 61 -5.95 -1.35 -7.22
CA ALA A 61 -6.77 -0.19 -7.51
C ALA A 61 -8.24 -0.48 -7.21
N ASP A 62 -8.63 -1.75 -7.35
CA ASP A 62 -10.01 -2.18 -7.06
C ASP A 62 -10.20 -2.20 -5.59
N LEU A 63 -9.21 -2.75 -4.92
CA LEU A 63 -9.15 -2.81 -3.49
C LEU A 63 -9.27 -1.42 -2.89
N ALA A 64 -8.51 -0.50 -3.45
CA ALA A 64 -8.53 0.89 -3.05
C ALA A 64 -9.91 1.51 -3.27
N LYS A 65 -10.59 1.02 -4.27
CA LYS A 65 -11.88 1.55 -4.60
C LYS A 65 -12.96 1.05 -3.66
N LYS A 66 -12.83 -0.19 -3.23
CA LYS A 66 -13.85 -0.76 -2.37
C LYS A 66 -13.74 -0.19 -0.95
N LEU A 67 -12.53 0.16 -0.55
CA LEU A 67 -12.31 0.74 0.74
C LEU A 67 -11.88 2.21 0.64
N PRO A 68 -12.86 3.12 0.65
CA PRO A 68 -12.62 4.56 0.49
C PRO A 68 -11.99 5.23 1.72
N ASN A 69 -12.28 4.67 2.88
CA ASN A 69 -11.81 5.23 4.12
C ASN A 69 -10.43 4.71 4.47
N VAL A 70 -9.96 3.76 3.68
CA VAL A 70 -8.67 3.16 3.91
C VAL A 70 -7.66 3.81 2.98
N LEU A 71 -6.52 4.15 3.53
CA LEU A 71 -5.49 4.78 2.78
C LEU A 71 -4.58 3.74 2.17
N PHE A 72 -4.56 3.68 0.89
CA PHE A 72 -3.68 2.83 0.18
C PHE A 72 -2.61 3.70 -0.42
N LEU A 73 -1.41 3.25 -0.38
CA LEU A 73 -0.29 4.01 -0.86
C LEU A 73 0.45 3.29 -1.95
N LYS A 74 0.77 4.02 -2.99
CA LYS A 74 1.50 3.49 -4.09
C LYS A 74 2.87 4.07 -3.95
N VAL A 75 3.82 3.25 -3.70
CA VAL A 75 5.14 3.72 -3.56
C VAL A 75 5.98 3.17 -4.66
N ASP A 76 6.47 4.04 -5.48
CA ASP A 76 7.32 3.62 -6.53
C ASP A 76 8.71 3.76 -6.03
N THR A 77 9.50 2.76 -6.20
CA THR A 77 10.82 2.73 -5.65
C THR A 77 11.80 3.65 -6.35
N ASP A 78 11.46 4.12 -7.54
CA ASP A 78 12.32 5.09 -8.17
C ASP A 78 12.01 6.44 -7.60
N GLU A 79 10.74 6.68 -7.46
CA GLU A 79 10.20 7.88 -6.94
C GLU A 79 10.56 8.09 -5.48
N LEU A 80 10.19 7.16 -4.65
CA LEU A 80 10.45 7.26 -3.27
C LEU A 80 11.52 6.24 -2.92
N LYS A 81 12.66 6.49 -3.47
CA LYS A 81 13.78 5.59 -3.45
C LYS A 81 14.37 5.46 -2.05
N SER A 82 14.47 6.57 -1.35
CA SER A 82 15.07 6.60 -0.02
C SER A 82 14.28 5.78 1.00
N VAL A 83 12.96 5.91 0.99
CA VAL A 83 12.12 5.17 1.93
C VAL A 83 12.13 3.68 1.60
N ALA A 84 12.14 3.37 0.31
CA ALA A 84 12.21 1.99 -0.14
C ALA A 84 13.53 1.36 0.31
N SER A 85 14.57 2.16 0.34
CA SER A 85 15.86 1.72 0.78
C SER A 85 15.89 1.61 2.32
N ASP A 86 15.21 2.56 3.00
CA ASP A 86 15.18 2.60 4.48
C ASP A 86 14.44 1.41 5.05
N TRP A 87 13.39 0.98 4.38
CA TRP A 87 12.59 -0.15 4.81
C TRP A 87 13.11 -1.45 4.21
N ALA A 88 14.16 -1.33 3.42
CA ALA A 88 14.80 -2.45 2.74
C ALA A 88 13.81 -3.29 1.94
N ILE A 89 13.40 -2.75 0.83
CA ILE A 89 12.50 -3.44 -0.06
C ILE A 89 13.32 -4.19 -1.10
N GLN A 90 13.47 -5.48 -0.90
CA GLN A 90 14.26 -6.27 -1.78
C GLN A 90 13.44 -6.84 -2.93
N ALA A 91 12.16 -7.06 -2.70
CA ALA A 91 11.34 -7.65 -3.72
C ALA A 91 10.08 -6.84 -3.94
N MET A 92 9.84 -6.52 -5.19
CA MET A 92 8.69 -5.74 -5.58
C MET A 92 7.77 -6.61 -6.43
N PRO A 93 6.45 -6.45 -6.29
CA PRO A 93 5.84 -5.50 -5.37
C PRO A 93 5.68 -6.09 -3.99
N THR A 94 5.63 -5.26 -3.01
CA THR A 94 5.44 -5.73 -1.69
C THR A 94 4.34 -4.91 -1.03
N PHE A 95 3.36 -5.57 -0.52
CA PHE A 95 2.24 -4.95 0.05
C PHE A 95 2.36 -5.05 1.53
N MET A 96 2.39 -3.94 2.18
CA MET A 96 2.48 -3.90 3.60
C MET A 96 1.17 -3.42 4.14
N PHE A 97 0.59 -4.24 4.95
CA PHE A 97 -0.65 -3.98 5.54
C PHE A 97 -0.45 -3.58 6.96
N LEU A 98 -0.84 -2.41 7.27
CA LEU A 98 -0.70 -1.93 8.59
C LEU A 98 -2.10 -1.56 9.06
N LYS A 99 -2.30 -1.51 10.33
CA LYS A 99 -3.57 -1.10 10.84
C LYS A 99 -3.36 -0.11 11.93
N GLU A 100 -3.93 1.07 11.71
CA GLU A 100 -3.86 2.18 12.63
C GLU A 100 -2.40 2.66 12.78
N GLY A 101 -1.59 2.30 11.80
CA GLY A 101 -0.17 2.64 11.83
C GLY A 101 0.68 1.55 12.47
N LYS A 102 0.04 0.47 12.93
CA LYS A 102 0.76 -0.66 13.51
C LYS A 102 0.94 -1.73 12.44
N ILE A 103 2.11 -2.35 12.39
CA ILE A 103 2.39 -3.39 11.40
C ILE A 103 1.60 -4.65 11.71
N LEU A 104 0.79 -5.08 10.77
CA LEU A 104 0.08 -6.31 10.93
C LEU A 104 0.71 -7.39 10.13
N ASP A 105 0.78 -7.18 8.83
CA ASP A 105 1.21 -8.21 7.93
C ASP A 105 1.68 -7.64 6.65
N LYS A 106 2.49 -8.38 5.95
CA LYS A 106 3.07 -7.90 4.75
C LYS A 106 3.20 -9.03 3.74
N VAL A 107 2.98 -8.74 2.48
CA VAL A 107 3.07 -9.69 1.41
C VAL A 107 4.20 -9.27 0.47
N VAL A 108 5.19 -10.12 0.32
CA VAL A 108 6.31 -9.85 -0.54
C VAL A 108 6.17 -10.65 -1.82
N GLY A 109 6.08 -9.93 -2.94
CA GLY A 109 5.93 -10.54 -4.21
C GLY A 109 4.48 -10.55 -4.64
N ALA A 110 4.23 -10.42 -5.93
CA ALA A 110 2.87 -10.45 -6.38
C ALA A 110 2.41 -11.88 -6.40
N LYS A 111 1.57 -12.20 -5.48
CA LYS A 111 0.99 -13.47 -5.35
C LYS A 111 -0.48 -13.29 -5.35
N LYS A 112 -1.15 -13.74 -6.37
CA LYS A 112 -2.53 -13.48 -6.53
C LYS A 112 -3.37 -14.20 -5.47
N ASP A 113 -3.07 -15.47 -5.24
CA ASP A 113 -3.84 -16.26 -4.28
C ASP A 113 -3.52 -15.85 -2.85
N GLU A 114 -2.23 -15.74 -2.52
CA GLU A 114 -1.82 -15.39 -1.17
C GLU A 114 -2.26 -13.97 -0.81
N LEU A 115 -2.35 -13.09 -1.81
CA LEU A 115 -2.82 -11.73 -1.57
C LEU A 115 -4.24 -11.79 -1.10
N GLN A 116 -5.06 -12.50 -1.86
CA GLN A 116 -6.47 -12.71 -1.53
C GLN A 116 -6.64 -13.38 -0.17
N SER A 117 -5.73 -14.29 0.14
CA SER A 117 -5.75 -14.96 1.44
C SER A 117 -5.47 -13.94 2.55
N THR A 118 -4.59 -13.00 2.26
CA THR A 118 -4.25 -11.95 3.18
C THR A 118 -5.42 -10.95 3.30
N ILE A 119 -6.15 -10.79 2.22
CA ILE A 119 -7.34 -9.96 2.23
C ILE A 119 -8.37 -10.61 3.15
N ALA A 120 -8.59 -11.92 2.96
CA ALA A 120 -9.51 -12.70 3.79
C ALA A 120 -9.09 -12.67 5.26
N LYS A 121 -7.78 -12.64 5.48
CA LYS A 121 -7.19 -12.52 6.81
C LYS A 121 -7.67 -11.24 7.48
N HIS A 122 -7.67 -10.18 6.72
CA HIS A 122 -8.13 -8.90 7.17
C HIS A 122 -9.66 -8.81 7.24
N LEU A 123 -10.35 -9.61 6.47
CA LEU A 123 -11.78 -9.61 6.42
C LEU A 123 -12.41 -10.42 7.55
N ALA A 124 -11.64 -10.67 8.54
CA ALA A 124 -12.08 -11.38 9.70
C ALA A 124 -11.77 -10.55 10.93
N MET A 11 -23.51 12.27 2.36
CA MET A 11 -22.07 12.45 2.47
C MET A 11 -21.36 11.85 1.29
N ALA A 12 -20.86 12.69 0.42
CA ALA A 12 -20.11 12.26 -0.72
C ALA A 12 -18.72 11.84 -0.26
N SER A 13 -18.44 10.60 -0.42
CA SER A 13 -17.21 10.02 0.02
C SER A 13 -16.18 10.02 -1.12
N GLU A 14 -15.14 9.20 -1.02
CA GLU A 14 -14.09 9.19 -2.01
C GLU A 14 -13.95 7.77 -2.63
N GLU A 15 -13.36 6.85 -1.85
CA GLU A 15 -13.12 5.43 -2.24
C GLU A 15 -12.19 5.27 -3.43
N GLY A 16 -11.35 4.27 -3.36
CA GLY A 16 -10.48 3.98 -4.47
C GLY A 16 -9.26 4.82 -4.49
N GLN A 17 -8.94 5.46 -3.39
CA GLN A 17 -7.81 6.31 -3.39
C GLN A 17 -6.56 5.67 -2.97
N VAL A 18 -5.62 5.82 -3.81
CA VAL A 18 -4.27 5.37 -3.61
C VAL A 18 -3.38 6.59 -3.67
N ILE A 19 -2.70 6.88 -2.61
CA ILE A 19 -1.82 8.02 -2.62
C ILE A 19 -0.43 7.61 -3.06
N ALA A 20 -0.03 8.06 -4.21
CA ALA A 20 1.27 7.74 -4.76
C ALA A 20 2.27 8.76 -4.32
N CYS A 21 3.23 8.35 -3.55
CA CYS A 21 4.20 9.23 -3.04
C CYS A 21 5.41 9.24 -3.95
N HIS A 22 5.78 10.41 -4.40
CA HIS A 22 6.98 10.61 -5.18
C HIS A 22 7.98 11.39 -4.37
N THR A 23 7.61 11.68 -3.14
CA THR A 23 8.43 12.41 -2.23
C THR A 23 8.17 11.89 -0.84
N VAL A 24 9.13 12.09 0.05
CA VAL A 24 8.98 11.69 1.43
C VAL A 24 7.93 12.56 2.11
N GLU A 25 7.70 13.75 1.54
CA GLU A 25 6.72 14.70 2.05
C GLU A 25 5.32 14.11 1.98
N THR A 26 4.96 13.60 0.79
CA THR A 26 3.66 12.99 0.56
C THR A 26 3.48 11.78 1.49
N TRP A 27 4.55 11.02 1.63
CA TRP A 27 4.59 9.88 2.51
C TRP A 27 4.34 10.31 3.97
N ASN A 28 5.11 11.28 4.42
CA ASN A 28 5.07 11.80 5.78
C ASN A 28 3.68 12.39 6.14
N GLU A 29 3.15 13.20 5.24
CA GLU A 29 1.86 13.89 5.42
C GLU A 29 0.73 12.90 5.73
N GLN A 30 0.64 11.85 4.94
CA GLN A 30 -0.34 10.84 5.10
C GLN A 30 -0.11 9.97 6.32
N LEU A 31 1.15 9.73 6.67
CA LEU A 31 1.46 8.94 7.81
C LEU A 31 1.04 9.59 9.09
N GLN A 32 1.25 10.88 9.21
CA GLN A 32 0.84 11.59 10.38
C GLN A 32 -0.67 11.46 10.56
N LYS A 33 -1.38 11.69 9.47
CA LYS A 33 -2.83 11.64 9.48
C LYS A 33 -3.28 10.21 9.85
N ALA A 34 -2.67 9.20 9.21
CA ALA A 34 -3.06 7.82 9.46
C ALA A 34 -2.72 7.38 10.87
N ASN A 35 -1.69 7.96 11.42
CA ASN A 35 -1.21 7.62 12.75
C ASN A 35 -2.16 8.18 13.79
N GLU A 36 -2.37 9.47 13.69
CA GLU A 36 -3.27 10.16 14.62
C GLU A 36 -4.71 9.66 14.53
N SER A 37 -5.19 9.38 13.33
CA SER A 37 -6.54 8.90 13.18
C SER A 37 -6.63 7.39 13.49
N LYS A 38 -5.46 6.72 13.62
CA LYS A 38 -5.38 5.27 13.87
C LYS A 38 -6.05 4.48 12.77
N THR A 39 -5.98 5.01 11.58
CA THR A 39 -6.59 4.40 10.44
C THR A 39 -5.71 3.24 9.97
N LEU A 40 -6.33 2.24 9.49
CA LEU A 40 -5.63 1.10 8.98
C LEU A 40 -5.14 1.51 7.58
N VAL A 41 -3.90 1.26 7.32
CA VAL A 41 -3.30 1.69 6.09
C VAL A 41 -2.63 0.53 5.36
N VAL A 42 -2.72 0.52 4.06
CA VAL A 42 -2.09 -0.48 3.23
C VAL A 42 -1.20 0.22 2.22
N VAL A 43 0.04 -0.18 2.14
CA VAL A 43 0.97 0.49 1.25
C VAL A 43 1.62 -0.51 0.29
N ASP A 44 1.62 -0.15 -0.98
CA ASP A 44 2.30 -0.92 -2.03
C ASP A 44 3.66 -0.32 -2.30
N PHE A 45 4.70 -1.08 -2.07
CA PHE A 45 6.01 -0.61 -2.38
C PHE A 45 6.54 -1.38 -3.58
N THR A 46 6.70 -0.71 -4.67
CA THR A 46 7.31 -1.26 -5.84
C THR A 46 7.75 -0.10 -6.74
N ALA A 47 8.36 -0.41 -7.85
CA ALA A 47 8.72 0.61 -8.80
C ALA A 47 7.85 0.44 -10.02
N SER A 48 7.41 1.55 -10.58
CA SER A 48 6.50 1.57 -11.72
C SER A 48 7.03 0.80 -12.96
N TRP A 49 8.34 0.63 -13.05
CA TRP A 49 8.95 -0.09 -14.17
C TRP A 49 8.90 -1.63 -14.00
N CYS A 50 8.22 -2.09 -12.98
CA CYS A 50 8.09 -3.51 -12.74
C CYS A 50 6.85 -4.06 -13.44
N GLY A 51 7.07 -5.06 -14.30
CA GLY A 51 5.98 -5.67 -15.06
C GLY A 51 4.91 -6.36 -14.21
N PRO A 52 5.27 -7.42 -13.43
CA PRO A 52 4.31 -8.14 -12.57
C PRO A 52 3.61 -7.21 -11.58
N CYS A 53 4.33 -6.21 -11.16
CA CYS A 53 3.84 -5.23 -10.22
C CYS A 53 2.78 -4.35 -10.89
N ARG A 54 3.00 -4.03 -12.14
CA ARG A 54 2.05 -3.24 -12.92
C ARG A 54 0.82 -4.09 -13.23
N PHE A 55 1.02 -5.39 -13.33
CA PHE A 55 -0.05 -6.33 -13.57
C PHE A 55 -0.97 -6.44 -12.34
N ILE A 56 -0.40 -6.37 -11.16
CA ILE A 56 -1.18 -6.52 -9.92
C ILE A 56 -1.75 -5.15 -9.46
N ALA A 57 -1.12 -4.07 -9.93
CA ALA A 57 -1.47 -2.68 -9.57
C ALA A 57 -2.99 -2.34 -9.73
N PRO A 58 -3.64 -2.65 -10.89
CA PRO A 58 -5.07 -2.35 -11.08
C PRO A 58 -5.95 -2.94 -10.00
N PHE A 59 -5.63 -4.15 -9.55
CA PHE A 59 -6.43 -4.79 -8.55
C PHE A 59 -6.24 -4.11 -7.19
N PHE A 60 -5.05 -3.58 -6.96
CA PHE A 60 -4.77 -2.86 -5.71
C PHE A 60 -5.65 -1.60 -5.65
N ALA A 61 -5.84 -0.98 -6.81
CA ALA A 61 -6.68 0.20 -6.92
C ALA A 61 -8.16 -0.17 -6.77
N ASP A 62 -8.50 -1.38 -7.17
CA ASP A 62 -9.86 -1.92 -7.06
C ASP A 62 -10.18 -2.17 -5.62
N LEU A 63 -9.22 -2.76 -4.96
CA LEU A 63 -9.26 -3.07 -3.58
C LEU A 63 -9.47 -1.80 -2.77
N ALA A 64 -8.77 -0.75 -3.17
CA ALA A 64 -8.90 0.57 -2.57
C ALA A 64 -10.33 1.09 -2.64
N LYS A 65 -11.03 0.71 -3.70
CA LYS A 65 -12.41 1.13 -3.90
C LYS A 65 -13.37 0.34 -3.01
N LYS A 66 -13.00 -0.89 -2.71
CA LYS A 66 -13.83 -1.75 -1.89
C LYS A 66 -13.75 -1.36 -0.41
N LEU A 67 -12.57 -0.94 0.04
CA LEU A 67 -12.38 -0.52 1.40
C LEU A 67 -12.33 1.01 1.48
N PRO A 68 -13.47 1.65 1.83
CA PRO A 68 -13.60 3.12 1.88
C PRO A 68 -12.86 3.75 3.07
N ASN A 69 -12.83 3.01 4.15
CA ASN A 69 -12.28 3.50 5.40
C ASN A 69 -10.80 3.20 5.52
N VAL A 70 -10.23 2.58 4.50
CA VAL A 70 -8.83 2.28 4.51
C VAL A 70 -8.14 3.18 3.51
N LEU A 71 -7.06 3.78 3.93
CA LEU A 71 -6.35 4.70 3.09
C LEU A 71 -5.16 3.93 2.52
N PHE A 72 -5.05 3.88 1.22
CA PHE A 72 -3.98 3.16 0.58
C PHE A 72 -2.94 4.11 0.05
N LEU A 73 -1.72 3.73 0.16
CA LEU A 73 -0.63 4.49 -0.34
C LEU A 73 0.23 3.63 -1.22
N LYS A 74 0.96 4.25 -2.06
CA LYS A 74 1.85 3.57 -2.91
C LYS A 74 3.15 4.32 -2.95
N VAL A 75 4.19 3.63 -2.62
CA VAL A 75 5.50 4.20 -2.62
C VAL A 75 6.29 3.59 -3.73
N ASP A 76 6.70 4.40 -4.65
CA ASP A 76 7.50 3.93 -5.73
C ASP A 76 8.93 3.86 -5.26
N THR A 77 9.49 2.67 -5.33
CA THR A 77 10.82 2.41 -4.82
C THR A 77 11.93 3.02 -5.69
N ASP A 78 11.60 3.39 -6.91
CA ASP A 78 12.57 4.04 -7.81
C ASP A 78 12.66 5.48 -7.42
N GLU A 79 11.52 5.99 -7.02
CA GLU A 79 11.38 7.31 -6.52
C GLU A 79 11.95 7.43 -5.10
N LEU A 80 11.36 6.73 -4.15
CA LEU A 80 11.77 6.80 -2.80
C LEU A 80 12.67 5.63 -2.43
N LYS A 81 13.91 5.72 -2.84
CA LYS A 81 14.89 4.67 -2.60
C LYS A 81 15.26 4.56 -1.13
N SER A 82 15.42 5.71 -0.48
CA SER A 82 15.82 5.72 0.90
C SER A 82 14.69 5.22 1.80
N VAL A 83 13.46 5.60 1.47
CA VAL A 83 12.31 5.15 2.22
C VAL A 83 12.12 3.65 2.01
N ALA A 84 12.27 3.20 0.77
CA ALA A 84 12.15 1.78 0.45
C ALA A 84 13.15 0.96 1.25
N SER A 85 14.38 1.43 1.30
CA SER A 85 15.43 0.74 2.01
C SER A 85 15.19 0.76 3.52
N ASP A 86 14.55 1.83 4.02
CA ASP A 86 14.28 1.99 5.45
C ASP A 86 13.26 0.98 5.93
N TRP A 87 12.28 0.71 5.08
CA TRP A 87 11.25 -0.24 5.40
C TRP A 87 11.63 -1.65 4.97
N ALA A 88 12.91 -1.80 4.57
CA ALA A 88 13.50 -3.10 4.18
C ALA A 88 12.84 -3.68 2.92
N ILE A 89 12.37 -2.81 2.06
CA ILE A 89 11.72 -3.25 0.84
C ILE A 89 12.77 -3.59 -0.20
N GLN A 90 13.07 -4.86 -0.30
CA GLN A 90 14.04 -5.35 -1.24
C GLN A 90 13.35 -6.05 -2.39
N ALA A 91 12.32 -6.78 -2.09
CA ALA A 91 11.62 -7.55 -3.08
C ALA A 91 10.48 -6.74 -3.67
N MET A 92 10.33 -6.84 -4.94
CA MET A 92 9.29 -6.11 -5.62
C MET A 92 8.29 -7.09 -6.20
N PRO A 93 7.00 -6.88 -5.97
CA PRO A 93 6.49 -5.81 -5.14
C PRO A 93 6.25 -6.30 -3.70
N THR A 94 6.28 -5.40 -2.76
CA THR A 94 5.93 -5.75 -1.42
C THR A 94 4.72 -4.95 -0.98
N PHE A 95 3.72 -5.64 -0.53
CA PHE A 95 2.54 -5.01 -0.06
C PHE A 95 2.57 -5.08 1.44
N MET A 96 2.46 -3.96 2.06
CA MET A 96 2.50 -3.92 3.48
C MET A 96 1.15 -3.58 4.01
N PHE A 97 0.65 -4.46 4.81
CA PHE A 97 -0.59 -4.32 5.44
C PHE A 97 -0.38 -4.05 6.91
N LEU A 98 -0.81 -2.93 7.35
CA LEU A 98 -0.67 -2.58 8.72
C LEU A 98 -1.97 -1.98 9.24
N LYS A 99 -2.12 -1.93 10.52
CA LYS A 99 -3.34 -1.50 11.15
C LYS A 99 -3.03 -0.51 12.23
N GLU A 100 -3.60 0.68 12.06
CA GLU A 100 -3.44 1.80 12.98
C GLU A 100 -1.99 2.29 12.99
N GLY A 101 -1.27 1.93 11.95
CA GLY A 101 0.13 2.25 11.86
C GLY A 101 1.02 1.14 12.41
N LYS A 102 0.42 0.09 12.94
CA LYS A 102 1.18 -1.03 13.43
C LYS A 102 1.11 -2.19 12.45
N ILE A 103 2.22 -2.83 12.23
CA ILE A 103 2.37 -3.88 11.21
C ILE A 103 1.50 -5.10 11.51
N LEU A 104 0.83 -5.60 10.48
CA LEU A 104 0.08 -6.83 10.58
C LEU A 104 0.71 -7.91 9.75
N ASP A 105 0.70 -7.72 8.45
CA ASP A 105 1.17 -8.73 7.53
C ASP A 105 1.75 -8.16 6.25
N LYS A 106 2.59 -8.96 5.62
CA LYS A 106 3.28 -8.60 4.40
C LYS A 106 2.92 -9.57 3.29
N VAL A 107 2.86 -9.07 2.08
CA VAL A 107 2.77 -9.91 0.92
C VAL A 107 3.99 -9.60 0.08
N VAL A 108 4.81 -10.58 -0.14
CA VAL A 108 6.01 -10.39 -0.90
C VAL A 108 5.91 -11.08 -2.26
N GLY A 109 6.00 -10.30 -3.31
CA GLY A 109 5.87 -10.82 -4.63
C GLY A 109 4.43 -10.78 -5.06
N ALA A 110 4.19 -10.55 -6.33
CA ALA A 110 2.83 -10.44 -6.77
C ALA A 110 2.22 -11.80 -6.94
N LYS A 111 1.35 -12.12 -6.04
CA LYS A 111 0.52 -13.27 -6.11
C LYS A 111 -0.88 -12.82 -5.93
N LYS A 112 -1.68 -12.91 -6.95
CA LYS A 112 -3.03 -12.47 -6.83
C LYS A 112 -3.77 -13.36 -5.84
N ASP A 113 -3.51 -14.66 -5.92
CA ASP A 113 -4.13 -15.67 -5.05
C ASP A 113 -3.78 -15.42 -3.59
N GLU A 114 -2.53 -15.07 -3.35
CA GLU A 114 -2.04 -14.86 -2.00
C GLU A 114 -2.61 -13.57 -1.48
N LEU A 115 -2.75 -12.60 -2.37
CA LEU A 115 -3.33 -11.34 -2.04
C LEU A 115 -4.75 -11.55 -1.60
N GLN A 116 -5.47 -12.37 -2.35
CA GLN A 116 -6.87 -12.68 -2.05
C GLN A 116 -6.96 -13.33 -0.68
N SER A 117 -5.99 -14.18 -0.39
CA SER A 117 -5.93 -14.87 0.87
C SER A 117 -5.62 -13.87 1.99
N THR A 118 -4.76 -12.92 1.70
CA THR A 118 -4.41 -11.88 2.61
C THR A 118 -5.63 -10.99 2.90
N ILE A 119 -6.43 -10.71 1.88
CA ILE A 119 -7.64 -9.94 2.05
C ILE A 119 -8.59 -10.69 2.98
N ALA A 120 -8.73 -11.99 2.76
CA ALA A 120 -9.59 -12.83 3.58
C ALA A 120 -9.03 -12.97 5.00
N LYS A 121 -7.71 -12.92 5.12
CA LYS A 121 -7.02 -12.97 6.40
C LYS A 121 -7.39 -11.74 7.22
N HIS A 122 -7.46 -10.62 6.55
CA HIS A 122 -7.86 -9.39 7.15
C HIS A 122 -9.34 -9.36 7.47
N LEU A 123 -10.15 -9.98 6.64
CA LEU A 123 -11.53 -10.04 6.85
C LEU A 123 -11.86 -11.03 7.97
N ALA A 124 -13.11 -11.07 8.33
CA ALA A 124 -13.61 -11.98 9.34
C ALA A 124 -15.11 -12.06 9.19
N MET A 11 -20.11 11.46 0.09
CA MET A 11 -19.17 11.53 -1.00
C MET A 11 -18.33 12.79 -0.89
N ALA A 12 -17.11 12.63 -0.48
CA ALA A 12 -16.19 13.71 -0.32
C ALA A 12 -14.82 13.23 -0.70
N SER A 13 -13.83 14.10 -0.58
CA SER A 13 -12.47 13.74 -0.88
C SER A 13 -11.89 12.74 0.15
N GLU A 14 -12.17 11.47 -0.11
CA GLU A 14 -11.80 10.37 0.73
C GLU A 14 -12.17 9.08 -0.03
N GLU A 15 -11.59 7.93 0.37
CA GLU A 15 -11.82 6.56 -0.18
C GLU A 15 -11.61 6.40 -1.70
N GLY A 16 -11.40 5.16 -2.13
CA GLY A 16 -11.31 4.86 -3.54
C GLY A 16 -10.03 5.35 -4.13
N GLN A 17 -9.07 5.65 -3.29
CA GLN A 17 -7.86 6.20 -3.78
C GLN A 17 -6.64 5.59 -3.21
N VAL A 18 -5.67 5.60 -4.03
CA VAL A 18 -4.36 5.21 -3.70
C VAL A 18 -3.47 6.45 -3.87
N ILE A 19 -2.86 6.87 -2.81
CA ILE A 19 -2.08 8.07 -2.87
C ILE A 19 -0.64 7.77 -3.23
N ALA A 20 -0.27 8.23 -4.38
CA ALA A 20 1.05 8.01 -4.90
C ALA A 20 2.00 9.04 -4.34
N CYS A 21 2.90 8.60 -3.51
CA CYS A 21 3.84 9.47 -2.93
C CYS A 21 5.01 9.62 -3.87
N HIS A 22 5.31 10.83 -4.21
CA HIS A 22 6.46 11.14 -5.02
C HIS A 22 7.54 11.73 -4.15
N THR A 23 7.20 11.92 -2.89
CA THR A 23 8.07 12.55 -1.94
C THR A 23 7.91 11.88 -0.61
N VAL A 24 8.86 12.11 0.28
CA VAL A 24 8.76 11.58 1.62
C VAL A 24 7.73 12.41 2.37
N GLU A 25 7.54 13.64 1.93
CA GLU A 25 6.59 14.55 2.52
C GLU A 25 5.19 13.95 2.50
N THR A 26 4.75 13.52 1.32
CA THR A 26 3.44 12.90 1.16
C THR A 26 3.35 11.62 2.01
N TRP A 27 4.41 10.84 1.98
CA TRP A 27 4.53 9.60 2.74
C TRP A 27 4.39 9.87 4.25
N ASN A 28 5.22 10.76 4.75
CA ASN A 28 5.27 11.12 6.16
C ASN A 28 3.94 11.73 6.61
N GLU A 29 3.40 12.59 5.75
CA GLU A 29 2.15 13.32 5.98
C GLU A 29 1.03 12.33 6.29
N GLN A 30 0.92 11.31 5.49
CA GLN A 30 -0.12 10.38 5.62
C GLN A 30 0.05 9.44 6.79
N LEU A 31 1.27 9.05 7.08
CA LEU A 31 1.56 8.20 8.19
C LEU A 31 1.20 8.84 9.50
N GLN A 32 1.59 10.09 9.67
CA GLN A 32 1.28 10.80 10.88
C GLN A 32 -0.23 11.00 11.02
N LYS A 33 -0.92 11.10 9.88
CA LYS A 33 -2.36 11.18 9.87
C LYS A 33 -2.96 9.83 10.29
N ALA A 34 -2.49 8.75 9.65
CA ALA A 34 -3.02 7.41 9.89
C ALA A 34 -2.87 7.01 11.36
N ASN A 35 -1.76 7.40 11.93
CA ASN A 35 -1.46 7.10 13.34
C ASN A 35 -2.42 7.84 14.24
N GLU A 36 -2.47 9.13 14.04
CA GLU A 36 -3.31 10.03 14.84
C GLU A 36 -4.79 9.69 14.72
N SER A 37 -5.25 9.45 13.52
CA SER A 37 -6.64 9.17 13.31
C SER A 37 -6.97 7.69 13.51
N LYS A 38 -5.92 6.88 13.77
CA LYS A 38 -6.06 5.44 13.99
C LYS A 38 -6.71 4.75 12.81
N THR A 39 -6.45 5.29 11.65
CA THR A 39 -6.98 4.79 10.43
C THR A 39 -6.13 3.64 9.94
N LEU A 40 -6.78 2.70 9.36
CA LEU A 40 -6.14 1.53 8.84
C LEU A 40 -5.56 1.92 7.48
N VAL A 41 -4.31 1.63 7.26
CA VAL A 41 -3.64 2.03 6.07
C VAL A 41 -2.96 0.84 5.38
N VAL A 42 -2.98 0.82 4.07
CA VAL A 42 -2.31 -0.23 3.32
C VAL A 42 -1.36 0.40 2.33
N VAL A 43 -0.14 -0.05 2.34
CA VAL A 43 0.89 0.54 1.51
C VAL A 43 1.47 -0.49 0.54
N ASP A 44 1.60 -0.10 -0.70
CA ASP A 44 2.18 -0.93 -1.73
C ASP A 44 3.48 -0.32 -2.23
N PHE A 45 4.54 -1.12 -2.20
CA PHE A 45 5.81 -0.72 -2.70
C PHE A 45 5.98 -1.27 -4.09
N THR A 46 6.13 -0.40 -5.03
CA THR A 46 6.15 -0.74 -6.41
C THR A 46 6.99 0.29 -7.12
N ALA A 47 7.46 -0.02 -8.29
CA ALA A 47 8.36 0.89 -8.99
C ALA A 47 8.00 1.04 -10.42
N SER A 48 8.33 2.18 -10.96
CA SER A 48 8.15 2.43 -12.38
C SER A 48 9.18 1.56 -13.19
N TRP A 49 10.23 1.09 -12.52
CA TRP A 49 11.23 0.21 -13.15
C TRP A 49 10.95 -1.26 -12.83
N CYS A 50 9.82 -1.49 -12.23
CA CYS A 50 9.37 -2.80 -11.82
C CYS A 50 8.47 -3.43 -12.88
N GLY A 51 8.36 -4.75 -12.87
CA GLY A 51 7.57 -5.45 -13.87
C GLY A 51 6.30 -6.11 -13.31
N PRO A 52 6.41 -7.22 -12.53
CA PRO A 52 5.25 -7.99 -11.98
C PRO A 52 4.23 -7.13 -11.22
N CYS A 53 4.71 -6.09 -10.61
CA CYS A 53 3.87 -5.21 -9.82
C CYS A 53 2.87 -4.46 -10.69
N ARG A 54 3.29 -4.16 -11.90
CA ARG A 54 2.46 -3.45 -12.87
C ARG A 54 1.18 -4.23 -13.21
N PHE A 55 1.25 -5.54 -13.11
CA PHE A 55 0.10 -6.40 -13.37
C PHE A 55 -0.85 -6.46 -12.16
N ILE A 56 -0.30 -6.38 -10.96
CA ILE A 56 -1.12 -6.53 -9.74
C ILE A 56 -1.67 -5.15 -9.28
N ALA A 57 -0.99 -4.08 -9.71
CA ALA A 57 -1.34 -2.70 -9.34
C ALA A 57 -2.82 -2.30 -9.60
N PRO A 58 -3.42 -2.61 -10.81
CA PRO A 58 -4.83 -2.28 -11.08
C PRO A 58 -5.79 -2.95 -10.10
N PHE A 59 -5.36 -4.06 -9.53
CA PHE A 59 -6.16 -4.78 -8.57
C PHE A 59 -6.07 -4.11 -7.20
N PHE A 60 -4.91 -3.57 -6.88
CA PHE A 60 -4.71 -2.85 -5.62
C PHE A 60 -5.50 -1.54 -5.65
N ALA A 61 -5.61 -0.96 -6.84
CA ALA A 61 -6.41 0.24 -7.02
C ALA A 61 -7.89 -0.08 -6.83
N ASP A 62 -8.25 -1.31 -7.14
CA ASP A 62 -9.62 -1.81 -6.99
C ASP A 62 -9.92 -2.00 -5.53
N LEU A 63 -8.96 -2.56 -4.85
CA LEU A 63 -8.99 -2.76 -3.43
C LEU A 63 -9.24 -1.45 -2.69
N ALA A 64 -8.66 -0.37 -3.20
CA ALA A 64 -8.82 0.95 -2.63
C ALA A 64 -10.27 1.42 -2.68
N LYS A 65 -10.98 1.00 -3.72
CA LYS A 65 -12.37 1.36 -3.89
C LYS A 65 -13.28 0.48 -3.03
N LYS A 66 -12.77 -0.67 -2.64
CA LYS A 66 -13.52 -1.63 -1.85
C LYS A 66 -13.55 -1.26 -0.38
N LEU A 67 -12.44 -0.78 0.15
CA LEU A 67 -12.36 -0.41 1.54
C LEU A 67 -12.39 1.11 1.70
N PRO A 68 -13.54 1.66 2.12
CA PRO A 68 -13.74 3.11 2.21
C PRO A 68 -13.06 3.77 3.41
N ASN A 69 -12.80 2.98 4.42
CA ASN A 69 -12.23 3.46 5.64
C ASN A 69 -10.75 3.18 5.70
N VAL A 70 -10.20 2.74 4.59
CA VAL A 70 -8.80 2.42 4.53
C VAL A 70 -8.12 3.35 3.55
N LEU A 71 -7.00 3.86 3.96
CA LEU A 71 -6.25 4.77 3.16
C LEU A 71 -5.13 3.94 2.51
N PHE A 72 -5.00 4.00 1.20
CA PHE A 72 -3.98 3.24 0.49
C PHE A 72 -2.95 4.18 -0.09
N LEU A 73 -1.72 3.77 -0.07
CA LEU A 73 -0.63 4.57 -0.61
C LEU A 73 0.24 3.77 -1.53
N LYS A 74 0.79 4.44 -2.50
CA LYS A 74 1.74 3.87 -3.37
C LYS A 74 3.06 4.52 -3.13
N VAL A 75 4.02 3.79 -2.67
CA VAL A 75 5.35 4.32 -2.55
C VAL A 75 6.07 3.91 -3.79
N ASP A 76 6.47 4.86 -4.58
CA ASP A 76 7.11 4.49 -5.80
C ASP A 76 8.56 4.29 -5.56
N THR A 77 8.93 3.09 -5.69
CA THR A 77 10.24 2.63 -5.45
C THR A 77 11.25 3.08 -6.56
N ASP A 78 10.75 3.67 -7.62
CA ASP A 78 11.62 4.25 -8.65
C ASP A 78 12.09 5.60 -8.16
N GLU A 79 11.20 6.25 -7.47
CA GLU A 79 11.37 7.57 -6.95
C GLU A 79 11.96 7.55 -5.53
N LEU A 80 11.27 6.89 -4.64
CA LEU A 80 11.63 6.77 -3.26
C LEU A 80 12.33 5.46 -3.03
N LYS A 81 13.27 5.16 -3.91
CA LYS A 81 13.99 3.90 -3.92
C LYS A 81 14.74 3.69 -2.61
N SER A 82 15.34 4.75 -2.09
CA SER A 82 16.09 4.68 -0.85
C SER A 82 15.16 4.41 0.33
N VAL A 83 13.98 5.01 0.29
CA VAL A 83 12.99 4.83 1.35
C VAL A 83 12.50 3.40 1.35
N ALA A 84 12.22 2.88 0.18
CA ALA A 84 11.76 1.50 0.04
C ALA A 84 12.86 0.54 0.50
N SER A 85 14.09 0.83 0.11
CA SER A 85 15.23 0.03 0.51
C SER A 85 15.44 0.10 2.03
N ASP A 86 15.06 1.24 2.62
CA ASP A 86 15.16 1.46 4.06
C ASP A 86 14.17 0.55 4.79
N TRP A 87 13.01 0.35 4.18
CA TRP A 87 11.98 -0.55 4.69
C TRP A 87 12.28 -2.01 4.35
N ALA A 88 13.50 -2.26 3.84
CA ALA A 88 13.99 -3.60 3.47
C ALA A 88 13.26 -4.16 2.26
N ILE A 89 12.64 -3.28 1.48
CA ILE A 89 11.93 -3.69 0.30
C ILE A 89 12.91 -3.89 -0.85
N GLN A 90 13.35 -5.11 -1.02
CA GLN A 90 14.26 -5.45 -2.07
C GLN A 90 13.50 -6.10 -3.21
N ALA A 91 12.44 -6.79 -2.87
CA ALA A 91 11.62 -7.45 -3.85
C ALA A 91 10.32 -6.66 -4.01
N MET A 92 9.84 -6.59 -5.22
CA MET A 92 8.63 -5.87 -5.51
C MET A 92 7.69 -6.75 -6.28
N PRO A 93 6.39 -6.59 -6.08
CA PRO A 93 5.83 -5.60 -5.15
C PRO A 93 5.70 -6.14 -3.73
N THR A 94 5.71 -5.28 -2.79
CA THR A 94 5.48 -5.67 -1.43
C THR A 94 4.30 -4.89 -0.90
N PHE A 95 3.33 -5.61 -0.40
CA PHE A 95 2.16 -5.02 0.11
C PHE A 95 2.22 -5.08 1.61
N MET A 96 2.16 -3.97 2.26
CA MET A 96 2.18 -3.94 3.68
C MET A 96 0.83 -3.55 4.19
N PHE A 97 0.26 -4.40 4.97
CA PHE A 97 -1.01 -4.24 5.52
C PHE A 97 -0.86 -3.92 6.99
N LEU A 98 -1.32 -2.78 7.37
CA LEU A 98 -1.23 -2.39 8.72
C LEU A 98 -2.54 -1.76 9.19
N LYS A 99 -2.74 -1.68 10.46
CA LYS A 99 -3.97 -1.16 11.00
C LYS A 99 -3.65 -0.17 12.07
N GLU A 100 -4.20 1.03 11.91
CA GLU A 100 -3.99 2.18 12.80
C GLU A 100 -2.53 2.66 12.75
N GLY A 101 -1.80 2.20 11.76
CA GLY A 101 -0.39 2.51 11.66
C GLY A 101 0.46 1.43 12.34
N LYS A 102 -0.20 0.43 12.87
CA LYS A 102 0.44 -0.69 13.54
C LYS A 102 0.53 -1.80 12.52
N ILE A 103 1.68 -2.39 12.35
CA ILE A 103 1.89 -3.35 11.30
C ILE A 103 1.26 -4.70 11.63
N LEU A 104 0.49 -5.22 10.69
CA LEU A 104 -0.14 -6.50 10.84
C LEU A 104 0.58 -7.55 10.03
N ASP A 105 0.64 -7.35 8.74
CA ASP A 105 1.24 -8.31 7.85
C ASP A 105 1.69 -7.68 6.57
N LYS A 106 2.61 -8.31 5.92
CA LYS A 106 3.09 -7.83 4.65
C LYS A 106 3.28 -9.01 3.69
N VAL A 107 3.00 -8.79 2.45
CA VAL A 107 3.15 -9.79 1.43
C VAL A 107 4.21 -9.35 0.46
N VAL A 108 5.26 -10.12 0.33
CA VAL A 108 6.33 -9.79 -0.57
C VAL A 108 6.26 -10.66 -1.84
N GLY A 109 6.10 -9.99 -2.96
CA GLY A 109 6.01 -10.67 -4.21
C GLY A 109 4.59 -10.73 -4.68
N ALA A 110 4.39 -10.62 -5.99
CA ALA A 110 3.04 -10.67 -6.50
C ALA A 110 2.58 -12.10 -6.53
N LYS A 111 1.71 -12.40 -5.62
CA LYS A 111 1.07 -13.66 -5.52
C LYS A 111 -0.41 -13.43 -5.52
N LYS A 112 -1.10 -13.83 -6.56
CA LYS A 112 -2.49 -13.52 -6.67
C LYS A 112 -3.33 -14.29 -5.64
N ASP A 113 -3.15 -15.60 -5.56
CA ASP A 113 -3.89 -16.45 -4.61
C ASP A 113 -3.58 -16.08 -3.17
N GLU A 114 -2.32 -15.82 -2.91
CA GLU A 114 -1.85 -15.43 -1.58
C GLU A 114 -2.50 -14.13 -1.17
N LEU A 115 -2.54 -13.19 -2.11
CA LEU A 115 -3.12 -11.90 -1.85
C LEU A 115 -4.56 -12.07 -1.47
N GLN A 116 -5.25 -12.91 -2.22
CA GLN A 116 -6.66 -13.20 -1.95
C GLN A 116 -6.83 -13.81 -0.56
N SER A 117 -5.86 -14.60 -0.13
CA SER A 117 -5.90 -15.21 1.17
C SER A 117 -5.73 -14.13 2.24
N THR A 118 -4.78 -13.24 2.02
CA THR A 118 -4.52 -12.13 2.90
C THR A 118 -5.72 -11.18 2.94
N ILE A 119 -6.39 -11.01 1.80
CA ILE A 119 -7.58 -10.19 1.76
C ILE A 119 -8.66 -10.79 2.64
N ALA A 120 -8.82 -12.11 2.56
CA ALA A 120 -9.82 -12.81 3.38
C ALA A 120 -9.47 -12.68 4.86
N LYS A 121 -8.19 -12.67 5.17
CA LYS A 121 -7.69 -12.50 6.48
C LYS A 121 -8.07 -11.12 7.03
N HIS A 122 -8.13 -10.14 6.17
CA HIS A 122 -8.49 -8.79 6.52
C HIS A 122 -9.99 -8.52 6.39
N LEU A 123 -10.67 -9.30 5.56
CA LEU A 123 -12.06 -9.12 5.29
C LEU A 123 -12.90 -9.47 6.52
N ALA A 124 -13.52 -8.47 7.08
CA ALA A 124 -14.39 -8.61 8.20
C ALA A 124 -15.48 -7.55 8.11
N MET A 11 -23.45 9.28 -1.04
CA MET A 11 -22.39 9.38 -1.99
C MET A 11 -21.31 8.40 -1.58
N ALA A 12 -20.26 8.33 -2.32
CA ALA A 12 -19.18 7.48 -1.98
C ALA A 12 -18.23 8.20 -1.05
N SER A 13 -17.29 7.49 -0.51
CA SER A 13 -16.30 8.06 0.35
C SER A 13 -15.11 8.42 -0.54
N GLU A 14 -14.00 8.81 0.03
CA GLU A 14 -12.84 9.02 -0.77
C GLU A 14 -12.18 7.65 -0.96
N GLU A 15 -12.75 6.92 -1.87
CA GLU A 15 -12.45 5.54 -2.10
C GLU A 15 -12.15 5.31 -3.55
N GLY A 16 -11.72 4.11 -3.87
CA GLY A 16 -11.45 3.76 -5.25
C GLY A 16 -10.21 4.42 -5.78
N GLN A 17 -9.41 4.94 -4.88
CA GLN A 17 -8.21 5.62 -5.25
C GLN A 17 -7.09 5.26 -4.34
N VAL A 18 -5.93 5.27 -4.89
CA VAL A 18 -4.73 4.92 -4.19
C VAL A 18 -3.80 6.13 -4.17
N ILE A 19 -3.24 6.44 -3.01
CA ILE A 19 -2.37 7.57 -2.91
C ILE A 19 -0.99 7.16 -3.39
N ALA A 20 -0.55 7.74 -4.47
CA ALA A 20 0.75 7.42 -5.00
C ALA A 20 1.73 8.44 -4.52
N CYS A 21 2.58 8.05 -3.62
CA CYS A 21 3.54 8.95 -3.10
C CYS A 21 4.78 8.90 -3.96
N HIS A 22 5.10 10.01 -4.52
CA HIS A 22 6.33 10.14 -5.27
C HIS A 22 7.25 11.06 -4.54
N THR A 23 6.87 11.35 -3.30
CA THR A 23 7.62 12.22 -2.44
C THR A 23 7.59 11.67 -1.03
N VAL A 24 8.59 12.01 -0.25
CA VAL A 24 8.66 11.58 1.12
C VAL A 24 7.65 12.39 1.93
N GLU A 25 7.38 13.58 1.43
CA GLU A 25 6.43 14.48 2.00
C GLU A 25 5.04 13.85 2.09
N THR A 26 4.55 13.30 0.97
CA THR A 26 3.24 12.67 0.95
C THR A 26 3.28 11.38 1.77
N TRP A 27 4.40 10.68 1.70
CA TRP A 27 4.63 9.46 2.46
C TRP A 27 4.47 9.72 3.96
N ASN A 28 5.20 10.70 4.46
CA ASN A 28 5.19 11.07 5.86
C ASN A 28 3.78 11.57 6.25
N GLU A 29 3.21 12.37 5.36
CA GLU A 29 1.89 12.97 5.52
C GLU A 29 0.82 11.91 5.74
N GLN A 30 0.81 10.89 4.90
CA GLN A 30 -0.17 9.87 4.96
C GLN A 30 -0.03 8.97 6.17
N LEU A 31 1.19 8.60 6.51
CA LEU A 31 1.43 7.73 7.60
C LEU A 31 1.10 8.37 8.91
N GLN A 32 1.53 9.60 9.09
CA GLN A 32 1.23 10.32 10.30
C GLN A 32 -0.29 10.48 10.42
N LYS A 33 -0.94 10.73 9.29
CA LYS A 33 -2.39 10.87 9.22
C LYS A 33 -3.07 9.58 9.68
N ALA A 34 -2.56 8.45 9.18
CA ALA A 34 -3.14 7.15 9.49
C ALA A 34 -2.86 6.74 10.93
N ASN A 35 -1.67 7.04 11.39
CA ASN A 35 -1.25 6.66 12.76
C ASN A 35 -2.07 7.42 13.77
N GLU A 36 -2.10 8.72 13.57
CA GLU A 36 -2.79 9.67 14.44
C GLU A 36 -4.29 9.37 14.56
N SER A 37 -4.91 9.07 13.46
CA SER A 37 -6.33 8.85 13.42
C SER A 37 -6.69 7.38 13.55
N LYS A 38 -5.68 6.55 13.84
CA LYS A 38 -5.86 5.11 13.91
C LYS A 38 -6.56 4.56 12.68
N THR A 39 -6.07 4.94 11.56
CA THR A 39 -6.62 4.51 10.35
C THR A 39 -5.72 3.41 9.79
N LEU A 40 -6.32 2.45 9.20
CA LEU A 40 -5.61 1.33 8.68
C LEU A 40 -5.00 1.74 7.32
N VAL A 41 -3.73 1.42 7.14
CA VAL A 41 -3.01 1.82 5.97
C VAL A 41 -2.33 0.61 5.28
N VAL A 42 -2.48 0.53 3.99
CA VAL A 42 -1.88 -0.52 3.20
C VAL A 42 -0.97 0.10 2.15
N VAL A 43 0.26 -0.29 2.15
CA VAL A 43 1.23 0.28 1.23
C VAL A 43 1.75 -0.78 0.27
N ASP A 44 1.79 -0.43 -0.99
CA ASP A 44 2.33 -1.26 -2.04
C ASP A 44 3.65 -0.65 -2.50
N PHE A 45 4.72 -1.37 -2.34
CA PHE A 45 6.00 -0.94 -2.79
C PHE A 45 6.29 -1.60 -4.12
N THR A 46 6.45 -0.81 -5.13
CA THR A 46 6.56 -1.32 -6.48
C THR A 46 7.82 -0.79 -7.17
N ALA A 47 8.15 -1.41 -8.28
CA ALA A 47 9.27 -1.03 -9.11
C ALA A 47 8.74 -0.70 -10.49
N SER A 48 9.42 0.17 -11.18
CA SER A 48 9.00 0.63 -12.48
C SER A 48 9.14 -0.44 -13.57
N TRP A 49 10.08 -1.34 -13.40
CA TRP A 49 10.38 -2.34 -14.43
C TRP A 49 9.69 -3.69 -14.24
N CYS A 50 8.91 -3.86 -13.20
CA CYS A 50 8.23 -5.13 -13.01
C CYS A 50 6.75 -5.06 -13.39
N GLY A 51 6.36 -5.93 -14.30
CA GLY A 51 5.01 -5.96 -14.87
C GLY A 51 3.91 -6.17 -13.85
N PRO A 52 3.90 -7.34 -13.13
CA PRO A 52 2.88 -7.64 -12.12
C PRO A 52 2.74 -6.55 -11.06
N CYS A 53 3.85 -5.87 -10.77
CA CYS A 53 3.86 -4.79 -9.79
C CYS A 53 2.92 -3.67 -10.24
N ARG A 54 3.00 -3.30 -11.50
CA ARG A 54 2.15 -2.26 -12.00
C ARG A 54 0.75 -2.81 -12.31
N PHE A 55 0.70 -4.07 -12.75
CA PHE A 55 -0.56 -4.71 -13.11
C PHE A 55 -1.44 -4.97 -11.87
N ILE A 56 -0.83 -4.98 -10.70
CA ILE A 56 -1.59 -5.25 -9.50
C ILE A 56 -2.20 -3.93 -9.00
N ALA A 57 -1.75 -2.80 -9.57
CA ALA A 57 -2.22 -1.47 -9.18
C ALA A 57 -3.74 -1.28 -9.38
N PRO A 58 -4.32 -1.59 -10.59
CA PRO A 58 -5.77 -1.46 -10.80
C PRO A 58 -6.58 -2.34 -9.83
N PHE A 59 -5.99 -3.48 -9.48
CA PHE A 59 -6.62 -4.41 -8.56
C PHE A 59 -6.52 -3.85 -7.13
N PHE A 60 -5.40 -3.23 -6.84
CA PHE A 60 -5.12 -2.60 -5.57
C PHE A 60 -6.05 -1.37 -5.40
N ALA A 61 -6.35 -0.72 -6.52
CA ALA A 61 -7.28 0.40 -6.55
C ALA A 61 -8.71 -0.10 -6.32
N ASP A 62 -8.98 -1.31 -6.78
CA ASP A 62 -10.28 -1.95 -6.58
C ASP A 62 -10.42 -2.34 -5.13
N LEU A 63 -9.30 -2.68 -4.56
CA LEU A 63 -9.19 -2.97 -3.14
C LEU A 63 -9.56 -1.67 -2.34
N ALA A 64 -9.08 -0.53 -2.83
CA ALA A 64 -9.41 0.80 -2.24
C ALA A 64 -10.90 1.10 -2.41
N LYS A 65 -11.44 0.59 -3.47
CA LYS A 65 -12.86 0.65 -3.78
C LYS A 65 -13.66 -0.27 -2.82
N LYS A 66 -13.01 -1.29 -2.33
CA LYS A 66 -13.65 -2.25 -1.44
C LYS A 66 -13.61 -1.68 -0.01
N LEU A 67 -12.49 -1.07 0.35
CA LEU A 67 -12.34 -0.47 1.65
C LEU A 67 -12.22 1.05 1.54
N PRO A 68 -13.34 1.75 1.74
CA PRO A 68 -13.43 3.20 1.53
C PRO A 68 -12.53 4.04 2.44
N ASN A 69 -12.55 3.77 3.74
CA ASN A 69 -11.82 4.58 4.70
C ASN A 69 -10.43 4.05 4.99
N VAL A 70 -9.99 3.11 4.22
CA VAL A 70 -8.68 2.55 4.39
C VAL A 70 -7.74 3.20 3.38
N LEU A 71 -6.58 3.60 3.83
CA LEU A 71 -5.64 4.26 2.97
C LEU A 71 -4.75 3.27 2.28
N PHE A 72 -4.78 3.31 0.98
CA PHE A 72 -3.92 2.50 0.18
C PHE A 72 -2.96 3.39 -0.54
N LEU A 73 -1.73 3.03 -0.50
CA LEU A 73 -0.69 3.82 -1.09
C LEU A 73 0.13 3.02 -2.05
N LYS A 74 0.44 3.61 -3.16
CA LYS A 74 1.26 3.00 -4.17
C LYS A 74 2.58 3.74 -4.13
N VAL A 75 3.62 3.06 -3.76
CA VAL A 75 4.89 3.70 -3.60
C VAL A 75 5.91 3.03 -4.46
N ASP A 76 6.43 3.79 -5.38
CA ASP A 76 7.47 3.33 -6.24
C ASP A 76 8.77 3.47 -5.48
N THR A 77 9.47 2.39 -5.32
CA THR A 77 10.68 2.35 -4.52
C THR A 77 11.86 3.05 -5.19
N ASP A 78 11.74 3.42 -6.45
CA ASP A 78 12.84 4.15 -7.09
C ASP A 78 12.76 5.58 -6.65
N GLU A 79 11.54 6.05 -6.53
CA GLU A 79 11.23 7.37 -6.09
C GLU A 79 11.78 7.58 -4.68
N LEU A 80 11.23 6.82 -3.75
CA LEU A 80 11.64 6.85 -2.38
C LEU A 80 12.65 5.72 -2.14
N LYS A 81 13.74 5.75 -2.88
CA LYS A 81 14.73 4.66 -2.89
C LYS A 81 15.31 4.46 -1.48
N SER A 82 15.77 5.51 -0.85
CA SER A 82 16.39 5.38 0.45
C SER A 82 15.34 5.22 1.55
N VAL A 83 14.21 5.88 1.39
CA VAL A 83 13.16 5.81 2.39
C VAL A 83 12.54 4.41 2.45
N ALA A 84 12.30 3.82 1.28
CA ALA A 84 11.74 2.47 1.22
C ALA A 84 12.71 1.48 1.84
N SER A 85 13.99 1.62 1.56
CA SER A 85 15.00 0.76 2.12
C SER A 85 15.10 0.89 3.65
N ASP A 86 14.79 2.08 4.18
CA ASP A 86 14.76 2.30 5.64
C ASP A 86 13.65 1.45 6.27
N TRP A 87 12.65 1.13 5.48
CA TRP A 87 11.55 0.28 5.87
C TRP A 87 11.83 -1.18 5.53
N ALA A 88 13.10 -1.43 5.15
CA ALA A 88 13.63 -2.75 4.78
C ALA A 88 13.10 -3.20 3.42
N ILE A 89 12.62 -2.26 2.64
CA ILE A 89 12.09 -2.57 1.34
C ILE A 89 13.18 -2.61 0.29
N GLN A 90 13.37 -3.76 -0.26
CA GLN A 90 14.30 -4.00 -1.33
C GLN A 90 13.76 -5.14 -2.22
N ALA A 91 12.98 -6.02 -1.60
CA ALA A 91 12.31 -7.07 -2.30
C ALA A 91 11.01 -6.50 -2.87
N MET A 92 10.87 -6.55 -4.17
CA MET A 92 9.75 -5.92 -4.83
C MET A 92 8.96 -6.96 -5.57
N PRO A 93 7.63 -6.86 -5.56
CA PRO A 93 6.90 -5.83 -4.85
C PRO A 93 6.54 -6.27 -3.42
N THR A 94 6.37 -5.32 -2.55
CA THR A 94 5.98 -5.59 -1.20
C THR A 94 4.64 -4.96 -0.89
N PHE A 95 3.75 -5.76 -0.37
CA PHE A 95 2.51 -5.31 0.08
C PHE A 95 2.61 -5.30 1.58
N MET A 96 2.43 -4.18 2.16
CA MET A 96 2.56 -4.06 3.56
C MET A 96 1.27 -3.55 4.14
N PHE A 97 0.74 -4.31 5.03
CA PHE A 97 -0.49 -4.04 5.62
C PHE A 97 -0.29 -3.66 7.06
N LEU A 98 -0.66 -2.47 7.40
CA LEU A 98 -0.57 -2.05 8.76
C LEU A 98 -1.96 -1.71 9.22
N LYS A 99 -2.13 -1.61 10.49
CA LYS A 99 -3.39 -1.23 11.05
C LYS A 99 -3.18 -0.20 12.08
N GLU A 100 -3.76 0.96 11.80
CA GLU A 100 -3.73 2.10 12.68
C GLU A 100 -2.29 2.58 12.94
N GLY A 101 -1.40 2.30 11.97
CA GLY A 101 0.00 2.68 12.07
C GLY A 101 0.89 1.58 12.65
N LYS A 102 0.28 0.47 13.05
CA LYS A 102 1.03 -0.66 13.59
C LYS A 102 1.01 -1.79 12.54
N ILE A 103 2.17 -2.38 12.27
CA ILE A 103 2.34 -3.43 11.24
C ILE A 103 1.55 -4.70 11.56
N LEU A 104 0.72 -5.14 10.64
CA LEU A 104 0.00 -6.36 10.81
C LEU A 104 0.67 -7.48 10.05
N ASP A 105 0.95 -7.23 8.79
CA ASP A 105 1.47 -8.23 7.92
C ASP A 105 2.16 -7.65 6.75
N LYS A 106 3.02 -8.43 6.20
CA LYS A 106 3.89 -8.02 5.17
C LYS A 106 3.99 -9.16 4.16
N VAL A 107 3.74 -8.87 2.90
CA VAL A 107 3.73 -9.87 1.84
C VAL A 107 4.61 -9.41 0.68
N VAL A 108 5.42 -10.31 0.16
CA VAL A 108 6.29 -9.99 -0.97
C VAL A 108 5.94 -10.85 -2.16
N GLY A 109 5.80 -10.22 -3.32
CA GLY A 109 5.45 -10.95 -4.52
C GLY A 109 4.01 -10.73 -4.91
N ALA A 110 3.77 -10.23 -6.10
CA ALA A 110 2.42 -9.94 -6.51
C ALA A 110 1.83 -11.09 -7.28
N LYS A 111 0.93 -11.76 -6.62
CA LYS A 111 0.09 -12.73 -7.19
C LYS A 111 -1.31 -12.36 -6.81
N LYS A 112 -2.25 -12.48 -7.72
CA LYS A 112 -3.60 -12.09 -7.41
C LYS A 112 -4.14 -12.94 -6.26
N ASP A 113 -3.88 -14.24 -6.33
CA ASP A 113 -4.34 -15.20 -5.31
C ASP A 113 -3.75 -14.88 -3.95
N GLU A 114 -2.48 -14.50 -3.95
CA GLU A 114 -1.75 -14.19 -2.73
C GLU A 114 -2.33 -12.95 -2.09
N LEU A 115 -2.64 -11.96 -2.89
CA LEU A 115 -3.22 -10.75 -2.39
C LEU A 115 -4.59 -11.05 -1.86
N GLN A 116 -5.35 -11.78 -2.65
CA GLN A 116 -6.69 -12.28 -2.26
C GLN A 116 -6.63 -13.05 -0.94
N SER A 117 -5.58 -13.80 -0.75
CA SER A 117 -5.41 -14.57 0.45
C SER A 117 -5.18 -13.64 1.63
N THR A 118 -4.39 -12.61 1.39
CA THR A 118 -4.10 -11.64 2.40
C THR A 118 -5.36 -10.79 2.69
N ILE A 119 -6.18 -10.59 1.67
CA ILE A 119 -7.43 -9.86 1.84
C ILE A 119 -8.37 -10.66 2.75
N ALA A 120 -8.53 -11.96 2.48
CA ALA A 120 -9.39 -12.82 3.31
C ALA A 120 -8.87 -12.91 4.73
N LYS A 121 -7.55 -12.87 4.84
CA LYS A 121 -6.85 -12.86 6.12
C LYS A 121 -7.31 -11.67 6.95
N HIS A 122 -7.46 -10.56 6.27
CA HIS A 122 -7.88 -9.32 6.88
C HIS A 122 -9.40 -9.18 7.03
N LEU A 123 -10.17 -10.02 6.37
CA LEU A 123 -11.58 -9.96 6.44
C LEU A 123 -12.09 -10.44 7.79
N ALA A 124 -12.30 -9.52 8.68
CA ALA A 124 -12.79 -9.78 9.99
C ALA A 124 -13.66 -8.62 10.43
#